data_6BYL
#
_entry.id   6BYL
#
_cell.length_a   121.200
_cell.length_b   121.200
_cell.length_c   310.900
_cell.angle_alpha   90.00
_cell.angle_beta   90.00
_cell.angle_gamma   90.00
#
_symmetry.space_group_name_H-M   'P 41 21 2'
#
loop_
_entity.id
_entity.type
_entity.pdbx_description
1 polymer '14-3-3 protein gamma'
2 polymer 'TSASTTVPVTTATTTTTSTW O-GlcNac peptide'
3 non-polymer 2-acetamido-2-deoxy-beta-D-glucopyranose
#
loop_
_entity_poly.entity_id
_entity_poly.type
_entity_poly.pdbx_seq_one_letter_code
_entity_poly.pdbx_strand_id
1 'polypeptide(L)'
;VDREQLVQKARLAEQAERYDDMAAAMKNVTELNEPLSNEERNLLSVAYKNVVGARRSSWRVISSIEQKTSADGNEKKIEM
VRAYREKIEKELEAVCQDVLSLLDNYLIKNCSETQYESKVFYLKMKGDYYRYLAEVATGEKRATVVESSEKAYSEAHEIS
KEHMQPTHPIRLGLALNYSVFYYEIQNAPEQACHLAKTAFDDAIAELDTLNEDSYKDSTLIMQLLRDNLTLWTSDQQDDD
;
A,B,C,D,E,F
2 'polypeptide(L)' TSASTTVPVTTATTTTTSTW G,P,T
#
# COMPACT_ATOMS: atom_id res chain seq x y z
N VAL A 1 -29.09 9.97 29.57
CA VAL A 1 -28.76 11.30 29.08
C VAL A 1 -30.03 12.01 28.59
N ASP A 2 -30.03 13.33 28.68
CA ASP A 2 -31.19 14.11 28.23
C ASP A 2 -31.40 13.97 26.72
N ARG A 3 -32.67 13.99 26.31
CA ARG A 3 -33.02 13.86 24.90
C ARG A 3 -32.39 14.97 24.06
N GLU A 4 -32.11 16.11 24.68
CA GLU A 4 -31.54 17.24 23.97
C GLU A 4 -30.04 17.08 23.78
N GLN A 5 -29.40 16.35 24.69
CA GLN A 5 -27.98 16.04 24.56
C GLN A 5 -27.75 15.06 23.42
N LEU A 6 -28.74 14.18 23.21
CA LEU A 6 -28.68 13.21 22.12
C LEU A 6 -28.58 13.90 20.77
N VAL A 7 -29.59 14.71 20.46
CA VAL A 7 -29.65 15.41 19.17
C VAL A 7 -28.43 16.30 18.97
N GLN A 8 -27.88 16.80 20.07
CA GLN A 8 -26.69 17.63 20.02
C GLN A 8 -25.46 16.80 19.67
N LYS A 9 -25.44 15.55 20.08
CA LYS A 9 -24.36 14.63 19.69
C LYS A 9 -24.52 14.29 18.22
N ALA A 10 -25.77 14.29 17.76
CA ALA A 10 -26.08 14.02 16.36
C ALA A 10 -25.56 15.15 15.48
N ARG A 11 -25.87 16.38 15.87
CA ARG A 11 -25.34 17.56 15.18
C ARG A 11 -23.83 17.53 15.19
N LEU A 12 -23.27 17.22 16.35
CA LEU A 12 -21.82 17.24 16.55
C LEU A 12 -21.15 16.16 15.70
N ALA A 13 -21.66 14.93 15.78
CA ALA A 13 -21.11 13.82 15.02
C ALA A 13 -21.14 14.10 13.52
N GLU A 14 -22.18 14.77 13.06
CA GLU A 14 -22.31 15.14 11.65
C GLU A 14 -21.16 16.05 11.22
N GLN A 15 -20.82 17.01 12.07
CA GLN A 15 -19.76 17.95 11.78
C GLN A 15 -18.39 17.28 11.86
N ALA A 16 -18.28 16.28 12.72
CA ALA A 16 -17.04 15.51 12.87
C ALA A 16 -16.99 14.39 11.83
N GLU A 17 -18.04 14.31 11.03
CA GLU A 17 -18.15 13.28 9.98
C GLU A 17 -18.11 11.87 10.53
N ARG A 18 -18.57 11.70 11.77
CA ARG A 18 -18.66 10.38 12.38
C ARG A 18 -20.11 9.91 12.31
N TYR A 19 -20.50 9.36 11.16
CA TYR A 19 -21.90 9.08 10.89
C TYR A 19 -22.41 7.81 11.56
N ASP A 20 -21.50 6.94 11.96
CA ASP A 20 -21.87 5.75 12.72
C ASP A 20 -22.36 6.14 14.10
N ASP A 21 -21.77 7.21 14.64
CA ASP A 21 -22.16 7.74 15.94
C ASP A 21 -23.38 8.62 15.83
N MET A 22 -23.51 9.30 14.70
CA MET A 22 -24.67 10.15 14.42
C MET A 22 -25.92 9.30 14.26
N ALA A 23 -25.77 8.18 13.54
CA ALA A 23 -26.89 7.29 13.30
C ALA A 23 -27.26 6.54 14.57
N ALA A 24 -26.33 6.49 15.51
CA ALA A 24 -26.58 5.83 16.78
C ALA A 24 -27.35 6.74 17.72
N ALA A 25 -26.97 8.02 17.75
CA ALA A 25 -27.65 9.00 18.57
C ALA A 25 -29.11 9.15 18.15
N MET A 26 -29.33 9.33 16.86
CA MET A 26 -30.68 9.51 16.32
C MET A 26 -31.52 8.25 16.52
N LYS A 27 -30.87 7.10 16.64
CA LYS A 27 -31.58 5.85 16.90
C LYS A 27 -32.13 5.85 18.32
N ASN A 28 -31.31 6.31 19.27
CA ASN A 28 -31.75 6.45 20.66
C ASN A 28 -32.90 7.45 20.77
N VAL A 29 -32.79 8.55 20.05
CA VAL A 29 -33.85 9.55 19.99
C VAL A 29 -35.15 8.93 19.49
N THR A 30 -35.06 8.22 18.38
CA THR A 30 -36.22 7.59 17.75
C THR A 30 -36.91 6.62 18.69
N GLU A 31 -36.12 5.88 19.46
CA GLU A 31 -36.65 4.86 20.35
C GLU A 31 -37.38 5.47 21.56
N LEU A 32 -37.25 6.78 21.73
CA LEU A 32 -37.93 7.48 22.81
C LEU A 32 -39.43 7.60 22.53
N ASN A 33 -39.82 7.19 21.33
CA ASN A 33 -41.23 7.12 20.94
C ASN A 33 -41.89 8.49 20.81
N GLU A 34 -41.10 9.55 20.87
CA GLU A 34 -41.60 10.89 20.60
C GLU A 34 -41.47 11.20 19.11
N PRO A 35 -42.47 11.88 18.52
CA PRO A 35 -42.40 12.29 17.12
C PRO A 35 -41.15 13.13 16.85
N LEU A 36 -40.54 12.95 15.70
CA LEU A 36 -39.32 13.68 15.37
C LEU A 36 -39.63 15.04 14.76
N SER A 37 -38.81 16.03 15.07
CA SER A 37 -38.97 17.36 14.49
C SER A 37 -38.45 17.37 13.06
N ASN A 38 -38.53 18.51 12.40
CA ASN A 38 -38.06 18.65 11.03
C ASN A 38 -36.55 18.50 10.92
N GLU A 39 -35.83 19.00 11.93
CA GLU A 39 -34.37 18.88 11.96
C GLU A 39 -33.97 17.46 12.33
N GLU A 40 -34.76 16.84 13.21
CA GLU A 40 -34.48 15.49 13.68
C GLU A 40 -34.71 14.44 12.59
N ARG A 41 -35.71 14.68 11.74
CA ARG A 41 -35.91 13.84 10.56
C ARG A 41 -34.71 13.97 9.62
N ASN A 42 -34.17 15.19 9.50
CA ASN A 42 -33.02 15.44 8.65
C ASN A 42 -31.77 14.73 9.16
N LEU A 43 -31.52 14.85 10.45
CA LEU A 43 -30.36 14.23 11.08
C LEU A 43 -30.36 12.71 10.95
N LEU A 44 -31.53 12.11 11.12
CA LEU A 44 -31.68 10.66 10.99
C LEU A 44 -31.41 10.20 9.56
N SER A 45 -32.07 10.85 8.61
CA SER A 45 -31.98 10.48 7.20
C SER A 45 -30.56 10.60 6.68
N VAL A 46 -29.84 11.64 7.13
CA VAL A 46 -28.47 11.87 6.68
C VAL A 46 -27.50 10.88 7.32
N ALA A 47 -27.67 10.64 8.61
CA ALA A 47 -26.78 9.77 9.36
C ALA A 47 -26.71 8.37 8.75
N TYR A 48 -27.88 7.77 8.51
CA TYR A 48 -27.96 6.43 7.96
C TYR A 48 -27.63 6.40 6.47
N LYS A 49 -27.95 7.47 5.77
CA LYS A 49 -27.60 7.58 4.35
C LYS A 49 -26.09 7.50 4.18
N ASN A 50 -25.36 8.19 5.05
CA ASN A 50 -23.91 8.17 5.01
C ASN A 50 -23.34 6.81 5.40
N VAL A 51 -23.93 6.18 6.41
CA VAL A 51 -23.50 4.85 6.83
C VAL A 51 -23.69 3.85 5.71
N VAL A 52 -24.93 3.67 5.27
CA VAL A 52 -25.23 2.70 4.22
C VAL A 52 -24.57 3.12 2.90
N GLY A 53 -24.43 4.43 2.70
CA GLY A 53 -23.86 4.95 1.47
C GLY A 53 -22.41 4.53 1.25
N ALA A 54 -21.67 4.44 2.35
CA ALA A 54 -20.28 4.03 2.31
C ALA A 54 -20.14 2.58 1.85
N ARG A 55 -20.98 1.72 2.40
CA ARG A 55 -20.98 0.31 2.01
C ARG A 55 -21.32 0.14 0.54
N ARG A 56 -22.29 0.92 0.07
CA ARG A 56 -22.69 0.88 -1.33
C ARG A 56 -21.52 1.29 -2.23
N SER A 57 -20.84 2.36 -1.85
CA SER A 57 -19.72 2.88 -2.62
C SER A 57 -18.60 1.85 -2.70
N SER A 58 -18.36 1.17 -1.58
CA SER A 58 -17.34 0.12 -1.53
C SER A 58 -17.77 -1.11 -2.32
N TRP A 59 -19.01 -1.55 -2.10
CA TRP A 59 -19.55 -2.71 -2.79
C TRP A 59 -19.47 -2.56 -4.31
N ARG A 60 -19.64 -1.34 -4.79
CA ARG A 60 -19.53 -1.07 -6.22
C ARG A 60 -18.07 -1.17 -6.68
N VAL A 61 -17.15 -0.75 -5.82
CA VAL A 61 -15.73 -0.87 -6.12
C VAL A 61 -15.32 -2.34 -6.12
N ILE A 62 -15.82 -3.09 -5.16
CA ILE A 62 -15.48 -4.50 -5.03
C ILE A 62 -16.09 -5.35 -6.14
N SER A 63 -17.38 -5.13 -6.40
CA SER A 63 -18.07 -5.86 -7.46
C SER A 63 -17.48 -5.51 -8.81
N SER A 64 -16.89 -4.32 -8.90
CA SER A 64 -16.19 -3.89 -10.10
C SER A 64 -14.91 -4.70 -10.31
N ILE A 65 -14.13 -4.81 -9.24
CA ILE A 65 -12.90 -5.60 -9.27
C ILE A 65 -13.20 -7.06 -9.58
N GLU A 66 -14.38 -7.51 -9.17
CA GLU A 66 -14.78 -8.91 -9.33
C GLU A 66 -15.05 -9.25 -10.80
N GLN A 67 -15.29 -8.23 -11.61
CA GLN A 67 -15.57 -8.45 -13.03
C GLN A 67 -14.31 -8.33 -13.87
N LYS A 68 -13.41 -7.45 -13.43
CA LYS A 68 -12.15 -7.23 -14.14
C LYS A 68 -11.15 -8.35 -13.85
N THR A 69 -11.23 -8.93 -12.66
CA THR A 69 -10.28 -9.96 -12.25
C THR A 69 -10.82 -11.36 -12.53
N SER A 70 -12.10 -11.43 -12.91
CA SER A 70 -12.72 -12.71 -13.24
C SER A 70 -12.21 -13.23 -14.58
N ALA A 71 -11.67 -12.33 -15.40
CA ALA A 71 -11.16 -12.71 -16.72
C ALA A 71 -9.70 -13.17 -16.64
N ASP A 72 -9.03 -12.82 -15.54
CA ASP A 72 -7.64 -13.21 -15.35
C ASP A 72 -7.49 -14.72 -15.20
N GLY A 73 -8.27 -15.30 -14.29
CA GLY A 73 -8.30 -16.74 -14.12
C GLY A 73 -7.49 -17.23 -12.94
N ASN A 74 -7.40 -16.42 -11.89
CA ASN A 74 -6.73 -16.82 -10.67
C ASN A 74 -7.76 -17.11 -9.57
N GLU A 75 -8.01 -18.39 -9.33
CA GLU A 75 -9.09 -18.82 -8.44
C GLU A 75 -8.76 -18.58 -6.97
N LYS A 76 -7.52 -18.18 -6.69
CA LYS A 76 -7.13 -17.84 -5.34
C LYS A 76 -7.54 -16.40 -5.01
N LYS A 77 -7.63 -15.57 -6.05
CA LYS A 77 -7.99 -14.17 -5.86
C LYS A 77 -9.49 -13.95 -6.01
N ILE A 78 -10.08 -14.58 -7.03
CA ILE A 78 -11.52 -14.50 -7.27
C ILE A 78 -12.30 -14.92 -6.01
N GLU A 79 -11.72 -15.82 -5.24
CA GLU A 79 -12.34 -16.28 -4.00
C GLU A 79 -12.27 -15.22 -2.90
N MET A 80 -11.08 -14.64 -2.72
CA MET A 80 -10.86 -13.65 -1.67
C MET A 80 -11.62 -12.36 -1.94
N VAL A 81 -11.78 -12.02 -3.21
CA VAL A 81 -12.55 -10.84 -3.60
C VAL A 81 -14.04 -11.09 -3.37
N ARG A 82 -14.52 -12.21 -3.88
CA ARG A 82 -15.91 -12.62 -3.68
C ARG A 82 -16.23 -12.73 -2.20
N ALA A 83 -15.25 -13.21 -1.43
CA ALA A 83 -15.42 -13.31 0.02
C ALA A 83 -15.55 -11.93 0.64
N TYR A 84 -14.78 -10.97 0.14
CA TYR A 84 -14.82 -9.61 0.66
C TYR A 84 -16.14 -8.92 0.34
N ARG A 85 -16.58 -9.06 -0.91
CA ARG A 85 -17.84 -8.48 -1.36
C ARG A 85 -19.01 -8.93 -0.51
N GLU A 86 -18.94 -10.18 -0.05
CA GLU A 86 -19.99 -10.73 0.81
C GLU A 86 -19.92 -10.14 2.21
N LYS A 87 -18.71 -9.77 2.64
CA LYS A 87 -18.52 -9.12 3.93
C LYS A 87 -19.20 -7.76 3.94
N ILE A 88 -19.03 -7.02 2.85
CA ILE A 88 -19.61 -5.69 2.69
C ILE A 88 -21.12 -5.78 2.50
N GLU A 89 -21.57 -6.84 1.84
CA GLU A 89 -23.00 -7.05 1.64
C GLU A 89 -23.71 -7.27 2.97
N LYS A 90 -23.08 -8.03 3.86
CA LYS A 90 -23.67 -8.29 5.18
C LYS A 90 -23.77 -7.01 5.99
N GLU A 91 -22.69 -6.23 6.00
CA GLU A 91 -22.68 -4.96 6.73
C GLU A 91 -23.80 -4.06 6.25
N LEU A 92 -23.90 -3.92 4.93
CA LEU A 92 -24.93 -3.09 4.32
C LEU A 92 -26.33 -3.57 4.69
N GLU A 93 -26.58 -4.86 4.50
CA GLU A 93 -27.87 -5.45 4.83
C GLU A 93 -28.25 -5.22 6.29
N ALA A 94 -27.25 -5.27 7.16
CA ALA A 94 -27.46 -5.07 8.59
C ALA A 94 -28.03 -3.68 8.90
N VAL A 95 -27.45 -2.66 8.27
CA VAL A 95 -27.90 -1.29 8.45
C VAL A 95 -29.33 -1.09 7.96
N CYS A 96 -29.62 -1.61 6.78
CA CYS A 96 -30.94 -1.49 6.17
C CYS A 96 -32.04 -2.07 7.08
N GLN A 97 -31.82 -3.29 7.58
CA GLN A 97 -32.78 -3.92 8.50
C GLN A 97 -32.94 -3.10 9.78
N ASP A 98 -31.90 -2.35 10.11
CA ASP A 98 -31.90 -1.55 11.33
C ASP A 98 -32.80 -0.33 11.20
N VAL A 99 -32.64 0.41 10.09
CA VAL A 99 -33.45 1.59 9.84
C VAL A 99 -34.90 1.20 9.62
N LEU A 100 -35.10 0.16 8.82
CA LEU A 100 -36.44 -0.32 8.50
C LEU A 100 -37.18 -0.77 9.77
N SER A 101 -36.42 -1.16 10.79
CA SER A 101 -36.99 -1.48 12.09
C SER A 101 -37.48 -0.20 12.77
N LEU A 102 -36.64 0.83 12.75
CA LEU A 102 -37.00 2.13 13.32
C LEU A 102 -38.23 2.71 12.63
N LEU A 103 -38.31 2.55 11.32
CA LEU A 103 -39.41 3.08 10.53
C LEU A 103 -40.73 2.40 10.86
N ASP A 104 -40.75 1.08 10.78
CA ASP A 104 -41.99 0.32 10.93
C ASP A 104 -42.44 0.18 12.39
N ASN A 105 -41.50 0.27 13.32
CA ASN A 105 -41.84 0.04 14.72
C ASN A 105 -42.09 1.33 15.51
N TYR A 106 -41.45 2.42 15.11
CA TYR A 106 -41.56 3.67 15.86
C TYR A 106 -42.12 4.82 15.05
N LEU A 107 -41.49 5.11 13.91
CA LEU A 107 -41.81 6.28 13.13
C LEU A 107 -43.16 6.20 12.44
N ILE A 108 -43.25 5.36 11.40
CA ILE A 108 -44.45 5.23 10.60
C ILE A 108 -45.68 4.88 11.45
N LYS A 109 -45.44 4.15 12.55
CA LYS A 109 -46.54 3.70 13.39
C LYS A 109 -47.25 4.84 14.11
N ASN A 110 -46.48 5.70 14.77
CA ASN A 110 -47.05 6.80 15.54
C ASN A 110 -47.41 8.02 14.72
N CYS A 111 -47.67 7.82 13.43
CA CYS A 111 -48.08 8.92 12.56
C CYS A 111 -49.59 8.98 12.41
N SER A 112 -50.19 10.04 12.96
CA SER A 112 -51.63 10.23 12.86
C SER A 112 -52.03 10.52 11.42
N GLU A 113 -53.34 10.51 11.16
CA GLU A 113 -53.85 10.65 9.80
C GLU A 113 -53.83 12.10 9.31
N THR A 114 -53.20 12.98 10.07
CA THR A 114 -53.06 14.37 9.66
C THR A 114 -51.58 14.80 9.64
N GLN A 115 -50.70 13.80 9.65
CA GLN A 115 -49.27 14.05 9.54
C GLN A 115 -48.76 13.56 8.19
N TYR A 116 -49.42 14.02 7.13
CA TYR A 116 -49.11 13.57 5.77
C TYR A 116 -47.65 13.81 5.45
N GLU A 117 -47.14 14.99 5.80
CA GLU A 117 -45.76 15.36 5.48
C GLU A 117 -44.76 14.36 6.07
N SER A 118 -44.93 14.03 7.33
CA SER A 118 -44.01 13.10 8.00
C SER A 118 -44.10 11.69 7.42
N LYS A 119 -45.32 11.22 7.20
CA LYS A 119 -45.54 9.86 6.74
C LYS A 119 -44.98 9.64 5.33
N VAL A 120 -45.18 10.63 4.45
CA VAL A 120 -44.67 10.57 3.10
C VAL A 120 -43.15 10.48 3.10
N PHE A 121 -42.52 11.13 4.07
CA PHE A 121 -41.06 11.12 4.16
C PHE A 121 -40.54 9.79 4.67
N TYR A 122 -41.10 9.31 5.77
CA TYR A 122 -40.69 8.04 6.36
C TYR A 122 -40.88 6.88 5.38
N LEU A 123 -41.95 6.94 4.59
CA LEU A 123 -42.23 5.90 3.61
C LEU A 123 -41.23 5.92 2.46
N LYS A 124 -40.98 7.11 1.93
CA LYS A 124 -39.97 7.29 0.90
C LYS A 124 -38.62 6.75 1.36
N MET A 125 -38.31 7.00 2.63
CA MET A 125 -37.08 6.50 3.24
C MET A 125 -37.10 4.97 3.29
N LYS A 126 -38.23 4.42 3.70
CA LYS A 126 -38.41 2.96 3.77
C LYS A 126 -38.21 2.32 2.41
N GLY A 127 -38.72 2.95 1.37
CA GLY A 127 -38.58 2.45 0.01
C GLY A 127 -37.14 2.53 -0.46
N ASP A 128 -36.42 3.54 0.03
CA ASP A 128 -35.04 3.76 -0.35
C ASP A 128 -34.13 2.62 0.10
N TYR A 129 -34.29 2.20 1.35
CA TYR A 129 -33.42 1.20 1.94
C TYR A 129 -33.77 -0.22 1.48
N TYR A 130 -35.02 -0.42 1.08
CA TYR A 130 -35.41 -1.69 0.46
C TYR A 130 -34.83 -1.78 -0.95
N ARG A 131 -34.57 -0.62 -1.54
CA ARG A 131 -33.95 -0.56 -2.87
C ARG A 131 -32.45 -0.83 -2.77
N TYR A 132 -31.85 -0.37 -1.67
CA TYR A 132 -30.44 -0.65 -1.41
C TYR A 132 -30.22 -2.14 -1.31
N LEU A 133 -31.14 -2.84 -0.65
CA LEU A 133 -31.09 -4.29 -0.53
C LEU A 133 -31.23 -4.96 -1.89
N ALA A 134 -32.07 -4.38 -2.74
CA ALA A 134 -32.32 -4.89 -4.08
C ALA A 134 -31.08 -4.77 -4.97
N GLU A 135 -30.19 -3.86 -4.60
CA GLU A 135 -28.98 -3.64 -5.38
C GLU A 135 -27.96 -4.75 -5.16
N VAL A 136 -28.14 -5.52 -4.08
CA VAL A 136 -27.19 -6.57 -3.73
C VAL A 136 -27.86 -7.93 -3.60
N ALA A 137 -29.16 -7.96 -3.84
CA ALA A 137 -29.93 -9.20 -3.77
C ALA A 137 -30.14 -9.79 -5.16
N THR A 138 -30.44 -11.07 -5.22
CA THR A 138 -30.72 -11.75 -6.48
C THR A 138 -31.83 -12.78 -6.29
N GLY A 139 -32.41 -13.24 -7.40
CA GLY A 139 -33.45 -14.24 -7.36
C GLY A 139 -34.65 -13.84 -6.53
N GLU A 140 -35.19 -14.78 -5.76
CA GLU A 140 -36.38 -14.53 -4.96
C GLU A 140 -36.15 -13.47 -3.88
N LYS A 141 -34.92 -13.38 -3.39
CA LYS A 141 -34.60 -12.38 -2.38
C LYS A 141 -34.71 -10.98 -2.98
N ARG A 142 -34.15 -10.81 -4.17
CA ARG A 142 -34.22 -9.55 -4.88
C ARG A 142 -35.66 -9.22 -5.26
N ALA A 143 -36.44 -10.24 -5.59
CA ALA A 143 -37.83 -10.04 -5.97
C ALA A 143 -38.68 -9.52 -4.82
N THR A 144 -38.39 -10.02 -3.61
CA THR A 144 -39.18 -9.66 -2.43
C THR A 144 -38.93 -8.22 -1.98
N VAL A 145 -37.66 -7.80 -2.02
CA VAL A 145 -37.31 -6.46 -1.57
C VAL A 145 -37.79 -5.40 -2.55
N VAL A 146 -37.70 -5.70 -3.85
CA VAL A 146 -38.18 -4.81 -4.89
C VAL A 146 -39.67 -4.57 -4.73
N GLU A 147 -40.40 -5.64 -4.44
CA GLU A 147 -41.84 -5.56 -4.21
C GLU A 147 -42.13 -4.69 -2.98
N SER A 148 -41.26 -4.80 -1.98
CA SER A 148 -41.43 -4.04 -0.75
C SER A 148 -41.06 -2.58 -0.94
N SER A 149 -40.10 -2.32 -1.82
CA SER A 149 -39.72 -0.96 -2.15
C SER A 149 -40.82 -0.27 -2.92
N GLU A 150 -41.41 -1.01 -3.87
CA GLU A 150 -42.51 -0.50 -4.68
C GLU A 150 -43.70 -0.10 -3.81
N LYS A 151 -44.06 -0.98 -2.89
CA LYS A 151 -45.22 -0.78 -2.02
C LYS A 151 -45.04 0.46 -1.15
N ALA A 152 -43.80 0.75 -0.78
CA ALA A 152 -43.49 1.93 0.04
C ALA A 152 -43.56 3.20 -0.79
N TYR A 153 -42.90 3.20 -1.95
CA TYR A 153 -42.91 4.34 -2.85
C TYR A 153 -44.31 4.67 -3.33
N SER A 154 -45.00 3.65 -3.85
CA SER A 154 -46.34 3.82 -4.39
C SER A 154 -47.29 4.49 -3.40
N GLU A 155 -47.27 4.05 -2.15
CA GLU A 155 -48.13 4.63 -1.12
C GLU A 155 -47.73 6.06 -0.81
N ALA A 156 -46.43 6.33 -0.84
CA ALA A 156 -45.90 7.66 -0.56
C ALA A 156 -46.27 8.62 -1.68
N HIS A 157 -46.37 8.08 -2.89
CA HIS A 157 -46.69 8.89 -4.05
C HIS A 157 -48.12 9.42 -3.97
N GLU A 158 -49.04 8.58 -3.51
CA GLU A 158 -50.44 8.95 -3.41
C GLU A 158 -50.70 10.02 -2.35
N ILE A 159 -50.04 9.85 -1.20
CA ILE A 159 -50.21 10.78 -0.08
C ILE A 159 -49.58 12.14 -0.40
N SER A 160 -48.55 12.14 -1.25
CA SER A 160 -47.88 13.38 -1.63
C SER A 160 -48.71 14.12 -2.67
N LYS A 161 -49.18 13.40 -3.67
CA LYS A 161 -49.97 13.97 -4.75
C LYS A 161 -51.26 14.59 -4.25
N GLU A 162 -51.74 14.11 -3.10
CA GLU A 162 -53.05 14.49 -2.58
C GLU A 162 -52.99 15.55 -1.49
N HIS A 163 -51.89 15.58 -0.74
CA HIS A 163 -51.81 16.46 0.42
C HIS A 163 -50.60 17.40 0.39
N MET A 164 -49.91 17.47 -0.75
CA MET A 164 -48.71 18.29 -0.83
C MET A 164 -48.64 19.10 -2.12
N GLN A 165 -48.04 20.29 -2.03
CA GLN A 165 -47.83 21.13 -3.19
C GLN A 165 -46.65 20.60 -4.01
N PRO A 166 -46.82 20.53 -5.34
CA PRO A 166 -45.79 20.03 -6.26
C PRO A 166 -44.44 20.72 -6.08
N THR A 167 -44.42 21.83 -5.35
CA THR A 167 -43.18 22.54 -5.06
C THR A 167 -42.64 22.12 -3.70
N HIS A 168 -43.40 21.29 -2.99
CA HIS A 168 -42.97 20.78 -1.70
C HIS A 168 -41.72 19.94 -1.87
N PRO A 169 -40.70 20.21 -1.05
CA PRO A 169 -39.42 19.50 -1.09
C PRO A 169 -39.57 18.00 -0.86
N ILE A 170 -40.40 17.62 0.11
CA ILE A 170 -40.60 16.22 0.44
C ILE A 170 -41.22 15.46 -0.73
N ARG A 171 -42.25 16.04 -1.33
CA ARG A 171 -42.92 15.44 -2.48
C ARG A 171 -41.98 15.38 -3.67
N LEU A 172 -41.16 16.41 -3.84
CA LEU A 172 -40.20 16.45 -4.92
C LEU A 172 -39.14 15.37 -4.74
N GLY A 173 -38.63 15.26 -3.52
CA GLY A 173 -37.60 14.29 -3.20
C GLY A 173 -38.06 12.86 -3.45
N LEU A 174 -39.35 12.62 -3.21
CA LEU A 174 -39.95 11.32 -3.46
C LEU A 174 -39.97 11.00 -4.96
N ALA A 175 -40.44 11.95 -5.75
CA ALA A 175 -40.51 11.78 -7.20
C ALA A 175 -39.14 11.48 -7.78
N LEU A 176 -38.10 12.06 -7.18
CA LEU A 176 -36.73 11.82 -7.61
C LEU A 176 -36.34 10.37 -7.38
N ASN A 177 -36.13 10.01 -6.12
CA ASN A 177 -35.70 8.67 -5.74
C ASN A 177 -36.58 7.57 -6.32
N TYR A 178 -37.89 7.82 -6.35
CA TYR A 178 -38.83 6.86 -6.91
C TYR A 178 -38.54 6.65 -8.39
N SER A 179 -38.26 7.74 -9.10
CA SER A 179 -37.93 7.65 -10.51
C SER A 179 -36.62 6.91 -10.70
N VAL A 180 -35.68 7.12 -9.77
CA VAL A 180 -34.41 6.42 -9.78
C VAL A 180 -34.65 4.92 -9.64
N PHE A 181 -35.61 4.57 -8.80
CA PHE A 181 -35.98 3.18 -8.57
C PHE A 181 -36.42 2.49 -9.86
N TYR A 182 -37.28 3.17 -10.62
CA TYR A 182 -37.75 2.65 -11.90
C TYR A 182 -36.59 2.42 -12.87
N TYR A 183 -35.73 3.43 -13.03
CA TYR A 183 -34.68 3.40 -14.04
C TYR A 183 -33.58 2.38 -13.69
N GLU A 184 -33.17 2.36 -12.43
CA GLU A 184 -32.09 1.47 -12.01
C GLU A 184 -32.61 0.06 -11.70
N ILE A 185 -33.48 -0.04 -10.71
CA ILE A 185 -34.00 -1.33 -10.27
C ILE A 185 -34.96 -1.95 -11.28
N GLN A 186 -36.12 -1.35 -11.45
CA GLN A 186 -37.14 -1.85 -12.35
C GLN A 186 -36.66 -1.88 -13.80
N ASN A 187 -35.70 -1.01 -14.10
CA ASN A 187 -35.22 -0.84 -15.47
C ASN A 187 -36.36 -0.47 -16.41
N ALA A 188 -37.10 0.57 -16.04
CA ALA A 188 -38.20 1.06 -16.85
C ALA A 188 -38.04 2.56 -17.11
N PRO A 189 -37.09 2.91 -18.00
CA PRO A 189 -36.68 4.29 -18.28
C PRO A 189 -37.85 5.22 -18.65
N GLU A 190 -38.85 4.68 -19.32
CA GLU A 190 -40.02 5.48 -19.69
C GLU A 190 -40.78 5.95 -18.44
N GLN A 191 -40.95 5.05 -17.49
CA GLN A 191 -41.63 5.38 -16.24
C GLN A 191 -40.76 6.28 -15.37
N ALA A 192 -39.44 6.06 -15.43
CA ALA A 192 -38.49 6.87 -14.69
C ALA A 192 -38.44 8.29 -15.24
N CYS A 193 -38.36 8.41 -16.55
CA CYS A 193 -38.31 9.72 -17.21
C CYS A 193 -39.62 10.49 -17.05
N HIS A 194 -40.74 9.78 -17.18
CA HIS A 194 -42.04 10.41 -17.07
C HIS A 194 -42.27 11.00 -15.68
N LEU A 195 -42.09 10.18 -14.66
CA LEU A 195 -42.29 10.61 -13.29
C LEU A 195 -41.38 11.78 -12.93
N ALA A 196 -40.17 11.78 -13.48
CA ALA A 196 -39.21 12.84 -13.23
C ALA A 196 -39.62 14.12 -13.94
N LYS A 197 -40.08 13.98 -15.18
CA LYS A 197 -40.53 15.12 -15.97
C LYS A 197 -41.77 15.75 -15.34
N THR A 198 -42.76 14.91 -15.03
CA THR A 198 -44.02 15.36 -14.47
C THR A 198 -43.81 16.13 -13.16
N ALA A 199 -43.08 15.52 -12.23
CA ALA A 199 -42.81 16.14 -10.94
C ALA A 199 -42.10 17.47 -11.11
N PHE A 200 -41.38 17.60 -12.21
CA PHE A 200 -40.67 18.82 -12.52
C PHE A 200 -41.62 19.87 -13.10
N ASP A 201 -42.35 19.48 -14.15
CA ASP A 201 -43.30 20.37 -14.80
C ASP A 201 -44.33 20.91 -13.81
N ASP A 202 -44.87 20.02 -12.99
CA ASP A 202 -45.87 20.39 -12.01
C ASP A 202 -45.31 21.36 -10.97
N ALA A 203 -43.99 21.36 -10.81
CA ALA A 203 -43.34 22.28 -9.89
C ALA A 203 -43.23 23.67 -10.51
N ILE A 204 -42.88 23.70 -11.80
CA ILE A 204 -42.80 24.95 -12.54
C ILE A 204 -44.17 25.61 -12.62
N ALA A 205 -45.20 24.81 -12.85
CA ALA A 205 -46.56 25.30 -13.00
C ALA A 205 -47.02 26.06 -11.76
N GLU A 206 -46.85 25.46 -10.60
CA GLU A 206 -47.26 26.11 -9.36
C GLU A 206 -46.06 26.68 -8.60
N LEU A 207 -45.07 27.14 -9.35
CA LEU A 207 -43.81 27.61 -8.79
C LEU A 207 -43.99 28.81 -7.87
N ASP A 208 -45.16 29.43 -7.93
CA ASP A 208 -45.47 30.57 -7.07
C ASP A 208 -45.79 30.13 -5.64
N THR A 209 -45.85 28.81 -5.43
CA THR A 209 -46.22 28.26 -4.14
C THR A 209 -44.99 27.92 -3.30
N LEU A 210 -43.83 28.40 -3.72
CA LEU A 210 -42.60 28.22 -2.95
C LEU A 210 -42.60 29.08 -1.70
N ASN A 211 -42.54 28.44 -0.54
CA ASN A 211 -42.45 29.18 0.72
C ASN A 211 -41.00 29.54 1.00
N GLU A 212 -40.78 30.69 1.63
CA GLU A 212 -39.44 31.21 1.81
C GLU A 212 -38.57 30.31 2.69
N ASP A 213 -39.21 29.62 3.62
CA ASP A 213 -38.51 28.80 4.61
C ASP A 213 -37.68 27.69 3.97
N SER A 214 -38.13 27.19 2.83
CA SER A 214 -37.48 26.05 2.19
C SER A 214 -37.48 26.13 0.67
N TYR A 215 -37.40 27.34 0.12
CA TYR A 215 -37.34 27.49 -1.32
C TYR A 215 -36.02 26.90 -1.82
N LYS A 216 -34.97 27.05 -1.00
CA LYS A 216 -33.64 26.61 -1.38
C LYS A 216 -33.58 25.10 -1.54
N ASP A 217 -34.31 24.40 -0.68
CA ASP A 217 -34.36 22.94 -0.71
C ASP A 217 -35.12 22.42 -1.93
N SER A 218 -36.31 22.97 -2.14
CA SER A 218 -37.15 22.57 -3.26
C SER A 218 -36.47 22.82 -4.60
N THR A 219 -35.89 24.00 -4.74
CA THR A 219 -35.18 24.38 -5.96
C THR A 219 -34.03 23.42 -6.25
N LEU A 220 -33.40 22.92 -5.20
CA LEU A 220 -32.23 22.06 -5.34
C LEU A 220 -32.59 20.71 -5.94
N ILE A 221 -33.66 20.09 -5.42
CA ILE A 221 -34.12 18.79 -5.91
C ILE A 221 -34.51 18.86 -7.39
N MET A 222 -35.06 20.01 -7.79
CA MET A 222 -35.54 20.20 -9.15
C MET A 222 -34.42 20.11 -10.18
N GLN A 223 -33.25 20.66 -9.82
CA GLN A 223 -32.05 20.55 -10.66
C GLN A 223 -31.69 19.08 -10.85
N LEU A 224 -31.69 18.34 -9.76
CA LEU A 224 -31.35 16.92 -9.77
C LEU A 224 -32.29 16.14 -10.69
N LEU A 225 -33.58 16.47 -10.62
CA LEU A 225 -34.58 15.83 -11.47
C LEU A 225 -34.29 16.07 -12.94
N ARG A 226 -33.91 17.30 -13.29
CA ARG A 226 -33.54 17.60 -14.67
C ARG A 226 -32.20 16.97 -15.03
N ASP A 227 -31.23 17.10 -14.12
CA ASP A 227 -29.92 16.48 -14.32
C ASP A 227 -30.06 14.98 -14.50
N ASN A 228 -31.05 14.42 -13.83
CA ASN A 228 -31.40 13.01 -14.01
C ASN A 228 -31.96 12.76 -15.40
N LEU A 229 -32.99 13.54 -15.76
CA LEU A 229 -33.64 13.41 -17.06
C LEU A 229 -32.65 13.60 -18.20
N THR A 230 -31.68 14.49 -18.01
CA THR A 230 -30.63 14.71 -18.99
C THR A 230 -29.76 13.46 -19.10
N LEU A 231 -29.31 12.96 -17.96
CA LEU A 231 -28.44 11.79 -17.91
C LEU A 231 -29.11 10.53 -18.44
N TRP A 232 -30.40 10.37 -18.14
CA TRP A 232 -31.15 9.21 -18.57
C TRP A 232 -31.37 9.19 -20.09
N THR A 233 -31.88 10.31 -20.60
CA THR A 233 -32.19 10.42 -22.03
C THR A 233 -30.95 10.31 -22.89
N SER A 234 -29.78 10.44 -22.27
CA SER A 234 -28.51 10.33 -22.98
C SER A 234 -28.01 8.88 -22.95
N ASP A 235 -28.59 8.07 -22.07
CA ASP A 235 -28.22 6.66 -21.98
C ASP A 235 -29.10 5.78 -22.86
N GLN A 236 -30.24 6.32 -23.28
CA GLN A 236 -31.17 5.59 -24.14
C GLN A 236 -30.78 5.73 -25.60
N GLN A 237 -29.97 6.72 -25.90
CA GLN A 237 -29.52 6.96 -27.26
C GLN A 237 -28.22 6.21 -27.56
N ASP A 238 -27.60 5.69 -26.51
CA ASP A 238 -26.40 4.87 -26.69
C ASP A 238 -26.79 3.42 -26.95
N ASP A 239 -27.82 2.96 -26.25
CA ASP A 239 -28.30 1.60 -26.40
C ASP A 239 -28.96 1.39 -27.75
N ASP A 240 -29.63 2.42 -28.25
CA ASP A 240 -30.29 2.35 -29.56
C ASP A 240 -29.27 2.20 -30.68
N VAL B 1 -3.98 4.84 27.26
CA VAL B 1 -4.10 3.41 27.02
C VAL B 1 -4.02 2.64 28.33
N ASP B 2 -5.07 2.78 29.15
CA ASP B 2 -5.12 2.14 30.46
C ASP B 2 -4.98 0.63 30.35
N ARG B 3 -3.79 0.13 30.69
CA ARG B 3 -3.52 -1.31 30.65
C ARG B 3 -4.40 -2.08 31.63
N GLU B 4 -4.63 -1.49 32.79
CA GLU B 4 -5.41 -2.15 33.84
C GLU B 4 -6.84 -2.42 33.42
N GLN B 5 -7.41 -1.53 32.60
CA GLN B 5 -8.80 -1.69 32.15
C GLN B 5 -8.91 -2.72 31.03
N LEU B 6 -7.79 -2.97 30.34
CA LEU B 6 -7.73 -4.04 29.36
C LEU B 6 -7.88 -5.37 30.06
N VAL B 7 -7.15 -5.53 31.16
CA VAL B 7 -7.26 -6.72 32.00
C VAL B 7 -8.63 -6.77 32.66
N GLN B 8 -9.19 -5.60 32.94
CA GLN B 8 -10.51 -5.51 33.56
C GLN B 8 -11.58 -6.04 32.62
N LYS B 9 -11.30 -5.98 31.32
CA LYS B 9 -12.23 -6.48 30.31
C LYS B 9 -12.06 -7.98 30.10
N ALA B 10 -10.81 -8.43 30.13
CA ALA B 10 -10.50 -9.85 29.96
C ALA B 10 -11.20 -10.70 31.03
N ARG B 11 -11.16 -10.22 32.27
CA ARG B 11 -11.85 -10.90 33.37
C ARG B 11 -13.36 -10.90 33.11
N LEU B 12 -13.87 -9.78 32.60
CA LEU B 12 -15.27 -9.66 32.25
C LEU B 12 -15.66 -10.61 31.12
N ALA B 13 -14.83 -10.63 30.07
CA ALA B 13 -15.08 -11.49 28.92
C ALA B 13 -15.09 -12.96 29.33
N GLU B 14 -14.22 -13.32 30.26
CA GLU B 14 -14.12 -14.69 30.73
C GLU B 14 -15.40 -15.11 31.45
N GLN B 15 -15.91 -14.24 32.30
CA GLN B 15 -17.14 -14.51 33.03
C GLN B 15 -18.34 -14.65 32.12
N ALA B 16 -18.30 -13.95 30.98
CA ALA B 16 -19.41 -14.00 30.04
C ALA B 16 -19.18 -15.09 28.99
N GLU B 17 -18.05 -15.78 29.11
CA GLU B 17 -17.68 -16.83 28.16
C GLU B 17 -17.57 -16.30 26.74
N ARG B 18 -17.03 -15.08 26.62
CA ARG B 18 -16.77 -14.48 25.33
C ARG B 18 -15.27 -14.46 25.08
N TYR B 19 -14.68 -15.63 24.92
CA TYR B 19 -13.22 -15.78 24.83
C TYR B 19 -12.61 -15.08 23.62
N ASP B 20 -13.42 -14.82 22.59
CA ASP B 20 -12.94 -14.09 21.43
C ASP B 20 -12.62 -12.65 21.82
N ASP B 21 -13.51 -12.05 22.60
CA ASP B 21 -13.26 -10.74 23.17
C ASP B 21 -12.12 -10.81 24.17
N MET B 22 -12.18 -11.81 25.04
CA MET B 22 -11.16 -12.05 26.07
C MET B 22 -9.77 -12.22 25.47
N ALA B 23 -9.69 -13.00 24.39
CA ALA B 23 -8.42 -13.22 23.70
C ALA B 23 -7.91 -11.94 23.09
N ALA B 24 -8.84 -11.10 22.63
CA ALA B 24 -8.49 -9.83 22.01
C ALA B 24 -7.87 -8.87 23.00
N ALA B 25 -8.49 -8.77 24.18
CA ALA B 25 -8.03 -7.85 25.22
C ALA B 25 -6.66 -8.25 25.74
N MET B 26 -6.43 -9.55 25.88
CA MET B 26 -5.17 -10.05 26.43
C MET B 26 -4.03 -9.94 25.42
N LYS B 27 -4.35 -10.04 24.14
CA LYS B 27 -3.34 -9.82 23.11
C LYS B 27 -2.92 -8.36 23.12
N ASN B 28 -3.82 -7.50 23.59
CA ASN B 28 -3.55 -6.06 23.67
C ASN B 28 -2.57 -5.76 24.80
N VAL B 29 -2.86 -6.31 25.98
CA VAL B 29 -1.97 -6.18 27.13
C VAL B 29 -0.60 -6.75 26.79
N THR B 30 -0.59 -7.79 25.97
CA THR B 30 0.66 -8.43 25.55
C THR B 30 1.49 -7.49 24.68
N GLU B 31 0.81 -6.67 23.89
CA GLU B 31 1.49 -5.77 22.95
C GLU B 31 1.98 -4.49 23.62
N LEU B 32 1.84 -4.41 24.94
CA LEU B 32 2.33 -3.26 25.69
C LEU B 32 3.77 -3.49 26.14
N ASN B 33 4.41 -4.47 25.49
CA ASN B 33 5.80 -4.85 25.74
C ASN B 33 6.20 -4.80 27.22
N GLU B 34 5.34 -5.34 28.07
CA GLU B 34 5.64 -5.47 29.49
C GLU B 34 5.20 -6.84 30.02
N PRO B 35 6.04 -7.46 30.86
CA PRO B 35 5.85 -8.80 31.41
C PRO B 35 4.45 -9.05 31.96
N LEU B 36 3.91 -10.24 31.72
CA LEU B 36 2.61 -10.62 32.25
C LEU B 36 2.74 -11.28 33.62
N SER B 37 1.93 -10.81 34.57
CA SER B 37 1.86 -11.44 35.88
C SER B 37 1.27 -12.84 35.73
N ASN B 38 1.29 -13.62 36.82
CA ASN B 38 0.78 -14.98 36.77
C ASN B 38 -0.71 -15.01 36.42
N GLU B 39 -1.46 -14.05 36.96
CA GLU B 39 -2.89 -13.98 36.67
C GLU B 39 -3.13 -13.62 35.20
N GLU B 40 -2.42 -12.60 34.73
CA GLU B 40 -2.51 -12.17 33.33
C GLU B 40 -2.04 -13.27 32.39
N ARG B 41 -0.92 -13.91 32.75
CA ARG B 41 -0.33 -14.97 31.95
C ARG B 41 -1.33 -16.11 31.74
N ASN B 42 -2.17 -16.34 32.75
CA ASN B 42 -3.18 -17.37 32.66
C ASN B 42 -4.41 -16.90 31.87
N LEU B 43 -4.83 -15.67 32.11
CA LEU B 43 -5.95 -15.08 31.37
C LEU B 43 -5.72 -15.18 29.88
N LEU B 44 -4.49 -14.94 29.45
CA LEU B 44 -4.11 -15.06 28.04
C LEU B 44 -4.21 -16.50 27.56
N SER B 45 -3.66 -17.43 28.34
CA SER B 45 -3.68 -18.84 27.98
C SER B 45 -5.10 -19.40 27.94
N VAL B 46 -5.89 -19.10 28.97
CA VAL B 46 -7.29 -19.54 29.04
C VAL B 46 -8.08 -19.09 27.83
N ALA B 47 -7.93 -17.82 27.49
CA ALA B 47 -8.64 -17.22 26.36
C ALA B 47 -8.35 -18.00 25.07
N TYR B 48 -7.11 -17.94 24.62
CA TYR B 48 -6.73 -18.59 23.37
C TYR B 48 -6.94 -20.10 23.40
N LYS B 49 -6.81 -20.70 24.58
CA LYS B 49 -7.08 -22.13 24.72
C LYS B 49 -8.51 -22.44 24.30
N ASN B 50 -9.44 -21.64 24.78
CA ASN B 50 -10.85 -21.82 24.45
C ASN B 50 -11.16 -21.49 23.00
N VAL B 51 -10.48 -20.49 22.45
CA VAL B 51 -10.68 -20.10 21.05
C VAL B 51 -10.26 -21.22 20.11
N VAL B 52 -9.00 -21.63 20.20
CA VAL B 52 -8.46 -22.68 19.34
C VAL B 52 -9.16 -24.01 19.63
N GLY B 53 -9.56 -24.20 20.88
CA GLY B 53 -10.22 -25.42 21.28
C GLY B 53 -11.56 -25.61 20.60
N ALA B 54 -12.28 -24.52 20.39
CA ALA B 54 -13.58 -24.58 19.74
C ALA B 54 -13.46 -25.05 18.29
N ARG B 55 -12.33 -24.74 17.67
CA ARG B 55 -12.06 -25.17 16.30
C ARG B 55 -11.64 -26.65 16.26
N ARG B 56 -10.75 -27.03 17.16
CA ARG B 56 -10.32 -28.43 17.27
C ARG B 56 -11.52 -29.33 17.45
N SER B 57 -12.44 -28.91 18.32
CA SER B 57 -13.66 -29.66 18.55
C SER B 57 -14.46 -29.77 17.26
N SER B 58 -14.72 -28.64 16.62
CA SER B 58 -15.50 -28.61 15.37
C SER B 58 -14.83 -29.44 14.28
N TRP B 59 -13.52 -29.26 14.14
CA TRP B 59 -12.77 -29.97 13.11
C TRP B 59 -12.89 -31.48 13.25
N ARG B 60 -12.83 -31.97 14.49
CA ARG B 60 -12.94 -33.40 14.73
C ARG B 60 -14.32 -33.92 14.35
N VAL B 61 -15.34 -33.13 14.64
CA VAL B 61 -16.71 -33.51 14.28
C VAL B 61 -16.90 -33.52 12.77
N ILE B 62 -16.26 -32.58 12.08
CA ILE B 62 -16.35 -32.52 10.62
C ILE B 62 -15.51 -33.62 10.00
N SER B 63 -14.30 -33.82 10.52
CA SER B 63 -13.39 -34.84 10.00
C SER B 63 -13.91 -36.24 10.29
N SER B 64 -14.80 -36.35 11.27
CA SER B 64 -15.42 -37.62 11.62
C SER B 64 -16.55 -37.94 10.64
N ILE B 65 -17.29 -36.90 10.27
CA ILE B 65 -18.39 -37.04 9.32
C ILE B 65 -17.86 -37.21 7.90
N GLU B 66 -16.67 -36.70 7.64
CA GLU B 66 -16.06 -36.77 6.32
C GLU B 66 -15.64 -38.20 5.98
N GLN B 67 -15.32 -38.97 7.00
CA GLN B 67 -14.90 -40.37 6.81
C GLN B 67 -16.08 -41.32 6.85
N LYS B 68 -17.12 -40.93 7.59
CA LYS B 68 -18.32 -41.77 7.70
C LYS B 68 -19.21 -41.65 6.47
N THR B 69 -19.11 -40.53 5.76
CA THR B 69 -19.93 -40.30 4.58
C THR B 69 -19.09 -40.35 3.31
N SER B 70 -17.85 -40.80 3.44
CA SER B 70 -16.92 -40.85 2.31
C SER B 70 -17.37 -41.88 1.28
N ALA B 71 -17.67 -43.09 1.75
CA ALA B 71 -18.09 -44.17 0.88
C ALA B 71 -19.59 -44.10 0.57
N ASP B 72 -20.21 -42.98 0.91
CA ASP B 72 -21.64 -42.78 0.67
C ASP B 72 -21.95 -42.76 -0.82
N GLY B 73 -21.32 -41.84 -1.55
CA GLY B 73 -21.52 -41.72 -2.98
C GLY B 73 -22.33 -40.50 -3.38
N ASN B 74 -22.15 -39.41 -2.64
CA ASN B 74 -22.82 -38.16 -2.96
C ASN B 74 -21.81 -37.03 -3.10
N GLU B 75 -21.32 -36.84 -4.32
CA GLU B 75 -20.20 -35.93 -4.56
C GLU B 75 -20.51 -34.47 -4.21
N LYS B 76 -21.77 -34.08 -4.35
CA LYS B 76 -22.17 -32.72 -3.98
C LYS B 76 -22.11 -32.54 -2.46
N LYS B 77 -22.46 -33.60 -1.73
CA LYS B 77 -22.51 -33.55 -0.28
C LYS B 77 -21.12 -33.64 0.33
N ILE B 78 -20.35 -34.66 -0.09
CA ILE B 78 -19.02 -34.90 0.46
C ILE B 78 -18.10 -33.71 0.21
N GLU B 79 -18.26 -33.06 -0.94
CA GLU B 79 -17.43 -31.92 -1.30
C GLU B 79 -17.68 -30.75 -0.36
N MET B 80 -18.95 -30.52 -0.02
CA MET B 80 -19.33 -29.43 0.86
C MET B 80 -18.72 -29.60 2.25
N VAL B 81 -18.55 -30.86 2.66
CA VAL B 81 -17.95 -31.17 3.95
C VAL B 81 -16.46 -30.82 3.96
N ARG B 82 -15.74 -31.22 2.91
CA ARG B 82 -14.31 -30.94 2.83
C ARG B 82 -14.04 -29.45 2.80
N ALA B 83 -14.91 -28.70 2.13
CA ALA B 83 -14.80 -27.25 2.11
C ALA B 83 -15.01 -26.69 3.52
N TYR B 84 -15.98 -27.27 4.23
CA TYR B 84 -16.28 -26.82 5.59
C TYR B 84 -15.16 -27.19 6.55
N ARG B 85 -14.55 -28.35 6.31
CA ARG B 85 -13.42 -28.80 7.10
C ARG B 85 -12.24 -27.87 6.88
N GLU B 86 -12.01 -27.50 5.62
CA GLU B 86 -10.91 -26.62 5.26
C GLU B 86 -11.15 -25.20 5.74
N LYS B 87 -12.43 -24.81 5.82
CA LYS B 87 -12.81 -23.50 6.34
C LYS B 87 -12.40 -23.37 7.80
N ILE B 88 -12.68 -24.42 8.57
CA ILE B 88 -12.35 -24.46 10.00
C ILE B 88 -10.83 -24.58 10.21
N GLU B 89 -10.17 -25.35 9.33
CA GLU B 89 -8.72 -25.52 9.42
C GLU B 89 -8.00 -24.18 9.26
N LYS B 90 -8.49 -23.35 8.35
CA LYS B 90 -7.89 -22.03 8.13
C LYS B 90 -8.08 -21.14 9.36
N GLU B 91 -9.26 -21.16 9.95
CA GLU B 91 -9.50 -20.42 11.18
C GLU B 91 -8.55 -20.89 12.27
N LEU B 92 -8.43 -22.20 12.41
CA LEU B 92 -7.54 -22.79 13.41
C LEU B 92 -6.10 -22.39 13.17
N GLU B 93 -5.67 -22.50 11.91
CA GLU B 93 -4.30 -22.13 11.55
C GLU B 93 -4.07 -20.65 11.79
N ALA B 94 -5.11 -19.85 11.63
CA ALA B 94 -4.99 -18.40 11.80
C ALA B 94 -4.79 -18.03 13.26
N VAL B 95 -5.54 -18.67 14.15
CA VAL B 95 -5.41 -18.44 15.59
C VAL B 95 -4.03 -18.86 16.10
N CYS B 96 -3.55 -20.02 15.64
CA CYS B 96 -2.26 -20.54 16.07
C CYS B 96 -1.11 -19.63 15.66
N GLN B 97 -1.17 -19.12 14.44
CA GLN B 97 -0.15 -18.20 13.93
C GLN B 97 -0.20 -16.85 14.64
N ASP B 98 -1.35 -16.55 15.25
CA ASP B 98 -1.50 -15.31 16.01
C ASP B 98 -0.82 -15.44 17.37
N VAL B 99 -1.09 -16.55 18.05
CA VAL B 99 -0.47 -16.83 19.34
C VAL B 99 1.04 -16.97 19.22
N LEU B 100 1.48 -17.82 18.30
CA LEU B 100 2.91 -18.10 18.11
C LEU B 100 3.69 -16.81 17.84
N SER B 101 3.07 -15.89 17.12
CA SER B 101 3.67 -14.59 16.84
C SER B 101 3.83 -13.79 18.14
N LEU B 102 2.83 -13.87 19.01
CA LEU B 102 2.90 -13.22 20.31
C LEU B 102 4.04 -13.81 21.14
N LEU B 103 4.12 -15.13 21.15
CA LEU B 103 5.11 -15.84 21.94
C LEU B 103 6.53 -15.50 21.52
N ASP B 104 6.76 -15.49 20.21
CA ASP B 104 8.11 -15.30 19.67
C ASP B 104 8.59 -13.85 19.74
N ASN B 105 7.65 -12.91 19.65
CA ASN B 105 8.01 -11.49 19.53
C ASN B 105 7.69 -10.65 20.78
N TYR B 106 6.97 -11.22 21.73
CA TYR B 106 6.57 -10.48 22.92
C TYR B 106 6.84 -11.21 24.23
N LEU B 107 6.51 -12.50 24.27
CA LEU B 107 6.52 -13.24 25.53
C LEU B 107 7.82 -13.97 25.82
N ILE B 108 8.24 -14.85 24.90
CA ILE B 108 9.44 -15.66 25.11
C ILE B 108 10.69 -14.79 25.11
N LYS B 109 10.64 -13.72 24.32
CA LYS B 109 11.77 -12.81 24.17
C LYS B 109 12.11 -12.10 25.46
N ASN B 110 11.11 -11.51 26.11
CA ASN B 110 11.44 -10.65 27.23
C ASN B 110 11.98 -11.40 28.45
N CYS B 111 11.95 -12.72 28.40
CA CYS B 111 12.31 -13.50 29.57
C CYS B 111 13.80 -13.52 29.88
N SER B 112 14.14 -13.29 31.14
CA SER B 112 15.53 -13.35 31.57
C SER B 112 15.92 -14.81 31.80
N GLU B 113 16.98 -15.03 32.56
CA GLU B 113 17.44 -16.39 32.82
C GLU B 113 17.33 -16.74 34.30
N THR B 114 16.38 -16.09 34.98
CA THR B 114 16.20 -16.30 36.42
C THR B 114 14.73 -16.51 36.78
N GLN B 115 13.84 -16.20 35.85
CA GLN B 115 12.41 -16.34 36.07
C GLN B 115 11.84 -17.47 35.21
N TYR B 116 12.22 -18.71 35.53
CA TYR B 116 11.89 -19.84 34.70
C TYR B 116 10.40 -20.12 34.60
N GLU B 117 9.62 -19.69 35.59
CA GLU B 117 8.19 -19.94 35.60
C GLU B 117 7.50 -19.42 34.34
N SER B 118 7.98 -18.30 33.81
CA SER B 118 7.43 -17.72 32.60
C SER B 118 7.96 -18.42 31.35
N LYS B 119 9.28 -18.63 31.33
CA LYS B 119 9.95 -19.28 30.21
C LYS B 119 9.36 -20.65 29.92
N VAL B 120 9.17 -21.45 30.97
CA VAL B 120 8.60 -22.79 30.84
C VAL B 120 7.14 -22.72 30.40
N PHE B 121 6.39 -21.79 30.97
CA PHE B 121 4.98 -21.62 30.65
C PHE B 121 4.78 -21.30 29.17
N TYR B 122 5.56 -20.35 28.67
CA TYR B 122 5.44 -19.92 27.28
C TYR B 122 5.93 -20.99 26.32
N LEU B 123 7.05 -21.62 26.66
CA LEU B 123 7.64 -22.64 25.80
C LEU B 123 6.71 -23.84 25.66
N LYS B 124 6.03 -24.20 26.75
CA LYS B 124 5.01 -25.23 26.69
C LYS B 124 3.89 -24.79 25.77
N MET B 125 3.51 -23.51 25.88
CA MET B 125 2.46 -22.93 25.06
C MET B 125 2.84 -22.98 23.59
N LYS B 126 4.09 -22.67 23.30
CA LYS B 126 4.61 -22.70 21.93
C LYS B 126 4.50 -24.10 21.34
N GLY B 127 4.86 -25.10 22.14
CA GLY B 127 4.77 -26.48 21.71
C GLY B 127 3.33 -26.91 21.54
N ASP B 128 2.47 -26.43 22.42
CA ASP B 128 1.05 -26.76 22.37
C ASP B 128 0.40 -26.36 21.05
N TYR B 129 0.74 -25.16 20.57
CA TYR B 129 0.06 -24.59 19.41
C TYR B 129 0.64 -25.05 18.07
N TYR B 130 1.91 -25.47 18.09
CA TYR B 130 2.46 -26.16 16.93
C TYR B 130 1.85 -27.55 16.86
N ARG B 131 1.60 -28.14 18.03
CA ARG B 131 0.93 -29.43 18.12
C ARG B 131 -0.49 -29.32 17.57
N TYR B 132 -1.09 -28.14 17.74
CA TYR B 132 -2.42 -27.87 17.22
C TYR B 132 -2.36 -27.74 15.70
N LEU B 133 -1.29 -27.13 15.20
CA LEU B 133 -1.07 -27.02 13.76
C LEU B 133 -0.80 -28.39 13.15
N ALA B 134 -0.12 -29.25 13.90
CA ALA B 134 0.25 -30.57 13.40
C ALA B 134 -0.95 -31.51 13.32
N GLU B 135 -1.95 -31.25 14.15
CA GLU B 135 -3.14 -32.10 14.21
C GLU B 135 -3.95 -32.05 12.91
N VAL B 136 -3.73 -31.01 12.10
CA VAL B 136 -4.48 -30.85 10.85
C VAL B 136 -3.57 -30.86 9.64
N ALA B 137 -2.30 -30.47 9.83
CA ALA B 137 -1.34 -30.38 8.75
C ALA B 137 -1.03 -31.73 8.12
N THR B 138 -0.75 -31.72 6.82
CA THR B 138 -0.44 -32.94 6.10
C THR B 138 0.71 -32.71 5.13
N GLY B 139 1.48 -33.76 4.86
CA GLY B 139 2.58 -33.69 3.92
C GLY B 139 3.84 -33.06 4.49
N GLU B 140 4.58 -32.37 3.63
CA GLU B 140 5.82 -31.72 4.03
C GLU B 140 5.62 -30.72 5.17
N LYS B 141 4.49 -30.03 5.15
CA LYS B 141 4.23 -28.99 6.15
C LYS B 141 4.10 -29.57 7.55
N ARG B 142 3.52 -30.78 7.65
CA ARG B 142 3.35 -31.42 8.93
C ARG B 142 4.70 -31.74 9.58
N ALA B 143 5.71 -31.97 8.75
CA ALA B 143 7.04 -32.31 9.25
C ALA B 143 7.69 -31.14 9.98
N THR B 144 7.42 -29.92 9.53
CA THR B 144 8.04 -28.72 10.09
C THR B 144 7.48 -28.36 11.47
N VAL B 145 6.16 -28.41 11.61
CA VAL B 145 5.52 -28.02 12.87
C VAL B 145 5.80 -29.01 13.99
N VAL B 146 5.78 -30.31 13.67
CA VAL B 146 6.08 -31.34 14.65
C VAL B 146 7.53 -31.19 15.12
N GLU B 147 8.39 -30.75 14.21
CA GLU B 147 9.78 -30.52 14.54
C GLU B 147 9.95 -29.32 15.46
N SER B 148 9.14 -28.29 15.24
CA SER B 148 9.20 -27.07 16.04
C SER B 148 8.46 -27.24 17.37
N SER B 149 7.49 -28.13 17.38
CA SER B 149 6.77 -28.45 18.61
C SER B 149 7.67 -29.22 19.55
N GLU B 150 8.45 -30.14 18.97
CA GLU B 150 9.40 -30.93 19.73
C GLU B 150 10.45 -30.07 20.42
N LYS B 151 11.06 -29.17 19.64
CA LYS B 151 12.11 -28.29 20.15
C LYS B 151 11.57 -27.35 21.23
N ALA B 152 10.30 -26.99 21.11
CA ALA B 152 9.64 -26.15 22.10
C ALA B 152 9.46 -26.91 23.41
N TYR B 153 8.89 -28.10 23.29
CA TYR B 153 8.67 -28.96 24.45
C TYR B 153 9.97 -29.36 25.12
N SER B 154 10.84 -30.00 24.34
CA SER B 154 12.09 -30.55 24.86
C SER B 154 12.91 -29.47 25.55
N GLU B 155 12.88 -28.26 25.02
CA GLU B 155 13.63 -27.15 25.60
C GLU B 155 13.00 -26.69 26.91
N ALA B 156 11.69 -26.85 27.02
CA ALA B 156 10.95 -26.45 28.21
C ALA B 156 11.02 -27.54 29.27
N HIS B 157 11.14 -28.79 28.82
CA HIS B 157 11.25 -29.92 29.72
C HIS B 157 12.60 -29.88 30.44
N GLU B 158 13.61 -29.37 29.74
CA GLU B 158 14.96 -29.26 30.31
C GLU B 158 15.00 -28.28 31.48
N ILE B 159 14.27 -27.18 31.35
CA ILE B 159 14.25 -26.15 32.38
C ILE B 159 13.46 -26.60 33.61
N SER B 160 12.32 -27.25 33.39
CA SER B 160 11.47 -27.69 34.49
C SER B 160 12.18 -28.69 35.38
N LYS B 161 12.93 -29.60 34.76
CA LYS B 161 13.70 -30.60 35.48
C LYS B 161 14.71 -29.97 36.43
N GLU B 162 15.32 -28.88 35.98
CA GLU B 162 16.43 -28.26 36.69
C GLU B 162 15.98 -27.24 37.73
N HIS B 163 14.74 -26.77 37.64
CA HIS B 163 14.29 -25.67 38.50
C HIS B 163 12.98 -25.93 39.25
N MET B 164 12.23 -26.96 38.86
CA MET B 164 10.90 -27.16 39.44
C MET B 164 10.75 -28.52 40.11
N GLN B 165 10.18 -28.50 41.31
CA GLN B 165 9.83 -29.74 42.02
C GLN B 165 8.83 -30.53 41.19
N PRO B 166 8.96 -31.86 41.17
CA PRO B 166 8.08 -32.73 40.38
C PRO B 166 6.60 -32.54 40.71
N THR B 167 6.31 -31.93 41.86
CA THR B 167 4.93 -31.66 42.27
C THR B 167 4.41 -30.35 41.70
N HIS B 168 5.28 -29.62 41.00
CA HIS B 168 4.92 -28.33 40.44
C HIS B 168 3.85 -28.48 39.35
N PRO B 169 2.82 -27.64 39.40
CA PRO B 169 1.68 -27.69 38.47
C PRO B 169 2.08 -27.44 37.01
N ILE B 170 3.06 -26.58 36.79
CA ILE B 170 3.53 -26.28 35.43
C ILE B 170 4.32 -27.44 34.85
N ARG B 171 5.29 -27.93 35.62
CA ARG B 171 6.12 -29.06 35.18
C ARG B 171 5.26 -30.29 34.94
N LEU B 172 4.26 -30.49 35.78
CA LEU B 172 3.32 -31.59 35.60
C LEU B 172 2.50 -31.38 34.33
N GLY B 173 1.98 -30.16 34.15
CA GLY B 173 1.21 -29.82 32.97
C GLY B 173 2.01 -29.97 31.69
N LEU B 174 3.28 -29.58 31.75
CA LEU B 174 4.17 -29.72 30.61
C LEU B 174 4.40 -31.19 30.27
N ALA B 175 4.52 -32.01 31.31
CA ALA B 175 4.71 -33.45 31.14
C ALA B 175 3.47 -34.09 30.53
N LEU B 176 2.30 -33.62 30.94
CA LEU B 176 1.04 -34.14 30.44
C LEU B 176 0.91 -33.91 28.95
N ASN B 177 1.09 -32.66 28.52
CA ASN B 177 0.95 -32.31 27.11
C ASN B 177 2.09 -32.82 26.25
N TYR B 178 3.30 -32.85 26.82
CA TYR B 178 4.45 -33.38 26.10
C TYR B 178 4.26 -34.87 25.86
N SER B 179 3.73 -35.56 26.86
CA SER B 179 3.43 -36.98 26.75
C SER B 179 2.37 -37.22 25.67
N VAL B 180 1.28 -36.45 25.74
CA VAL B 180 0.22 -36.52 24.74
C VAL B 180 0.75 -36.20 23.36
N PHE B 181 1.80 -35.38 23.31
CA PHE B 181 2.45 -35.05 22.05
C PHE B 181 3.07 -36.27 21.40
N TYR B 182 3.74 -37.09 22.20
CA TYR B 182 4.39 -38.30 21.70
C TYR B 182 3.38 -39.33 21.20
N TYR B 183 2.44 -39.69 22.07
CA TYR B 183 1.51 -40.78 21.77
C TYR B 183 0.61 -40.49 20.58
N GLU B 184 0.19 -39.23 20.43
CA GLU B 184 -0.77 -38.88 19.40
C GLU B 184 -0.14 -38.32 18.13
N ILE B 185 0.93 -37.55 18.27
CA ILE B 185 1.56 -36.90 17.13
C ILE B 185 2.72 -37.72 16.57
N GLN B 186 3.43 -38.41 17.46
CA GLN B 186 4.56 -39.23 17.06
C GLN B 186 4.17 -40.70 16.93
N ASN B 187 3.00 -41.05 17.48
CA ASN B 187 2.52 -42.42 17.50
C ASN B 187 3.56 -43.35 18.13
N ALA B 188 4.26 -42.82 19.13
CA ALA B 188 5.29 -43.56 19.86
C ALA B 188 4.91 -43.72 21.32
N PRO B 189 3.93 -44.59 21.60
CA PRO B 189 3.37 -44.82 22.94
C PRO B 189 4.40 -45.23 23.98
N GLU B 190 5.49 -45.88 23.56
CA GLU B 190 6.52 -46.31 24.49
C GLU B 190 7.29 -45.11 25.05
N GLN B 191 7.43 -44.08 24.23
CA GLN B 191 8.13 -42.86 24.64
C GLN B 191 7.18 -41.93 25.38
N ALA B 192 5.89 -42.08 25.11
CA ALA B 192 4.87 -41.28 25.76
C ALA B 192 4.49 -41.86 27.12
N CYS B 193 4.25 -43.16 27.14
CA CYS B 193 3.88 -43.86 28.37
C CYS B 193 5.00 -43.77 29.41
N HIS B 194 6.23 -43.68 28.94
CA HIS B 194 7.37 -43.56 29.83
C HIS B 194 7.42 -42.17 30.45
N LEU B 195 7.23 -41.15 29.63
CA LEU B 195 7.26 -39.76 30.07
C LEU B 195 6.15 -39.48 31.08
N ALA B 196 4.96 -40.02 30.81
CA ALA B 196 3.80 -39.82 31.68
C ALA B 196 3.99 -40.54 33.01
N LYS B 197 4.60 -41.73 32.97
CA LYS B 197 4.79 -42.52 34.17
C LYS B 197 5.89 -41.94 35.04
N THR B 198 7.01 -41.60 34.41
CA THR B 198 8.15 -41.04 35.13
C THR B 198 7.78 -39.75 35.85
N ALA B 199 7.01 -38.89 35.17
CA ALA B 199 6.60 -37.62 35.76
C ALA B 199 5.59 -37.82 36.88
N PHE B 200 4.78 -38.86 36.77
CA PHE B 200 3.78 -39.17 37.78
C PHE B 200 4.43 -39.77 39.04
N ASP B 201 5.28 -40.76 38.84
CA ASP B 201 5.97 -41.42 39.95
C ASP B 201 6.87 -40.45 40.70
N ASP B 202 7.50 -39.54 39.96
CA ASP B 202 8.34 -38.51 40.56
C ASP B 202 7.51 -37.53 41.37
N ALA B 203 6.19 -37.52 41.14
CA ALA B 203 5.30 -36.64 41.88
C ALA B 203 4.79 -37.32 43.15
N ILE B 204 4.56 -38.63 43.07
CA ILE B 204 4.15 -39.42 44.21
C ILE B 204 5.25 -39.48 45.27
N ALA B 205 6.48 -39.72 44.82
CA ALA B 205 7.62 -39.88 45.72
C ALA B 205 7.84 -38.64 46.59
N GLU B 206 7.65 -37.47 45.99
CA GLU B 206 7.85 -36.21 46.69
C GLU B 206 6.53 -35.52 46.99
N LEU B 207 5.49 -36.31 47.25
CA LEU B 207 4.18 -35.78 47.59
C LEU B 207 4.22 -35.06 48.93
N ASP B 208 5.24 -35.35 49.72
CA ASP B 208 5.41 -34.73 51.03
C ASP B 208 5.82 -33.27 50.90
N THR B 209 6.20 -32.87 49.69
CA THR B 209 6.74 -31.54 49.45
C THR B 209 5.79 -30.63 48.67
N LEU B 210 4.51 -30.68 49.02
CA LEU B 210 3.52 -29.82 48.38
C LEU B 210 2.75 -29.03 49.43
N ASN B 211 2.22 -27.87 49.03
CA ASN B 211 1.55 -26.98 49.97
C ASN B 211 0.05 -26.85 49.71
N GLU B 212 -0.66 -26.40 50.75
CA GLU B 212 -2.11 -26.26 50.71
C GLU B 212 -2.64 -25.47 49.52
N ASP B 213 -1.86 -24.52 49.03
CA ASP B 213 -2.31 -23.61 47.97
C ASP B 213 -2.43 -24.29 46.61
N SER B 214 -1.43 -25.08 46.24
CA SER B 214 -1.33 -25.63 44.89
C SER B 214 -1.61 -27.14 44.83
N TYR B 215 -2.18 -27.69 45.89
CA TYR B 215 -2.43 -29.13 45.94
C TYR B 215 -3.54 -29.55 44.97
N LYS B 216 -4.66 -28.82 45.01
CA LYS B 216 -5.80 -29.13 44.16
C LYS B 216 -5.44 -29.03 42.68
N ASP B 217 -4.51 -28.16 42.35
CA ASP B 217 -4.09 -27.99 40.96
C ASP B 217 -3.20 -29.13 40.51
N SER B 218 -2.15 -29.41 41.30
CA SER B 218 -1.15 -30.41 40.93
C SER B 218 -1.74 -31.81 40.78
N THR B 219 -2.46 -32.26 41.81
CA THR B 219 -3.02 -33.60 41.82
C THR B 219 -3.99 -33.82 40.66
N LEU B 220 -4.61 -32.72 40.20
CA LEU B 220 -5.55 -32.79 39.10
C LEU B 220 -4.84 -33.18 37.82
N ILE B 221 -3.64 -32.64 37.63
CA ILE B 221 -2.82 -32.98 36.46
C ILE B 221 -2.43 -34.45 36.53
N MET B 222 -2.29 -34.96 37.74
CA MET B 222 -1.83 -36.32 37.97
C MET B 222 -2.92 -37.33 37.62
N GLN B 223 -4.16 -37.03 38.02
CA GLN B 223 -5.29 -37.87 37.67
C GLN B 223 -5.44 -37.97 36.15
N LEU B 224 -5.00 -36.92 35.45
CA LEU B 224 -5.03 -36.94 33.99
C LEU B 224 -3.87 -37.77 33.45
N LEU B 225 -2.79 -37.83 34.22
CA LEU B 225 -1.63 -38.63 33.87
C LEU B 225 -1.92 -40.12 34.08
N ARG B 226 -2.70 -40.44 35.11
CA ARG B 226 -3.14 -41.81 35.34
C ARG B 226 -4.17 -42.22 34.29
N ASP B 227 -5.17 -41.37 34.08
CA ASP B 227 -6.22 -41.65 33.10
C ASP B 227 -5.65 -41.90 31.71
N ASN B 228 -4.57 -41.20 31.38
CA ASN B 228 -3.89 -41.41 30.12
C ASN B 228 -3.24 -42.79 30.08
N LEU B 229 -2.52 -43.13 31.14
CA LEU B 229 -1.82 -44.41 31.22
C LEU B 229 -2.79 -45.59 31.18
N THR B 230 -3.93 -45.44 31.85
CA THR B 230 -4.95 -46.48 31.85
C THR B 230 -5.49 -46.68 30.43
N LEU B 231 -5.76 -45.58 29.76
CA LEU B 231 -6.34 -45.62 28.42
C LEU B 231 -5.32 -46.00 27.35
N TRP B 232 -4.06 -45.62 27.58
CA TRP B 232 -3.00 -45.87 26.62
C TRP B 232 -2.58 -47.34 26.57
N THR B 233 -2.51 -47.99 27.73
CA THR B 233 -2.05 -49.37 27.80
C THR B 233 -3.08 -50.35 27.22
N SER B 234 -4.32 -49.90 27.09
CA SER B 234 -5.41 -50.76 26.65
C SER B 234 -5.50 -50.84 25.13
N ASP B 235 -5.12 -49.76 24.45
CA ASP B 235 -5.26 -49.68 23.00
C ASP B 235 -4.28 -50.59 22.26
N GLN B 236 -3.14 -50.85 22.88
CA GLN B 236 -2.07 -51.61 22.23
C GLN B 236 -2.29 -53.12 22.33
N GLN B 237 -3.29 -53.52 23.11
CA GLN B 237 -3.64 -54.93 23.22
C GLN B 237 -4.53 -55.34 22.05
N VAL C 1 -24.82 -22.25 -4.39
CA VAL C 1 -25.11 -23.59 -3.88
C VAL C 1 -26.60 -23.89 -3.92
N ASP C 2 -26.93 -25.14 -4.20
CA ASP C 2 -28.33 -25.58 -4.24
C ASP C 2 -28.92 -25.54 -2.83
N ARG C 3 -30.25 -25.53 -2.76
CA ARG C 3 -30.92 -25.48 -1.46
C ARG C 3 -30.60 -26.71 -0.62
N GLU C 4 -30.52 -27.86 -1.28
CA GLU C 4 -30.25 -29.12 -0.57
C GLU C 4 -28.86 -29.11 0.04
N GLN C 5 -27.98 -28.27 -0.51
CA GLN C 5 -26.62 -28.14 0.00
C GLN C 5 -26.58 -27.24 1.24
N LEU C 6 -27.39 -26.18 1.22
CA LEU C 6 -27.47 -25.26 2.35
C LEU C 6 -27.92 -25.96 3.62
N VAL C 7 -29.04 -26.67 3.53
CA VAL C 7 -29.57 -27.40 4.67
C VAL C 7 -28.56 -28.43 5.20
N GLN C 8 -27.78 -29.00 4.29
CA GLN C 8 -26.72 -29.92 4.67
C GLN C 8 -25.62 -29.19 5.43
N LYS C 9 -25.41 -27.92 5.08
CA LYS C 9 -24.48 -27.06 5.79
C LYS C 9 -24.99 -26.77 7.19
N ALA C 10 -26.31 -26.58 7.30
CA ALA C 10 -26.94 -26.28 8.58
C ALA C 10 -26.84 -27.48 9.54
N ARG C 11 -27.26 -28.64 9.05
CA ARG C 11 -27.18 -29.87 9.84
C ARG C 11 -25.75 -30.10 10.33
N LEU C 12 -24.81 -29.95 9.40
CA LEU C 12 -23.39 -30.15 9.70
C LEU C 12 -22.88 -29.10 10.68
N ALA C 13 -23.34 -27.86 10.50
CA ALA C 13 -22.95 -26.77 11.39
C ALA C 13 -23.45 -27.00 12.81
N GLU C 14 -24.63 -27.60 12.93
CA GLU C 14 -25.21 -27.90 14.23
C GLU C 14 -24.38 -28.94 14.99
N GLN C 15 -24.04 -30.03 14.31
CA GLN C 15 -23.22 -31.07 14.90
C GLN C 15 -21.86 -30.52 15.32
N ALA C 16 -21.33 -29.61 14.52
CA ALA C 16 -20.03 -29.00 14.81
C ALA C 16 -20.16 -27.90 15.86
N GLU C 17 -21.41 -27.63 16.26
CA GLU C 17 -21.70 -26.62 17.27
C GLU C 17 -21.23 -25.23 16.87
N ARG C 18 -21.38 -24.91 15.59
CA ARG C 18 -21.09 -23.58 15.08
C ARG C 18 -22.39 -22.92 14.64
N TYR C 19 -23.14 -22.41 15.61
CA TYR C 19 -24.50 -21.93 15.38
C TYR C 19 -24.54 -20.62 14.59
N ASP C 20 -23.41 -19.92 14.53
CA ASP C 20 -23.31 -18.73 13.71
C ASP C 20 -23.41 -19.09 12.24
N ASP C 21 -22.67 -20.13 11.85
CA ASP C 21 -22.71 -20.65 10.49
C ASP C 21 -24.03 -21.32 10.21
N MET C 22 -24.57 -22.01 11.21
CA MET C 22 -25.86 -22.67 11.09
C MET C 22 -26.96 -21.66 10.81
N ALA C 23 -26.89 -20.51 11.47
CA ALA C 23 -27.89 -19.47 11.28
C ALA C 23 -27.78 -18.86 9.89
N ALA C 24 -26.55 -18.70 9.42
CA ALA C 24 -26.29 -18.13 8.09
C ALA C 24 -26.88 -19.01 6.99
N ALA C 25 -26.70 -20.32 7.11
CA ALA C 25 -27.19 -21.26 6.12
C ALA C 25 -28.72 -21.24 6.04
N MET C 26 -29.36 -21.36 7.19
CA MET C 26 -30.82 -21.40 7.25
C MET C 26 -31.44 -20.07 6.82
N LYS C 27 -30.64 -19.01 6.84
CA LYS C 27 -31.12 -17.71 6.39
C LYS C 27 -31.28 -17.70 4.87
N ASN C 28 -30.28 -18.25 4.20
CA ASN C 28 -30.31 -18.40 2.74
C ASN C 28 -31.47 -19.26 2.28
N VAL C 29 -31.71 -20.35 3.00
CA VAL C 29 -32.84 -21.23 2.71
C VAL C 29 -34.15 -20.46 2.76
N THR C 30 -34.28 -19.61 3.76
CA THR C 30 -35.50 -18.82 3.93
C THR C 30 -35.61 -17.78 2.81
N GLU C 31 -34.49 -17.20 2.43
CA GLU C 31 -34.46 -16.18 1.40
C GLU C 31 -34.70 -16.77 0.01
N LEU C 32 -34.89 -18.08 -0.04
CA LEU C 32 -35.29 -18.73 -1.29
C LEU C 32 -36.80 -18.58 -1.47
N ASN C 33 -37.43 -17.98 -0.46
CA ASN C 33 -38.85 -17.68 -0.49
C ASN C 33 -39.73 -18.91 -0.72
N GLU C 34 -39.21 -20.08 -0.38
CA GLU C 34 -39.99 -21.31 -0.42
C GLU C 34 -40.24 -21.83 0.99
N PRO C 35 -41.45 -22.33 1.25
CA PRO C 35 -41.89 -22.82 2.56
C PRO C 35 -40.90 -23.78 3.22
N LEU C 36 -40.93 -23.84 4.54
CA LEU C 36 -40.00 -24.69 5.28
C LEU C 36 -40.69 -25.91 5.87
N SER C 37 -40.07 -27.08 5.68
CA SER C 37 -40.60 -28.32 6.22
C SER C 37 -40.44 -28.36 7.74
N ASN C 38 -40.98 -29.39 8.37
CA ASN C 38 -40.90 -29.53 9.81
C ASN C 38 -39.44 -29.59 10.30
N GLU C 39 -38.56 -30.15 9.49
CA GLU C 39 -37.16 -30.29 9.87
C GLU C 39 -36.38 -29.02 9.54
N GLU C 40 -36.60 -28.49 8.36
CA GLU C 40 -35.99 -27.22 7.95
C GLU C 40 -36.44 -26.08 8.85
N ARG C 41 -37.65 -26.20 9.39
CA ARG C 41 -38.19 -25.21 10.29
C ARG C 41 -37.54 -25.34 11.67
N ASN C 42 -37.40 -26.58 12.12
CA ASN C 42 -36.79 -26.87 13.40
C ASN C 42 -35.32 -26.42 13.42
N LEU C 43 -34.65 -26.57 12.29
CA LEU C 43 -33.26 -26.15 12.14
C LEU C 43 -33.11 -24.64 12.33
N LEU C 44 -34.02 -23.87 11.72
CA LEU C 44 -33.99 -22.42 11.81
C LEU C 44 -34.11 -21.94 13.25
N SER C 45 -35.14 -22.43 13.93
CA SER C 45 -35.41 -22.04 15.30
C SER C 45 -34.21 -22.32 16.21
N VAL C 46 -33.66 -23.53 16.10
CA VAL C 46 -32.51 -23.92 16.92
C VAL C 46 -31.28 -23.06 16.64
N ALA C 47 -31.02 -22.81 15.37
CA ALA C 47 -29.84 -22.06 14.94
C ALA C 47 -29.76 -20.69 15.61
N TYR C 48 -30.86 -19.94 15.53
CA TYR C 48 -30.90 -18.60 16.11
C TYR C 48 -31.12 -18.64 17.62
N LYS C 49 -31.83 -19.66 18.09
CA LYS C 49 -32.08 -19.80 19.53
C LYS C 49 -30.76 -19.91 20.28
N ASN C 50 -29.74 -20.41 19.62
CA ASN C 50 -28.42 -20.54 20.24
C ASN C 50 -27.56 -19.29 20.06
N VAL C 51 -27.76 -18.59 18.95
CA VAL C 51 -26.99 -17.37 18.67
C VAL C 51 -27.44 -16.24 19.61
N VAL C 52 -28.74 -16.15 19.86
CA VAL C 52 -29.24 -15.15 20.79
C VAL C 52 -29.09 -15.63 22.22
N GLY C 53 -29.18 -16.94 22.41
CA GLY C 53 -29.11 -17.53 23.74
C GLY C 53 -27.77 -17.29 24.42
N ALA C 54 -26.71 -17.28 23.63
CA ALA C 54 -25.36 -17.10 24.15
C ALA C 54 -25.14 -15.67 24.63
N ARG C 55 -25.66 -14.71 23.87
CA ARG C 55 -25.51 -13.29 24.18
C ARG C 55 -26.48 -12.84 25.26
N ARG C 56 -27.51 -13.66 25.50
CA ARG C 56 -28.41 -13.43 26.62
C ARG C 56 -27.74 -13.90 27.90
N SER C 57 -27.08 -15.05 27.82
CA SER C 57 -26.32 -15.57 28.95
C SER C 57 -25.22 -14.60 29.34
N SER C 58 -24.46 -14.17 28.34
CA SER C 58 -23.39 -13.20 28.54
C SER C 58 -23.93 -11.90 29.15
N TRP C 59 -25.13 -11.53 28.74
CA TRP C 59 -25.75 -10.31 29.22
C TRP C 59 -26.17 -10.45 30.68
N ARG C 60 -26.88 -11.54 30.99
CA ARG C 60 -27.33 -11.79 32.35
C ARG C 60 -26.15 -11.77 33.33
N VAL C 61 -25.03 -12.35 32.92
CA VAL C 61 -23.81 -12.35 33.73
C VAL C 61 -23.34 -10.92 33.98
N ILE C 62 -22.99 -10.24 32.91
CA ILE C 62 -22.49 -8.87 32.98
C ILE C 62 -23.48 -7.91 33.64
N SER C 63 -24.76 -8.07 33.32
CA SER C 63 -25.80 -7.25 33.92
C SER C 63 -25.84 -7.47 35.42
N SER C 64 -25.55 -8.71 35.84
CA SER C 64 -25.48 -9.05 37.25
C SER C 64 -24.25 -8.39 37.90
N ILE C 65 -23.13 -8.40 37.18
CA ILE C 65 -21.90 -7.79 37.68
C ILE C 65 -22.07 -6.28 37.84
N GLU C 66 -22.77 -5.67 36.90
CA GLU C 66 -22.95 -4.22 36.89
C GLU C 66 -23.74 -3.73 38.10
N GLN C 67 -24.51 -4.61 38.70
CA GLN C 67 -25.29 -4.25 39.88
C GLN C 67 -24.49 -4.51 41.16
N LYS C 68 -23.71 -5.58 41.15
CA LYS C 68 -22.89 -5.93 42.31
C LYS C 68 -21.83 -4.87 42.58
N THR C 69 -21.23 -4.34 41.52
CA THR C 69 -20.13 -3.40 41.64
C THR C 69 -20.60 -1.95 41.64
N SER C 70 -21.90 -1.76 41.40
CA SER C 70 -22.48 -0.41 41.44
C SER C 70 -22.59 0.07 42.88
N ALA C 71 -22.53 -0.87 43.81
CA ALA C 71 -22.56 -0.54 45.23
C ALA C 71 -21.16 -0.18 45.72
N ASP C 72 -20.22 -0.06 44.79
CA ASP C 72 -18.86 0.32 45.12
C ASP C 72 -18.55 1.73 44.62
N GLY C 73 -19.40 2.23 43.73
CA GLY C 73 -19.28 3.59 43.24
C GLY C 73 -17.99 3.89 42.49
N ASN C 74 -17.30 2.83 42.06
CA ASN C 74 -16.04 2.99 41.33
C ASN C 74 -16.30 3.36 39.86
N GLU C 75 -16.34 4.66 39.60
CA GLU C 75 -16.64 5.18 38.27
C GLU C 75 -15.70 4.62 37.19
N LYS C 76 -14.49 4.25 37.61
CA LYS C 76 -13.49 3.72 36.70
C LYS C 76 -13.94 2.42 36.03
N LYS C 77 -14.41 1.48 36.84
CA LYS C 77 -14.79 0.15 36.34
C LYS C 77 -16.24 0.13 35.84
N ILE C 78 -17.12 0.81 36.56
CA ILE C 78 -18.54 0.87 36.22
C ILE C 78 -18.77 1.26 34.75
N GLU C 79 -18.08 2.31 34.31
CA GLU C 79 -18.22 2.80 32.94
C GLU C 79 -17.86 1.73 31.90
N MET C 80 -16.86 0.92 32.23
CA MET C 80 -16.42 -0.14 31.31
C MET C 80 -17.40 -1.31 31.31
N VAL C 81 -17.87 -1.68 32.50
CA VAL C 81 -18.88 -2.72 32.64
C VAL C 81 -20.14 -2.33 31.88
N ARG C 82 -20.60 -1.11 32.12
CA ARG C 82 -21.77 -0.57 31.43
C ARG C 82 -21.54 -0.54 29.93
N ALA C 83 -20.33 -0.17 29.54
CA ALA C 83 -19.97 -0.11 28.13
C ALA C 83 -20.02 -1.50 27.50
N TYR C 84 -19.51 -2.49 28.24
CA TYR C 84 -19.49 -3.86 27.75
C TYR C 84 -20.88 -4.49 27.77
N ARG C 85 -21.71 -4.07 28.72
CA ARG C 85 -23.08 -4.54 28.81
C ARG C 85 -23.87 -4.12 27.57
N GLU C 86 -23.52 -2.97 27.00
CA GLU C 86 -24.22 -2.45 25.83
C GLU C 86 -23.70 -3.05 24.53
N LYS C 87 -22.40 -3.30 24.47
CA LYS C 87 -21.80 -3.93 23.30
C LYS C 87 -22.49 -5.26 23.01
N ILE C 88 -22.93 -5.92 24.07
CA ILE C 88 -23.66 -7.17 23.98
C ILE C 88 -25.13 -6.91 23.67
N GLU C 89 -25.67 -5.84 24.24
CA GLU C 89 -27.06 -5.48 23.98
C GLU C 89 -27.28 -5.23 22.50
N LYS C 90 -26.38 -4.48 21.88
CA LYS C 90 -26.50 -4.16 20.47
C LYS C 90 -26.30 -5.41 19.62
N GLU C 91 -25.48 -6.33 20.13
CA GLU C 91 -25.25 -7.61 19.45
C GLU C 91 -26.49 -8.49 19.56
N LEU C 92 -27.19 -8.35 20.68
CA LEU C 92 -28.40 -9.12 20.93
C LEU C 92 -29.55 -8.60 20.08
N GLU C 93 -29.73 -7.27 20.09
CA GLU C 93 -30.77 -6.63 19.30
C GLU C 93 -30.53 -6.84 17.81
N ALA C 94 -29.27 -6.90 17.42
CA ALA C 94 -28.92 -7.09 16.01
C ALA C 94 -29.42 -8.44 15.50
N VAL C 95 -29.29 -9.48 16.33
CA VAL C 95 -29.75 -10.81 15.97
C VAL C 95 -31.27 -10.87 15.94
N CYS C 96 -31.89 -10.33 16.97
CA CYS C 96 -33.34 -10.30 17.08
C CYS C 96 -33.98 -9.61 15.87
N GLN C 97 -33.39 -8.49 15.46
CA GLN C 97 -33.89 -7.78 14.28
C GLN C 97 -33.79 -8.65 13.03
N ASP C 98 -32.83 -9.56 13.03
CA ASP C 98 -32.59 -10.41 11.87
C ASP C 98 -33.68 -11.47 11.72
N VAL C 99 -33.92 -12.22 12.79
CA VAL C 99 -34.96 -13.24 12.77
C VAL C 99 -36.32 -12.60 12.55
N LEU C 100 -36.53 -11.47 13.20
CA LEU C 100 -37.79 -10.74 13.08
C LEU C 100 -37.94 -10.13 11.69
N SER C 101 -36.82 -10.02 10.99
CA SER C 101 -36.82 -9.56 9.60
C SER C 101 -37.10 -10.71 8.65
N LEU C 102 -36.70 -11.91 9.06
CA LEU C 102 -36.99 -13.12 8.30
C LEU C 102 -38.44 -13.56 8.49
N LEU C 103 -38.93 -13.41 9.71
CA LEU C 103 -40.27 -13.87 10.07
C LEU C 103 -41.37 -13.09 9.36
N ASP C 104 -41.11 -11.82 9.04
CA ASP C 104 -42.14 -10.97 8.47
C ASP C 104 -42.04 -10.82 6.95
N ASN C 105 -40.82 -10.79 6.43
CA ASN C 105 -40.60 -10.59 5.02
C ASN C 105 -40.63 -11.88 4.20
N TYR C 106 -40.73 -13.01 4.88
CA TYR C 106 -40.70 -14.29 4.18
C TYR C 106 -41.64 -15.33 4.78
N LEU C 107 -41.49 -15.58 6.07
CA LEU C 107 -42.08 -16.76 6.71
C LEU C 107 -43.58 -16.65 6.96
N ILE C 108 -43.98 -15.78 7.87
CA ILE C 108 -45.40 -15.65 8.22
C ILE C 108 -46.21 -15.17 7.02
N LYS C 109 -45.56 -14.43 6.13
CA LYS C 109 -46.23 -13.88 4.96
C LYS C 109 -46.70 -14.98 4.01
N ASN C 110 -45.78 -15.84 3.59
CA ASN C 110 -46.09 -16.89 2.62
C ASN C 110 -47.09 -17.93 3.16
N CYS C 111 -47.28 -17.96 4.48
CA CYS C 111 -48.14 -18.96 5.09
C CYS C 111 -49.61 -18.79 4.68
N SER C 112 -50.21 -19.88 4.22
CA SER C 112 -51.59 -19.86 3.75
C SER C 112 -52.58 -20.08 4.89
N GLU C 113 -53.80 -20.48 4.54
CA GLU C 113 -54.85 -20.68 5.52
C GLU C 113 -54.82 -22.08 6.11
N THR C 114 -54.51 -23.08 5.29
CA THR C 114 -54.51 -24.47 5.73
C THR C 114 -53.18 -24.85 6.40
N GLN C 115 -52.31 -23.88 6.55
CA GLN C 115 -51.01 -24.10 7.19
C GLN C 115 -51.01 -23.53 8.60
N TYR C 116 -52.01 -23.93 9.40
CA TYR C 116 -52.14 -23.46 10.77
C TYR C 116 -50.94 -23.87 11.64
N GLU C 117 -50.34 -25.00 11.32
CA GLU C 117 -49.23 -25.53 12.11
C GLU C 117 -47.96 -24.69 11.97
N SER C 118 -47.69 -24.20 10.77
CA SER C 118 -46.51 -23.38 10.52
C SER C 118 -46.67 -21.93 11.00
N LYS C 119 -47.87 -21.39 10.83
CA LYS C 119 -48.13 -19.99 11.17
C LYS C 119 -47.93 -19.74 12.66
N VAL C 120 -48.59 -20.54 13.48
CA VAL C 120 -48.52 -20.39 14.94
C VAL C 120 -47.09 -20.54 15.41
N PHE C 121 -46.35 -21.45 14.78
CA PHE C 121 -44.95 -21.67 15.12
C PHE C 121 -44.13 -20.41 14.86
N TYR C 122 -44.26 -19.87 13.65
CA TYR C 122 -43.55 -18.65 13.28
C TYR C 122 -43.97 -17.46 14.15
N LEU C 123 -45.26 -17.36 14.43
CA LEU C 123 -45.77 -16.27 15.27
C LEU C 123 -45.20 -16.39 16.68
N LYS C 124 -45.22 -17.61 17.22
CA LYS C 124 -44.65 -17.87 18.54
C LYS C 124 -43.20 -17.43 18.60
N MET C 125 -42.45 -17.68 17.53
CA MET C 125 -41.06 -17.26 17.44
C MET C 125 -40.96 -15.74 17.47
N LYS C 126 -41.83 -15.08 16.71
CA LYS C 126 -41.85 -13.62 16.64
C LYS C 126 -42.09 -13.02 18.02
N GLY C 127 -43.01 -13.62 18.76
CA GLY C 127 -43.30 -13.19 20.11
C GLY C 127 -42.13 -13.42 21.05
N ASP C 128 -41.38 -14.49 20.80
CA ASP C 128 -40.23 -14.83 21.63
C ASP C 128 -39.10 -13.82 21.49
N TYR C 129 -38.71 -13.55 20.25
CA TYR C 129 -37.59 -12.67 19.96
C TYR C 129 -37.89 -11.21 20.30
N TYR C 130 -39.17 -10.87 20.43
CA TYR C 130 -39.54 -9.56 20.93
C TYR C 130 -39.44 -9.54 22.44
N ARG C 131 -39.68 -10.71 23.05
CA ARG C 131 -39.55 -10.86 24.49
C ARG C 131 -38.10 -10.73 24.93
N TYR C 132 -37.20 -11.24 24.09
CA TYR C 132 -35.76 -11.16 24.36
C TYR C 132 -35.33 -9.70 24.38
N LEU C 133 -35.87 -8.91 23.46
CA LEU C 133 -35.57 -7.48 23.38
C LEU C 133 -36.11 -6.74 24.59
N ALA C 134 -37.29 -7.15 25.06
CA ALA C 134 -37.94 -6.49 26.19
C ALA C 134 -37.20 -6.74 27.49
N GLU C 135 -36.27 -7.69 27.47
CA GLU C 135 -35.53 -8.04 28.67
C GLU C 135 -34.31 -7.13 28.85
N VAL C 136 -33.82 -6.58 27.75
CA VAL C 136 -32.65 -5.71 27.79
C VAL C 136 -33.02 -4.26 27.52
N ALA C 137 -34.30 -4.02 27.25
CA ALA C 137 -34.79 -2.69 26.91
C ALA C 137 -35.39 -1.98 28.11
N THR C 138 -35.49 -0.65 28.02
CA THR C 138 -36.06 0.17 29.10
C THR C 138 -36.92 1.30 28.52
N GLY C 139 -37.58 2.05 29.41
CA GLY C 139 -38.36 3.20 29.01
C GLY C 139 -39.40 2.92 27.93
N GLU C 140 -39.62 3.90 27.06
CA GLU C 140 -40.57 3.76 25.97
C GLU C 140 -40.16 2.65 25.00
N LYS C 141 -38.85 2.40 24.91
CA LYS C 141 -38.34 1.35 24.04
C LYS C 141 -38.82 -0.02 24.51
N ARG C 142 -38.74 -0.27 25.81
CA ARG C 142 -39.21 -1.53 26.36
C ARG C 142 -40.70 -1.71 26.11
N ALA C 143 -41.47 -0.65 26.38
CA ALA C 143 -42.92 -0.70 26.23
C ALA C 143 -43.34 -1.07 24.81
N THR C 144 -42.56 -0.63 23.83
CA THR C 144 -42.84 -0.91 22.43
C THR C 144 -42.70 -2.39 22.11
N VAL C 145 -41.51 -2.95 22.36
CA VAL C 145 -41.22 -4.34 22.03
C VAL C 145 -42.11 -5.31 22.81
N VAL C 146 -42.50 -4.90 24.02
CA VAL C 146 -43.41 -5.70 24.84
C VAL C 146 -44.78 -5.78 24.19
N GLU C 147 -45.21 -4.67 23.58
CA GLU C 147 -46.51 -4.63 22.92
C GLU C 147 -46.49 -5.45 21.64
N SER C 148 -45.36 -5.43 20.93
CA SER C 148 -45.20 -6.22 19.71
C SER C 148 -45.19 -7.70 20.04
N SER C 149 -44.70 -8.03 21.24
CA SER C 149 -44.62 -9.40 21.70
C SER C 149 -45.99 -9.96 22.02
N GLU C 150 -46.74 -9.21 22.83
CA GLU C 150 -48.11 -9.59 23.17
C GLU C 150 -48.95 -9.78 21.92
N LYS C 151 -48.69 -8.95 20.92
CA LYS C 151 -49.44 -9.00 19.66
C LYS C 151 -49.18 -10.29 18.91
N ALA C 152 -47.92 -10.70 18.88
CA ALA C 152 -47.52 -11.92 18.17
C ALA C 152 -48.01 -13.17 18.91
N TYR C 153 -47.88 -13.15 20.23
CA TYR C 153 -48.35 -14.26 21.07
C TYR C 153 -49.86 -14.42 20.98
N SER C 154 -50.57 -13.31 21.10
CA SER C 154 -52.04 -13.32 21.15
C SER C 154 -52.64 -13.89 19.87
N GLU C 155 -52.10 -13.49 18.73
CA GLU C 155 -52.59 -13.99 17.45
C GLU C 155 -52.31 -15.48 17.31
N ALA C 156 -51.12 -15.89 17.75
CA ALA C 156 -50.72 -17.28 17.68
C ALA C 156 -51.58 -18.16 18.57
N HIS C 157 -52.04 -17.60 19.69
CA HIS C 157 -52.87 -18.33 20.63
C HIS C 157 -54.30 -18.43 20.14
N GLU C 158 -54.65 -17.63 19.14
CA GLU C 158 -55.98 -17.68 18.54
C GLU C 158 -56.06 -18.79 17.49
N ILE C 159 -55.05 -18.85 16.63
CA ILE C 159 -55.00 -19.86 15.57
C ILE C 159 -54.96 -21.26 16.14
N SER C 160 -54.08 -21.46 17.12
CA SER C 160 -53.91 -22.76 17.75
C SER C 160 -55.17 -23.18 18.51
N LYS C 161 -55.87 -22.22 19.08
CA LYS C 161 -57.08 -22.51 19.84
C LYS C 161 -58.20 -23.06 18.96
N GLU C 162 -58.15 -22.73 17.66
CA GLU C 162 -59.25 -23.06 16.78
C GLU C 162 -58.92 -24.15 15.77
N HIS C 163 -57.62 -24.38 15.54
CA HIS C 163 -57.21 -25.32 14.49
C HIS C 163 -56.14 -26.30 14.95
N MET C 164 -55.91 -26.38 16.25
CA MET C 164 -54.93 -27.33 16.79
C MET C 164 -55.49 -28.07 18.00
N GLN C 165 -55.09 -29.32 18.16
CA GLN C 165 -55.46 -30.09 19.33
C GLN C 165 -54.77 -29.51 20.56
N PRO C 166 -55.48 -29.47 21.70
CA PRO C 166 -54.97 -28.86 22.93
C PRO C 166 -53.67 -29.50 23.42
N THR C 167 -53.32 -30.65 22.84
CA THR C 167 -52.13 -31.38 23.25
C THR C 167 -50.98 -31.20 22.28
N HIS C 168 -51.23 -30.44 21.21
CA HIS C 168 -50.20 -30.19 20.20
C HIS C 168 -49.01 -29.46 20.80
N PRO C 169 -47.80 -29.97 20.54
CA PRO C 169 -46.55 -29.42 21.08
C PRO C 169 -46.37 -27.94 20.77
N ILE C 170 -46.74 -27.53 19.57
CA ILE C 170 -46.66 -26.12 19.18
C ILE C 170 -47.60 -25.29 20.05
N ARG C 171 -48.79 -25.81 20.30
CA ARG C 171 -49.79 -25.10 21.09
C ARG C 171 -49.42 -25.12 22.58
N LEU C 172 -48.92 -26.25 23.05
CA LEU C 172 -48.48 -26.36 24.43
C LEU C 172 -47.24 -25.51 24.67
N GLY C 173 -46.34 -25.50 23.69
CA GLY C 173 -45.14 -24.70 23.78
C GLY C 173 -45.46 -23.23 23.79
N LEU C 174 -46.38 -22.82 22.93
CA LEU C 174 -46.80 -21.43 22.84
C LEU C 174 -47.42 -20.95 24.15
N ALA C 175 -48.18 -21.84 24.79
CA ALA C 175 -48.78 -21.53 26.08
C ALA C 175 -47.71 -21.32 27.15
N LEU C 176 -46.61 -22.06 27.02
CA LEU C 176 -45.50 -21.97 27.96
C LEU C 176 -44.81 -20.61 27.84
N ASN C 177 -44.34 -20.29 26.63
CA ASN C 177 -43.70 -19.02 26.37
C ASN C 177 -44.60 -17.83 26.69
N TYR C 178 -45.89 -17.98 26.39
CA TYR C 178 -46.87 -16.92 26.62
C TYR C 178 -47.05 -16.64 28.10
N SER C 179 -47.26 -17.70 28.87
CA SER C 179 -47.47 -17.58 30.32
C SER C 179 -46.22 -17.02 31.01
N VAL C 180 -45.06 -17.50 30.57
CA VAL C 180 -43.79 -16.99 31.08
C VAL C 180 -43.66 -15.49 30.79
N PHE C 181 -44.17 -15.09 29.63
CA PHE C 181 -44.17 -13.69 29.23
C PHE C 181 -44.99 -12.84 30.20
N TYR C 182 -46.18 -13.32 30.54
CA TYR C 182 -47.07 -12.61 31.45
C TYR C 182 -46.43 -12.46 32.83
N TYR C 183 -45.71 -13.48 33.26
CA TYR C 183 -45.12 -13.47 34.60
C TYR C 183 -43.87 -12.61 34.66
N GLU C 184 -42.86 -12.99 33.87
CA GLU C 184 -41.58 -12.31 33.86
C GLU C 184 -41.67 -10.87 33.36
N ILE C 185 -42.13 -10.71 32.11
CA ILE C 185 -42.13 -9.40 31.46
C ILE C 185 -43.31 -8.53 31.89
N GLN C 186 -44.52 -8.96 31.56
CA GLN C 186 -45.72 -8.20 31.90
C GLN C 186 -45.90 -8.04 33.40
N ASN C 187 -45.41 -9.01 34.16
CA ASN C 187 -45.59 -9.04 35.60
C ASN C 187 -47.07 -9.08 35.98
N ALA C 188 -47.80 -9.99 35.34
CA ALA C 188 -49.21 -10.21 35.66
C ALA C 188 -49.42 -11.66 36.08
N PRO C 189 -48.96 -11.99 37.29
CA PRO C 189 -49.02 -13.36 37.84
C PRO C 189 -50.42 -13.95 37.79
N GLU C 190 -51.44 -13.09 37.76
CA GLU C 190 -52.82 -13.54 37.60
C GLU C 190 -53.02 -14.16 36.23
N GLN C 191 -52.84 -13.34 35.19
CA GLN C 191 -52.97 -13.80 33.81
C GLN C 191 -51.94 -14.87 33.49
N ALA C 192 -50.81 -14.83 34.19
CA ALA C 192 -49.74 -15.79 33.98
C ALA C 192 -50.17 -17.19 34.42
N CYS C 193 -50.76 -17.29 35.61
CA CYS C 193 -51.18 -18.59 36.14
C CYS C 193 -52.42 -19.13 35.44
N HIS C 194 -53.34 -18.23 35.11
CA HIS C 194 -54.59 -18.65 34.47
C HIS C 194 -54.31 -19.29 33.11
N LEU C 195 -53.43 -18.68 32.32
CA LEU C 195 -53.09 -19.22 31.01
C LEU C 195 -52.34 -20.55 31.13
N ALA C 196 -51.41 -20.62 32.07
CA ALA C 196 -50.67 -21.84 32.33
C ALA C 196 -51.59 -22.94 32.85
N LYS C 197 -52.58 -22.54 33.63
CA LYS C 197 -53.55 -23.48 34.20
C LYS C 197 -54.47 -24.03 33.11
N THR C 198 -55.10 -23.11 32.36
CA THR C 198 -56.05 -23.47 31.32
C THR C 198 -55.42 -24.35 30.25
N ALA C 199 -54.20 -24.02 29.87
CA ALA C 199 -53.49 -24.76 28.83
C ALA C 199 -53.13 -26.16 29.31
N PHE C 200 -53.20 -26.38 30.62
CA PHE C 200 -52.87 -27.67 31.19
C PHE C 200 -54.11 -28.54 31.30
N ASP C 201 -55.17 -27.98 31.87
CA ASP C 201 -56.43 -28.69 32.04
C ASP C 201 -57.07 -29.01 30.70
N ASP C 202 -56.84 -28.16 29.71
CA ASP C 202 -57.40 -28.35 28.38
C ASP C 202 -56.70 -29.49 27.65
N ALA C 203 -55.51 -29.85 28.13
CA ALA C 203 -54.75 -30.97 27.55
C ALA C 203 -55.14 -32.28 28.20
N ILE C 204 -55.56 -32.21 29.47
CA ILE C 204 -55.99 -33.39 30.20
C ILE C 204 -57.35 -33.86 29.69
N ALA C 205 -58.26 -32.90 29.51
CA ALA C 205 -59.60 -33.19 29.03
C ALA C 205 -59.58 -33.70 27.59
N GLU C 206 -58.39 -33.68 26.99
CA GLU C 206 -58.18 -34.21 25.65
C GLU C 206 -56.89 -35.02 25.61
N LEU C 207 -56.69 -35.86 26.62
CA LEU C 207 -55.47 -36.63 26.75
C LEU C 207 -55.51 -37.86 25.84
N ASP C 208 -56.70 -38.19 25.36
CA ASP C 208 -56.86 -39.31 24.42
C ASP C 208 -56.36 -38.94 23.03
N THR C 209 -56.16 -37.64 22.83
CA THR C 209 -55.78 -37.12 21.52
C THR C 209 -54.26 -37.10 21.34
N LEU C 210 -53.54 -37.71 22.28
CA LEU C 210 -52.09 -37.76 22.21
C LEU C 210 -51.60 -38.58 21.03
N ASN C 211 -50.60 -38.06 20.32
CA ASN C 211 -50.06 -38.71 19.14
C ASN C 211 -48.95 -39.68 19.50
N GLU C 212 -48.97 -40.87 18.89
CA GLU C 212 -48.00 -41.93 19.16
C GLU C 212 -46.55 -41.49 18.93
N ASP C 213 -46.38 -40.34 18.29
CA ASP C 213 -45.04 -39.83 18.00
C ASP C 213 -44.66 -38.69 18.94
N SER C 214 -45.56 -37.74 19.10
CA SER C 214 -45.24 -36.51 19.84
C SER C 214 -45.64 -36.56 21.31
N TYR C 215 -46.13 -37.70 21.77
CA TYR C 215 -46.67 -37.80 23.13
C TYR C 215 -45.59 -37.52 24.17
N LYS C 216 -44.35 -37.88 23.86
CA LYS C 216 -43.23 -37.55 24.73
C LYS C 216 -43.02 -36.04 24.78
N ASP C 217 -43.10 -35.40 23.62
CA ASP C 217 -42.89 -33.96 23.51
C ASP C 217 -43.94 -33.18 24.29
N SER C 218 -45.20 -33.58 24.12
CA SER C 218 -46.32 -32.89 24.75
C SER C 218 -46.31 -33.02 26.27
N THR C 219 -46.20 -34.25 26.76
CA THR C 219 -46.20 -34.52 28.20
C THR C 219 -45.06 -33.81 28.90
N LEU C 220 -43.94 -33.66 28.21
CA LEU C 220 -42.79 -32.96 28.75
C LEU C 220 -43.08 -31.48 28.99
N ILE C 221 -43.70 -30.84 28.00
CA ILE C 221 -44.06 -29.43 28.08
C ILE C 221 -45.11 -29.21 29.18
N MET C 222 -45.97 -30.20 29.35
CA MET C 222 -47.02 -30.15 30.37
C MET C 222 -46.42 -30.13 31.76
N GLN C 223 -45.36 -30.91 31.96
CA GLN C 223 -44.65 -30.94 33.24
C GLN C 223 -44.10 -29.56 33.56
N LEU C 224 -43.52 -28.91 32.56
CA LEU C 224 -42.96 -27.57 32.71
C LEU C 224 -44.04 -26.57 33.14
N LEU C 225 -45.24 -26.75 32.60
CA LEU C 225 -46.38 -25.91 32.95
C LEU C 225 -46.73 -26.02 34.43
N ARG C 226 -46.79 -27.25 34.93
CA ARG C 226 -47.09 -27.49 36.34
C ARG C 226 -45.91 -27.12 37.22
N ASP C 227 -44.70 -27.34 36.70
CA ASP C 227 -43.49 -26.95 37.42
C ASP C 227 -43.49 -25.44 37.67
N ASN C 228 -43.70 -24.67 36.61
CA ASN C 228 -43.79 -23.22 36.72
C ASN C 228 -44.95 -22.81 37.63
N LEU C 229 -46.11 -23.44 37.43
CA LEU C 229 -47.31 -23.12 38.20
C LEU C 229 -47.09 -23.24 39.70
N THR C 230 -46.15 -24.10 40.10
CA THR C 230 -45.83 -24.25 41.51
C THR C 230 -45.02 -23.05 42.00
N LEU C 231 -44.05 -22.62 41.19
CA LEU C 231 -43.22 -21.47 41.51
C LEU C 231 -44.05 -20.19 41.65
N TRP C 232 -44.99 -20.02 40.73
CA TRP C 232 -45.76 -18.78 40.63
C TRP C 232 -46.84 -18.68 41.71
N THR C 233 -47.22 -19.81 42.30
CA THR C 233 -48.23 -19.81 43.34
C THR C 233 -47.61 -19.77 44.73
N SER C 234 -46.30 -19.98 44.80
CA SER C 234 -45.58 -19.91 46.07
C SER C 234 -44.99 -18.53 46.29
N ASP C 235 -44.63 -17.87 45.20
CA ASP C 235 -44.05 -16.52 45.27
C ASP C 235 -45.08 -15.49 45.72
N GLN C 236 -46.34 -15.70 45.33
CA GLN C 236 -47.41 -14.76 45.65
C GLN C 236 -47.76 -14.79 47.14
N GLN C 237 -47.23 -15.79 47.85
CA GLN C 237 -47.51 -15.94 49.27
C GLN C 237 -46.61 -15.05 50.13
N ASP C 238 -45.33 -14.97 49.74
CA ASP C 238 -44.34 -14.21 50.49
C ASP C 238 -44.74 -12.74 50.63
N VAL D 1 -2.41 -19.83 6.29
CA VAL D 1 -1.88 -18.50 6.53
C VAL D 1 -1.07 -18.02 5.33
N ASP D 2 -1.75 -17.41 4.38
CA ASP D 2 -1.13 -16.95 3.15
C ASP D 2 -0.83 -15.45 3.23
N ARG D 3 0.44 -15.10 3.06
CA ARG D 3 0.86 -13.71 3.12
C ARG D 3 0.30 -12.90 1.95
N GLU D 4 0.63 -13.32 0.73
CA GLU D 4 0.22 -12.62 -0.48
C GLU D 4 -1.30 -12.58 -0.62
N GLN D 5 -1.98 -13.40 0.17
CA GLN D 5 -3.44 -13.32 0.29
C GLN D 5 -3.82 -12.05 1.03
N LEU D 6 -3.10 -11.76 2.11
CA LEU D 6 -3.36 -10.58 2.93
C LEU D 6 -3.03 -9.29 2.19
N VAL D 7 -1.84 -9.22 1.61
CA VAL D 7 -1.39 -8.05 0.89
C VAL D 7 -2.35 -7.70 -0.25
N GLN D 8 -3.03 -8.73 -0.78
CA GLN D 8 -4.07 -8.53 -1.78
C GLN D 8 -5.30 -7.88 -1.14
N LYS D 9 -5.67 -8.36 0.04
CA LYS D 9 -6.80 -7.82 0.79
C LYS D 9 -6.54 -6.37 1.16
N ALA D 10 -5.29 -6.03 1.48
CA ALA D 10 -4.93 -4.67 1.82
C ALA D 10 -5.18 -3.74 0.64
N ARG D 11 -4.69 -4.15 -0.53
CA ARG D 11 -4.92 -3.38 -1.76
C ARG D 11 -6.40 -3.28 -2.07
N LEU D 12 -7.08 -4.42 -1.99
CA LEU D 12 -8.52 -4.48 -2.26
C LEU D 12 -9.29 -3.58 -1.30
N ALA D 13 -8.84 -3.52 -0.05
CA ALA D 13 -9.48 -2.67 0.96
C ALA D 13 -9.19 -1.20 0.70
N GLU D 14 -7.97 -0.91 0.25
CA GLU D 14 -7.58 0.46 -0.06
C GLU D 14 -8.47 1.05 -1.15
N GLN D 15 -8.88 0.21 -2.10
CA GLN D 15 -9.72 0.65 -3.20
C GLN D 15 -11.13 0.98 -2.70
N ALA D 16 -11.66 0.11 -1.85
CA ALA D 16 -13.00 0.30 -1.29
C ALA D 16 -13.01 1.36 -0.20
N GLU D 17 -11.84 1.95 0.05
CA GLU D 17 -11.72 3.00 1.07
C GLU D 17 -12.09 2.49 2.45
N ARG D 18 -11.70 1.25 2.72
CA ARG D 18 -11.91 0.65 4.03
C ARG D 18 -10.56 0.48 4.73
N TYR D 19 -10.15 1.52 5.44
CA TYR D 19 -8.81 1.56 6.03
C TYR D 19 -8.73 0.86 7.37
N ASP D 20 -9.87 0.45 7.91
CA ASP D 20 -9.87 -0.38 9.11
C ASP D 20 -9.47 -1.79 8.72
N ASP D 21 -10.00 -2.26 7.59
CA ASP D 21 -9.66 -3.58 7.06
C ASP D 21 -8.27 -3.59 6.46
N MET D 22 -7.87 -2.46 5.89
CA MET D 22 -6.55 -2.34 5.29
C MET D 22 -5.47 -2.35 6.35
N ALA D 23 -5.68 -1.60 7.42
CA ALA D 23 -4.73 -1.57 8.52
C ALA D 23 -4.65 -2.94 9.18
N ALA D 24 -5.81 -3.58 9.36
CA ALA D 24 -5.87 -4.91 9.95
C ALA D 24 -5.04 -5.91 9.16
N ALA D 25 -5.30 -5.98 7.86
CA ALA D 25 -4.60 -6.89 6.96
C ALA D 25 -3.09 -6.69 7.02
N MET D 26 -2.66 -5.43 6.97
CA MET D 26 -1.24 -5.11 6.96
C MET D 26 -0.57 -5.36 8.30
N LYS D 27 -1.33 -5.24 9.40
CA LYS D 27 -0.77 -5.54 10.72
C LYS D 27 -0.49 -7.03 10.83
N ASN D 28 -1.39 -7.83 10.29
CA ASN D 28 -1.22 -9.28 10.29
C ASN D 28 0.02 -9.69 9.51
N VAL D 29 0.27 -9.01 8.39
CA VAL D 29 1.46 -9.27 7.59
C VAL D 29 2.74 -8.98 8.38
N THR D 30 2.75 -7.85 9.07
CA THR D 30 3.92 -7.44 9.84
C THR D 30 4.16 -8.43 10.98
N GLU D 31 3.09 -9.04 11.48
CA GLU D 31 3.20 -10.00 12.57
C GLU D 31 3.85 -11.29 12.12
N LEU D 32 4.01 -11.47 10.81
CA LEU D 32 4.66 -12.66 10.30
C LEU D 32 6.18 -12.55 10.46
N ASN D 33 6.64 -11.44 11.02
CA ASN D 33 8.04 -11.24 11.37
C ASN D 33 8.97 -11.23 10.14
N GLU D 34 8.41 -10.99 8.97
CA GLU D 34 9.21 -10.87 7.75
C GLU D 34 9.20 -9.44 7.22
N PRO D 35 10.36 -8.98 6.72
CA PRO D 35 10.56 -7.62 6.22
C PRO D 35 9.55 -7.21 5.14
N LEU D 36 9.15 -5.95 5.16
CA LEU D 36 8.19 -5.42 4.20
C LEU D 36 8.89 -4.82 2.98
N SER D 37 8.31 -5.06 1.80
CA SER D 37 8.82 -4.46 0.57
C SER D 37 8.50 -2.97 0.54
N ASN D 38 9.00 -2.28 -0.46
CA ASN D 38 8.71 -0.85 -0.61
C ASN D 38 7.22 -0.62 -0.81
N GLU D 39 6.55 -1.57 -1.45
CA GLU D 39 5.11 -1.47 -1.68
C GLU D 39 4.33 -1.78 -0.40
N GLU D 40 4.85 -2.73 0.36
CA GLU D 40 4.21 -3.16 1.60
C GLU D 40 4.46 -2.17 2.73
N ARG D 41 5.62 -1.50 2.69
CA ARG D 41 5.88 -0.40 3.62
C ARG D 41 4.83 0.69 3.40
N ASN D 42 4.52 0.94 2.13
CA ASN D 42 3.58 1.99 1.75
C ASN D 42 2.14 1.63 2.15
N LEU D 43 1.70 0.43 1.78
CA LEU D 43 0.36 -0.05 2.14
C LEU D 43 0.07 0.05 3.63
N LEU D 44 1.13 -0.08 4.45
CA LEU D 44 0.98 0.02 5.89
C LEU D 44 0.84 1.48 6.33
N SER D 45 1.73 2.33 5.81
CA SER D 45 1.72 3.75 6.14
C SER D 45 0.40 4.40 5.72
N VAL D 46 -0.03 4.10 4.50
CA VAL D 46 -1.28 4.63 3.97
C VAL D 46 -2.45 4.22 4.86
N ALA D 47 -2.55 2.91 5.11
CA ALA D 47 -3.64 2.34 5.88
C ALA D 47 -3.82 3.02 7.23
N TYR D 48 -2.77 3.03 8.03
CA TYR D 48 -2.86 3.59 9.38
C TYR D 48 -2.96 5.11 9.40
N LYS D 49 -2.28 5.77 8.46
CA LYS D 49 -2.34 7.23 8.37
C LYS D 49 -3.78 7.70 8.15
N ASN D 50 -4.53 6.93 7.38
CA ASN D 50 -5.94 7.21 7.16
C ASN D 50 -6.76 6.97 8.42
N VAL D 51 -6.49 5.85 9.09
CA VAL D 51 -7.23 5.48 10.29
C VAL D 51 -7.05 6.52 11.38
N VAL D 52 -5.82 7.01 11.55
CA VAL D 52 -5.56 8.01 12.58
C VAL D 52 -5.87 9.42 12.09
N GLY D 53 -5.72 9.63 10.78
CA GLY D 53 -5.97 10.92 10.18
C GLY D 53 -7.41 11.36 10.29
N ALA D 54 -8.33 10.39 10.15
CA ALA D 54 -9.75 10.66 10.28
C ALA D 54 -10.12 11.00 11.72
N ARG D 55 -9.36 10.45 12.67
CA ARG D 55 -9.58 10.74 14.08
C ARG D 55 -9.08 12.13 14.44
N ARG D 56 -7.92 12.49 13.89
CA ARG D 56 -7.34 13.81 14.10
C ARG D 56 -8.23 14.90 13.50
N SER D 57 -8.72 14.65 12.30
CA SER D 57 -9.66 15.57 11.66
C SER D 57 -10.91 15.74 12.51
N SER D 58 -11.44 14.63 12.99
CA SER D 58 -12.65 14.66 13.83
C SER D 58 -12.36 15.31 15.19
N TRP D 59 -11.12 15.23 15.64
CA TRP D 59 -10.74 15.83 16.92
C TRP D 59 -10.67 17.35 16.82
N ARG D 60 -10.08 17.84 15.73
CA ARG D 60 -9.94 19.28 15.53
C ARG D 60 -11.28 19.98 15.44
N VAL D 61 -12.27 19.28 14.88
CA VAL D 61 -13.61 19.84 14.73
C VAL D 61 -14.34 19.95 16.07
N ILE D 62 -14.15 18.96 16.93
CA ILE D 62 -14.78 18.96 18.25
C ILE D 62 -14.10 19.98 19.15
N SER D 63 -12.79 20.14 18.98
CA SER D 63 -12.04 21.13 19.75
C SER D 63 -12.49 22.53 19.37
N SER D 64 -12.64 22.77 18.07
CA SER D 64 -13.09 24.06 17.57
C SER D 64 -14.46 24.42 18.12
N ILE D 65 -15.37 23.46 18.10
CA ILE D 65 -16.72 23.65 18.60
C ILE D 65 -16.71 23.81 20.12
N GLU D 66 -15.67 23.30 20.75
CA GLU D 66 -15.54 23.40 22.20
C GLU D 66 -14.90 24.71 22.62
N GLN D 67 -14.17 25.34 21.70
CA GLN D 67 -13.57 26.64 21.96
C GLN D 67 -14.62 27.73 21.88
N LYS D 68 -15.57 27.55 20.97
CA LYS D 68 -16.56 28.58 20.69
C LYS D 68 -17.75 28.54 21.65
N THR D 69 -18.32 27.36 21.84
CA THR D 69 -19.48 27.21 22.71
C THR D 69 -19.08 27.33 24.19
N SER D 70 -17.78 27.33 24.45
CA SER D 70 -17.28 27.45 25.81
C SER D 70 -17.58 28.83 26.38
N ALA D 71 -17.33 29.86 25.57
CA ALA D 71 -17.61 31.23 25.98
C ALA D 71 -19.12 31.49 25.97
N ASP D 72 -19.88 30.52 25.50
CA ASP D 72 -21.33 30.62 25.47
C ASP D 72 -21.91 30.41 26.87
N GLY D 73 -21.31 29.48 27.61
CA GLY D 73 -21.67 29.25 29.01
C GLY D 73 -22.81 28.27 29.24
N ASN D 74 -22.99 27.35 28.30
CA ASN D 74 -24.03 26.33 28.44
C ASN D 74 -23.45 25.04 29.03
N GLU D 75 -23.64 24.86 30.33
CA GLU D 75 -23.04 23.76 31.07
C GLU D 75 -23.22 22.38 30.43
N LYS D 76 -24.48 21.96 30.33
CA LYS D 76 -24.80 20.61 29.87
C LYS D 76 -24.32 20.35 28.44
N LYS D 77 -24.29 21.39 27.61
CA LYS D 77 -23.85 21.25 26.24
C LYS D 77 -22.33 21.06 26.16
N ILE D 78 -21.60 21.90 26.89
CA ILE D 78 -20.14 21.81 26.92
C ILE D 78 -19.67 20.44 27.40
N GLU D 79 -20.35 19.90 28.41
CA GLU D 79 -19.96 18.63 29.00
C GLU D 79 -19.91 17.51 27.96
N MET D 80 -20.97 17.38 27.17
CA MET D 80 -21.06 16.30 26.21
C MET D 80 -20.07 16.48 25.07
N VAL D 81 -19.79 17.73 24.73
CA VAL D 81 -18.77 18.03 23.72
C VAL D 81 -17.40 17.55 24.21
N ARG D 82 -17.04 17.95 25.43
CA ARG D 82 -15.77 17.54 26.02
C ARG D 82 -15.73 16.02 26.19
N ALA D 83 -16.88 15.45 26.50
CA ALA D 83 -17.00 14.01 26.65
C ALA D 83 -16.84 13.30 25.30
N TYR D 84 -17.35 13.93 24.25
CA TYR D 84 -17.22 13.36 22.91
C TYR D 84 -15.80 13.53 22.41
N ARG D 85 -15.19 14.65 22.75
CA ARG D 85 -13.78 14.88 22.42
C ARG D 85 -12.92 13.84 23.12
N GLU D 86 -13.29 13.51 24.35
CA GLU D 86 -12.59 12.49 25.11
C GLU D 86 -12.76 11.12 24.48
N LYS D 87 -13.92 10.90 23.87
CA LYS D 87 -14.21 9.64 23.20
C LYS D 87 -13.26 9.43 22.03
N ILE D 88 -13.13 10.46 21.21
CA ILE D 88 -12.29 10.40 20.02
C ILE D 88 -10.81 10.37 20.37
N GLU D 89 -10.44 11.05 21.44
CA GLU D 89 -9.03 11.07 21.88
C GLU D 89 -8.57 9.66 22.23
N LYS D 90 -9.43 8.92 22.91
CA LYS D 90 -9.11 7.57 23.35
C LYS D 90 -9.02 6.62 22.15
N GLU D 91 -9.82 6.89 21.11
CA GLU D 91 -9.74 6.10 19.89
C GLU D 91 -8.43 6.40 19.17
N LEU D 92 -8.00 7.65 19.25
CA LEU D 92 -6.77 8.08 18.60
C LEU D 92 -5.56 7.49 19.30
N GLU D 93 -5.52 7.67 20.63
CA GLU D 93 -4.43 7.12 21.43
C GLU D 93 -4.32 5.61 21.23
N ALA D 94 -5.46 4.96 21.01
CA ALA D 94 -5.48 3.51 20.85
C ALA D 94 -4.80 3.08 19.56
N VAL D 95 -4.99 3.85 18.49
CA VAL D 95 -4.39 3.53 17.19
C VAL D 95 -2.90 3.83 17.19
N CYS D 96 -2.50 4.93 17.81
CA CYS D 96 -1.10 5.31 17.87
C CYS D 96 -0.27 4.27 18.60
N GLN D 97 -0.78 3.81 19.75
CA GLN D 97 -0.09 2.79 20.53
C GLN D 97 -0.01 1.48 19.75
N ASP D 98 -1.02 1.23 18.94
CA ASP D 98 -1.08 0.01 18.13
C ASP D 98 0.03 0.01 17.08
N VAL D 99 0.22 1.14 16.41
CA VAL D 99 1.26 1.28 15.40
C VAL D 99 2.64 1.29 16.04
N LEU D 100 2.77 2.03 17.14
CA LEU D 100 4.04 2.15 17.85
C LEU D 100 4.52 0.79 18.38
N SER D 101 3.57 -0.07 18.76
CA SER D 101 3.91 -1.42 19.16
C SER D 101 4.38 -2.24 17.97
N LEU D 102 3.71 -2.06 16.84
CA LEU D 102 4.12 -2.71 15.60
C LEU D 102 5.50 -2.25 15.16
N LEU D 103 5.81 -0.98 15.42
CA LEU D 103 7.10 -0.41 15.07
C LEU D 103 8.21 -0.89 15.99
N ASP D 104 8.02 -0.70 17.29
CA ASP D 104 9.06 -0.98 18.27
C ASP D 104 9.39 -2.47 18.42
N ASN D 105 8.44 -3.32 18.05
CA ASN D 105 8.60 -4.75 18.32
C ASN D 105 8.68 -5.64 17.08
N TYR D 106 8.32 -5.09 15.92
CA TYR D 106 8.31 -5.88 14.71
C TYR D 106 9.19 -5.28 13.60
N LEU D 107 9.13 -3.96 13.46
CA LEU D 107 9.72 -3.30 12.30
C LEU D 107 11.11 -2.71 12.55
N ILE D 108 11.17 -1.67 13.38
CA ILE D 108 12.42 -0.97 13.64
C ILE D 108 13.48 -1.91 14.21
N LYS D 109 13.07 -2.75 15.14
CA LYS D 109 14.00 -3.65 15.83
C LYS D 109 14.69 -4.60 14.86
N ASN D 110 13.92 -5.20 13.96
CA ASN D 110 14.45 -6.19 13.02
C ASN D 110 14.98 -5.57 11.73
N CYS D 111 15.69 -4.47 11.86
CA CYS D 111 16.30 -3.82 10.70
C CYS D 111 17.81 -3.71 10.86
N SER D 112 18.55 -4.46 10.04
CA SER D 112 20.00 -4.43 10.08
C SER D 112 20.55 -3.09 9.59
N GLU D 113 21.86 -2.91 9.74
CA GLU D 113 22.50 -1.66 9.35
C GLU D 113 22.75 -1.58 7.84
N THR D 114 22.09 -2.45 7.09
CA THR D 114 22.22 -2.47 5.64
C THR D 114 20.91 -2.06 4.98
N GLN D 115 19.90 -1.85 5.81
CA GLN D 115 18.58 -1.40 5.34
C GLN D 115 18.27 0.00 5.86
N TYR D 116 19.19 0.93 5.62
CA TYR D 116 19.06 2.29 6.12
C TYR D 116 17.76 2.96 5.68
N GLU D 117 17.26 2.58 4.51
CA GLU D 117 16.02 3.17 3.99
C GLU D 117 14.83 2.91 4.92
N SER D 118 14.47 1.65 5.08
CA SER D 118 13.34 1.27 5.93
C SER D 118 13.54 1.74 7.38
N LYS D 119 14.79 1.80 7.81
CA LYS D 119 15.13 2.26 9.15
C LYS D 119 14.63 3.67 9.40
N VAL D 120 14.91 4.58 8.46
CA VAL D 120 14.49 5.97 8.55
C VAL D 120 12.98 6.09 8.43
N PHE D 121 12.40 5.34 7.49
CA PHE D 121 10.97 5.38 7.24
C PHE D 121 10.17 4.99 8.50
N TYR D 122 10.54 3.88 9.12
CA TYR D 122 9.89 3.44 10.34
C TYR D 122 10.15 4.41 11.49
N LEU D 123 11.38 4.92 11.56
CA LEU D 123 11.74 5.91 12.57
C LEU D 123 10.93 7.19 12.42
N LYS D 124 10.60 7.53 11.17
CA LYS D 124 9.76 8.69 10.91
C LYS D 124 8.36 8.44 11.44
N MET D 125 7.80 7.27 11.12
CA MET D 125 6.47 6.91 11.60
C MET D 125 6.40 6.89 13.12
N LYS D 126 7.47 6.42 13.75
CA LYS D 126 7.54 6.38 15.21
C LYS D 126 7.44 7.80 15.76
N GLY D 127 8.04 8.74 15.04
CA GLY D 127 7.98 10.14 15.42
C GLY D 127 6.65 10.77 15.06
N ASP D 128 6.09 10.37 13.92
CA ASP D 128 4.82 10.92 13.46
C ASP D 128 3.69 10.59 14.43
N TYR D 129 3.64 9.34 14.87
CA TYR D 129 2.52 8.88 15.68
C TYR D 129 2.70 9.22 17.15
N TYR D 130 3.93 9.51 17.56
CA TYR D 130 4.17 10.04 18.89
C TYR D 130 3.75 11.51 18.91
N ARG D 131 3.81 12.15 17.75
CA ARG D 131 3.43 13.56 17.62
C ARG D 131 1.91 13.71 17.63
N TYR D 132 1.22 12.74 17.06
CA TYR D 132 -0.24 12.70 17.09
C TYR D 132 -0.72 12.66 18.54
N LEU D 133 -0.02 11.88 19.36
CA LEU D 133 -0.33 11.77 20.78
C LEU D 133 -0.05 13.09 21.51
N ALA D 134 0.98 13.79 21.07
CA ALA D 134 1.35 15.06 21.70
C ALA D 134 0.31 16.14 21.40
N GLU D 135 -0.34 16.03 20.25
CA GLU D 135 -1.33 17.03 19.84
C GLU D 135 -2.54 17.08 20.75
N VAL D 136 -2.79 15.99 21.47
CA VAL D 136 -3.98 15.90 22.33
C VAL D 136 -3.60 15.74 23.79
N ALA D 137 -2.32 15.48 24.06
CA ALA D 137 -1.84 15.26 25.41
C ALA D 137 -1.75 16.56 26.21
N THR D 138 -1.82 16.45 27.53
CA THR D 138 -1.69 17.61 28.41
C THR D 138 -0.86 17.24 29.64
N GLY D 139 -0.47 18.26 30.42
CA GLY D 139 0.30 18.05 31.62
C GLY D 139 1.65 17.39 31.35
N GLU D 140 2.18 16.69 32.36
CA GLU D 140 3.46 16.02 32.24
C GLU D 140 3.38 14.86 31.24
N LYS D 141 2.16 14.43 30.95
CA LYS D 141 1.92 13.38 29.96
C LYS D 141 2.41 13.82 28.59
N ARG D 142 2.04 15.04 28.21
CA ARG D 142 2.43 15.60 26.91
C ARG D 142 3.94 15.70 26.77
N ALA D 143 4.60 16.16 27.84
CA ALA D 143 6.04 16.34 27.82
C ALA D 143 6.76 15.04 27.50
N THR D 144 6.16 13.92 27.92
CA THR D 144 6.74 12.60 27.72
C THR D 144 6.76 12.20 26.24
N VAL D 145 5.64 12.40 25.56
CA VAL D 145 5.54 12.00 24.15
C VAL D 145 6.29 12.95 23.23
N VAL D 146 6.38 14.22 23.62
CA VAL D 146 7.13 15.22 22.86
C VAL D 146 8.60 14.80 22.79
N GLU D 147 9.12 14.31 23.91
CA GLU D 147 10.49 13.82 23.96
C GLU D 147 10.63 12.54 23.18
N SER D 148 9.60 11.70 23.25
CA SER D 148 9.57 10.43 22.54
C SER D 148 9.55 10.66 21.03
N SER D 149 8.78 11.64 20.60
CA SER D 149 8.70 12.00 19.19
C SER D 149 9.99 12.67 18.73
N GLU D 150 10.53 13.54 19.58
CA GLU D 150 11.78 14.24 19.30
C GLU D 150 12.92 13.25 19.13
N LYS D 151 12.94 12.22 19.96
CA LYS D 151 13.99 11.22 19.93
C LYS D 151 13.87 10.32 18.70
N ALA D 152 12.66 10.14 18.20
CA ALA D 152 12.44 9.31 17.02
C ALA D 152 12.90 10.02 15.75
N TYR D 153 12.48 11.27 15.58
CA TYR D 153 12.88 12.06 14.42
C TYR D 153 14.38 12.29 14.38
N SER D 154 14.92 12.72 15.52
CA SER D 154 16.34 13.02 15.66
C SER D 154 17.22 11.89 15.15
N GLU D 155 16.88 10.66 15.52
CA GLU D 155 17.64 9.50 15.08
C GLU D 155 17.40 9.21 13.61
N ALA D 156 16.19 9.47 13.14
CA ALA D 156 15.84 9.27 11.75
C ALA D 156 16.59 10.25 10.85
N HIS D 157 16.96 11.38 11.42
CA HIS D 157 17.69 12.41 10.69
C HIS D 157 19.17 12.05 10.55
N GLU D 158 19.78 11.58 11.64
CA GLU D 158 21.19 11.21 11.64
C GLU D 158 21.52 10.15 10.59
N ILE D 159 20.68 9.11 10.53
CA ILE D 159 20.86 8.05 9.55
C ILE D 159 20.66 8.58 8.14
N SER D 160 19.74 9.54 8.00
CA SER D 160 19.44 10.14 6.71
C SER D 160 20.63 10.95 6.18
N LYS D 161 21.10 11.89 7.00
CA LYS D 161 22.26 12.72 6.66
C LYS D 161 23.43 11.91 6.14
N GLU D 162 23.69 10.78 6.77
CA GLU D 162 24.92 10.04 6.55
C GLU D 162 24.85 9.03 5.41
N HIS D 163 23.65 8.54 5.12
CA HIS D 163 23.50 7.46 4.13
C HIS D 163 22.52 7.77 3.01
N MET D 164 21.93 8.97 3.03
CA MET D 164 20.93 9.32 2.03
C MET D 164 21.13 10.73 1.51
N GLN D 165 21.06 10.88 0.18
CA GLN D 165 21.19 12.20 -0.44
C GLN D 165 19.96 13.04 -0.12
N PRO D 166 20.13 14.37 -0.09
CA PRO D 166 19.04 15.31 0.22
C PRO D 166 17.89 15.25 -0.78
N THR D 167 18.09 14.53 -1.88
CA THR D 167 17.09 14.44 -2.93
C THR D 167 16.22 13.20 -2.80
N HIS D 168 16.39 12.47 -1.71
CA HIS D 168 15.63 11.25 -1.49
C HIS D 168 14.27 11.57 -0.86
N PRO D 169 13.19 11.01 -1.44
CA PRO D 169 11.81 11.25 -1.03
C PRO D 169 11.57 10.96 0.45
N ILE D 170 12.41 10.12 1.04
CA ILE D 170 12.28 9.76 2.45
C ILE D 170 12.94 10.81 3.33
N ARG D 171 14.10 11.30 2.90
CA ARG D 171 14.79 12.36 3.62
C ARG D 171 14.01 13.66 3.53
N LEU D 172 13.36 13.87 2.38
CA LEU D 172 12.51 15.02 2.16
C LEU D 172 11.22 14.89 2.99
N GLY D 173 10.74 13.66 3.11
CA GLY D 173 9.55 13.40 3.91
C GLY D 173 9.82 13.58 5.39
N LEU D 174 10.97 13.09 5.85
CA LEU D 174 11.36 13.22 7.25
C LEU D 174 11.56 14.67 7.65
N ALA D 175 12.34 15.39 6.84
CA ALA D 175 12.62 16.80 7.09
C ALA D 175 11.33 17.61 7.10
N LEU D 176 10.39 17.23 6.25
CA LEU D 176 9.10 17.89 6.18
C LEU D 176 8.35 17.75 7.50
N ASN D 177 8.10 16.51 7.91
CA ASN D 177 7.36 16.23 9.14
C ASN D 177 8.12 16.65 10.39
N TYR D 178 9.44 16.53 10.35
CA TYR D 178 10.28 16.90 11.48
C TYR D 178 10.15 18.40 11.76
N SER D 179 10.15 19.21 10.71
CA SER D 179 10.00 20.66 10.85
C SER D 179 8.66 21.02 11.47
N VAL D 180 7.60 20.38 10.99
CA VAL D 180 6.26 20.58 11.52
C VAL D 180 6.19 20.25 13.00
N PHE D 181 7.00 19.27 13.40
CA PHE D 181 7.12 18.92 14.82
C PHE D 181 7.73 20.08 15.62
N TYR D 182 8.64 20.81 15.00
CA TYR D 182 9.29 21.94 15.65
C TYR D 182 8.39 23.16 15.74
N TYR D 183 7.59 23.38 14.70
CA TYR D 183 6.74 24.57 14.63
C TYR D 183 5.45 24.40 15.43
N GLU D 184 4.84 23.22 15.34
CA GLU D 184 3.53 22.99 15.93
C GLU D 184 3.61 22.48 17.37
N ILE D 185 4.51 21.56 17.64
CA ILE D 185 4.58 20.93 18.95
C ILE D 185 5.54 21.63 19.89
N GLN D 186 6.68 22.05 19.35
CA GLN D 186 7.71 22.72 20.14
C GLN D 186 7.53 24.23 20.15
N ASN D 187 6.81 24.75 19.17
CA ASN D 187 6.65 26.19 19.00
C ASN D 187 7.99 26.90 18.92
N ALA D 188 8.92 26.29 18.19
CA ALA D 188 10.22 26.88 17.94
C ALA D 188 10.34 27.22 16.45
N PRO D 189 9.64 28.28 16.02
CA PRO D 189 9.48 28.67 14.61
C PRO D 189 10.81 28.89 13.89
N GLU D 190 11.81 29.41 14.59
CA GLU D 190 13.10 29.69 13.97
C GLU D 190 13.88 28.41 13.67
N GLN D 191 13.77 27.42 14.55
CA GLN D 191 14.44 26.14 14.35
C GLN D 191 13.67 25.29 13.34
N ALA D 192 12.36 25.51 13.26
CA ALA D 192 11.53 24.81 12.30
C ALA D 192 11.74 25.36 10.90
N CYS D 193 11.75 26.69 10.79
CA CYS D 193 12.02 27.35 9.51
C CYS D 193 13.42 27.02 9.02
N HIS D 194 14.34 26.88 9.97
CA HIS D 194 15.73 26.59 9.63
C HIS D 194 15.87 25.20 9.03
N LEU D 195 15.30 24.21 9.72
CA LEU D 195 15.36 22.82 9.25
C LEU D 195 14.65 22.62 7.92
N ALA D 196 13.59 23.40 7.70
CA ALA D 196 12.82 23.31 6.47
C ALA D 196 13.61 23.86 5.28
N LYS D 197 14.29 24.97 5.50
CA LYS D 197 15.07 25.60 4.44
C LYS D 197 16.37 24.85 4.18
N THR D 198 17.01 24.38 5.25
CA THR D 198 18.24 23.62 5.13
C THR D 198 18.02 22.35 4.32
N ALA D 199 16.89 21.69 4.55
CA ALA D 199 16.55 20.49 3.80
C ALA D 199 16.26 20.82 2.34
N PHE D 200 15.54 21.91 2.14
CA PHE D 200 15.17 22.35 0.80
C PHE D 200 16.41 22.72 -0.02
N ASP D 201 17.19 23.66 0.49
CA ASP D 201 18.39 24.13 -0.18
C ASP D 201 19.38 23.01 -0.48
N ASP D 202 19.44 22.04 0.43
CA ASP D 202 20.32 20.88 0.24
C ASP D 202 19.83 19.99 -0.88
N ALA D 203 18.55 20.13 -1.23
CA ALA D 203 17.99 19.39 -2.35
C ALA D 203 18.32 20.09 -3.65
N ILE D 204 18.40 21.41 -3.60
CA ILE D 204 18.72 22.22 -4.79
C ILE D 204 20.16 22.00 -5.22
N ALA D 205 21.07 22.04 -4.25
CA ALA D 205 22.51 21.94 -4.49
C ALA D 205 22.88 20.68 -5.27
N GLU D 206 22.23 19.57 -4.94
CA GLU D 206 22.48 18.31 -5.64
C GLU D 206 21.30 17.94 -6.52
N LEU D 207 20.76 18.94 -7.21
CA LEU D 207 19.55 18.76 -8.00
C LEU D 207 19.78 17.84 -9.21
N ASP D 208 21.00 17.88 -9.74
CA ASP D 208 21.35 17.07 -10.91
C ASP D 208 21.47 15.58 -10.57
N THR D 209 21.46 15.27 -9.28
CA THR D 209 21.55 13.90 -8.81
C THR D 209 20.17 13.25 -8.72
N LEU D 210 19.36 13.45 -9.74
CA LEU D 210 17.99 12.93 -9.74
C LEU D 210 17.84 11.65 -10.56
N ASN D 211 17.07 10.72 -10.03
CA ASN D 211 16.67 9.53 -10.77
C ASN D 211 15.29 9.75 -11.38
N GLU D 212 15.04 9.14 -12.53
CA GLU D 212 13.81 9.39 -13.28
C GLU D 212 12.55 9.12 -12.47
N ASP D 213 12.62 8.15 -11.58
CA ASP D 213 11.47 7.79 -10.76
C ASP D 213 11.22 8.83 -9.66
N SER D 214 12.24 9.05 -8.84
CA SER D 214 12.11 9.97 -7.71
C SER D 214 12.19 11.43 -8.17
N TYR D 215 12.32 11.62 -9.48
CA TYR D 215 12.42 12.96 -10.04
C TYR D 215 11.13 13.74 -9.87
N LYS D 216 10.00 13.04 -9.94
CA LYS D 216 8.70 13.66 -9.75
C LYS D 216 8.22 13.52 -8.31
N ASP D 217 8.43 12.34 -7.74
CA ASP D 217 7.94 12.02 -6.41
C ASP D 217 8.61 12.85 -5.33
N SER D 218 9.90 13.12 -5.49
CA SER D 218 10.67 13.84 -4.50
C SER D 218 10.48 15.35 -4.60
N THR D 219 10.25 15.84 -5.81
CA THR D 219 10.03 17.27 -6.01
C THR D 219 8.66 17.71 -5.50
N LEU D 220 7.73 16.76 -5.47
CA LEU D 220 6.39 17.03 -4.94
C LEU D 220 6.49 17.39 -3.46
N ILE D 221 7.44 16.76 -2.78
CA ILE D 221 7.67 16.98 -1.36
C ILE D 221 8.37 18.33 -1.12
N MET D 222 9.23 18.73 -2.06
CA MET D 222 9.98 19.98 -1.92
C MET D 222 9.06 21.19 -1.90
N GLN D 223 8.05 21.18 -2.78
CA GLN D 223 7.07 22.26 -2.83
C GLN D 223 6.31 22.37 -1.51
N LEU D 224 6.10 21.23 -0.88
CA LEU D 224 5.45 21.17 0.42
C LEU D 224 6.30 21.86 1.50
N LEU D 225 7.61 21.71 1.36
CA LEU D 225 8.56 22.38 2.26
C LEU D 225 8.49 23.89 2.09
N ARG D 226 8.25 24.34 0.87
CA ARG D 226 8.11 25.77 0.59
C ARG D 226 6.79 26.32 1.09
N ASP D 227 5.71 25.56 0.87
CA ASP D 227 4.38 25.96 1.30
C ASP D 227 4.36 26.24 2.80
N ASN D 228 5.09 25.44 3.57
CA ASN D 228 5.20 25.66 5.01
C ASN D 228 6.02 26.90 5.32
N LEU D 229 7.16 27.04 4.64
CA LEU D 229 8.01 28.21 4.80
C LEU D 229 7.27 29.48 4.38
N THR D 230 6.29 29.33 3.50
CA THR D 230 5.45 30.44 3.08
C THR D 230 4.51 30.85 4.22
N LEU D 231 3.83 29.86 4.79
CA LEU D 231 2.83 30.10 5.82
C LEU D 231 3.44 30.43 7.18
N TRP D 232 4.63 29.89 7.42
CA TRP D 232 5.30 30.09 8.71
C TRP D 232 5.84 31.51 8.86
N THR D 233 6.45 32.03 7.81
CA THR D 233 7.04 33.37 7.85
C THR D 233 5.97 34.45 7.92
N SER D 234 4.86 34.24 7.21
CA SER D 234 3.80 35.24 7.12
C SER D 234 3.07 35.41 8.45
N ASP D 235 3.27 34.48 9.37
CA ASP D 235 2.63 34.54 10.67
C ASP D 235 3.46 35.30 11.67
N GLN D 236 4.78 35.32 11.45
CA GLN D 236 5.70 35.99 12.36
C GLN D 236 5.64 37.50 12.20
N GLN D 237 5.41 37.95 10.97
CA GLN D 237 5.42 39.38 10.66
C GLN D 237 4.16 40.09 11.15
N ASP D 238 3.22 39.33 11.69
CA ASP D 238 1.98 39.90 12.20
C ASP D 238 2.08 40.21 13.70
N VAL E 1 48.32 12.80 -54.94
CA VAL E 1 48.18 11.40 -54.55
C VAL E 1 47.13 10.71 -55.42
N ASP E 2 47.25 9.39 -55.58
CA ASP E 2 46.28 8.62 -56.35
C ASP E 2 45.07 8.29 -55.49
N ARG E 3 43.98 7.87 -56.13
CA ARG E 3 42.71 7.66 -55.45
C ARG E 3 42.77 6.49 -54.47
N GLU E 4 43.72 5.59 -54.68
CA GLU E 4 43.86 4.42 -53.82
C GLU E 4 44.55 4.77 -52.50
N GLN E 5 45.33 5.85 -52.51
CA GLN E 5 46.06 6.26 -51.30
C GLN E 5 45.14 6.92 -50.28
N LEU E 6 44.27 7.81 -50.75
CA LEU E 6 43.35 8.52 -49.87
C LEU E 6 42.48 7.56 -49.06
N VAL E 7 41.85 6.61 -49.76
CA VAL E 7 40.98 5.64 -49.12
C VAL E 7 41.77 4.75 -48.17
N GLN E 8 43.00 4.43 -48.55
CA GLN E 8 43.86 3.57 -47.73
C GLN E 8 44.10 4.18 -46.36
N LYS E 9 44.35 5.48 -46.33
CA LYS E 9 44.62 6.19 -45.08
C LYS E 9 43.31 6.63 -44.42
N ALA E 10 42.23 6.60 -45.19
CA ALA E 10 40.91 6.92 -44.68
C ALA E 10 40.50 5.93 -43.59
N ARG E 11 40.66 4.64 -43.87
CA ARG E 11 40.39 3.60 -42.89
C ARG E 11 41.36 3.74 -41.72
N LEU E 12 42.56 4.24 -42.01
CA LEU E 12 43.57 4.48 -40.99
C LEU E 12 43.16 5.61 -40.06
N ALA E 13 42.66 6.71 -40.65
CA ALA E 13 42.25 7.88 -39.90
C ALA E 13 41.11 7.56 -38.94
N GLU E 14 40.34 6.53 -39.26
CA GLU E 14 39.23 6.11 -38.43
C GLU E 14 39.71 5.32 -37.22
N GLN E 15 40.85 4.65 -37.39
CA GLN E 15 41.42 3.81 -36.33
C GLN E 15 41.77 4.62 -35.08
N ALA E 16 42.56 5.67 -35.26
CA ALA E 16 42.99 6.52 -34.14
C ALA E 16 41.86 7.40 -33.65
N GLU E 17 40.68 7.23 -34.23
CA GLU E 17 39.51 8.06 -33.90
C GLU E 17 39.75 9.53 -34.22
N ARG E 18 40.30 9.78 -35.40
CA ARG E 18 40.51 11.14 -35.88
C ARG E 18 39.62 11.40 -37.10
N TYR E 19 38.35 11.67 -36.84
CA TYR E 19 37.34 11.72 -37.89
C TYR E 19 37.47 12.95 -38.78
N ASP E 20 38.09 14.01 -38.26
CA ASP E 20 38.31 15.20 -39.05
C ASP E 20 39.26 14.91 -40.21
N ASP E 21 40.30 14.15 -39.93
CA ASP E 21 41.21 13.70 -40.98
C ASP E 21 40.47 12.77 -41.93
N MET E 22 39.76 11.81 -41.35
CA MET E 22 39.00 10.83 -42.10
C MET E 22 37.98 11.48 -43.03
N ALA E 23 37.33 12.53 -42.54
CA ALA E 23 36.34 13.26 -43.34
C ALA E 23 37.00 13.98 -44.49
N ALA E 24 38.18 14.55 -44.22
CA ALA E 24 38.92 15.30 -45.23
C ALA E 24 39.30 14.41 -46.42
N ALA E 25 39.80 13.22 -46.12
CA ALA E 25 40.22 12.30 -47.16
C ALA E 25 39.05 11.87 -48.03
N MET E 26 37.96 11.42 -47.39
CA MET E 26 36.79 10.95 -48.11
C MET E 26 36.13 12.06 -48.92
N LYS E 27 36.45 13.31 -48.56
CA LYS E 27 35.97 14.45 -49.32
C LYS E 27 36.70 14.55 -50.66
N ASN E 28 38.03 14.44 -50.61
CA ASN E 28 38.85 14.53 -51.81
C ASN E 28 38.51 13.45 -52.83
N VAL E 29 38.27 12.23 -52.34
CA VAL E 29 37.91 11.11 -53.21
C VAL E 29 36.62 11.41 -53.95
N THR E 30 35.68 12.04 -53.27
CA THR E 30 34.40 12.39 -53.88
C THR E 30 34.59 13.45 -54.96
N GLU E 31 35.60 14.28 -54.78
CA GLU E 31 35.86 15.40 -55.68
C GLU E 31 36.58 14.97 -56.95
N LEU E 32 36.63 13.67 -57.20
CA LEU E 32 37.18 13.16 -58.44
C LEU E 32 36.04 12.80 -59.39
N ASN E 33 34.83 13.18 -59.00
CA ASN E 33 33.62 12.95 -59.79
C ASN E 33 33.44 11.50 -60.20
N GLU E 34 34.10 10.59 -59.48
CA GLU E 34 33.96 9.17 -59.74
C GLU E 34 33.12 8.52 -58.66
N PRO E 35 31.97 7.95 -59.05
CA PRO E 35 31.00 7.31 -58.15
C PRO E 35 31.67 6.39 -57.12
N LEU E 36 31.10 6.31 -55.93
CA LEU E 36 31.72 5.58 -54.83
C LEU E 36 31.14 4.19 -54.62
N SER E 37 32.00 3.25 -54.24
CA SER E 37 31.58 1.89 -53.92
C SER E 37 30.87 1.87 -52.57
N ASN E 38 30.35 0.71 -52.18
CA ASN E 38 29.69 0.57 -50.91
C ASN E 38 30.66 0.66 -49.74
N GLU E 39 31.93 0.42 -50.04
CA GLU E 39 33.00 0.59 -49.06
C GLU E 39 33.28 2.07 -48.86
N GLU E 40 33.55 2.76 -49.96
CA GLU E 40 33.84 4.19 -49.94
C GLU E 40 32.62 4.99 -49.48
N ARG E 41 31.45 4.56 -49.91
CA ARG E 41 30.20 5.20 -49.54
C ARG E 41 29.98 5.14 -48.03
N ASN E 42 30.17 3.96 -47.46
CA ASN E 42 30.01 3.78 -46.02
C ASN E 42 31.05 4.58 -45.23
N LEU E 43 32.26 4.66 -45.75
CA LEU E 43 33.33 5.42 -45.10
C LEU E 43 33.03 6.91 -45.13
N LEU E 44 32.47 7.38 -46.23
CA LEU E 44 32.10 8.79 -46.39
C LEU E 44 31.01 9.21 -45.40
N SER E 45 30.06 8.31 -45.17
CA SER E 45 28.93 8.59 -44.29
C SER E 45 29.32 8.53 -42.82
N VAL E 46 30.04 7.47 -42.42
CA VAL E 46 30.49 7.31 -41.04
C VAL E 46 31.43 8.45 -40.66
N ALA E 47 32.20 8.91 -41.62
CA ALA E 47 33.14 10.01 -41.39
C ALA E 47 32.43 11.26 -40.91
N TYR E 48 31.61 11.84 -41.79
CA TYR E 48 30.91 13.08 -41.48
C TYR E 48 29.81 12.88 -40.42
N LYS E 49 29.46 11.63 -40.14
CA LYS E 49 28.49 11.36 -39.10
C LYS E 49 29.11 11.59 -37.72
N ASN E 50 30.41 11.35 -37.61
CA ASN E 50 31.13 11.57 -36.37
C ASN E 50 31.61 13.01 -36.21
N VAL E 51 31.92 13.65 -37.32
CA VAL E 51 32.32 15.05 -37.30
C VAL E 51 31.13 15.92 -36.87
N VAL E 52 30.02 15.79 -37.58
CA VAL E 52 28.83 16.56 -37.26
C VAL E 52 28.22 16.06 -35.95
N GLY E 53 28.34 14.77 -35.70
CA GLY E 53 27.80 14.17 -34.49
C GLY E 53 28.52 14.66 -33.24
N ALA E 54 29.77 15.05 -33.41
CA ALA E 54 30.56 15.57 -32.29
C ALA E 54 30.18 17.02 -32.02
N ARG E 55 29.91 17.77 -33.07
CA ARG E 55 29.50 19.16 -32.93
C ARG E 55 28.13 19.25 -32.28
N ARG E 56 27.23 18.37 -32.69
CA ARG E 56 25.90 18.29 -32.09
C ARG E 56 25.99 18.02 -30.61
N SER E 57 26.93 17.15 -30.24
CA SER E 57 27.20 16.86 -28.84
C SER E 57 27.62 18.14 -28.12
N SER E 58 28.72 18.73 -28.57
CA SER E 58 29.24 19.97 -27.99
C SER E 58 28.20 21.07 -27.98
N TRP E 59 27.40 21.15 -29.05
CA TRP E 59 26.40 22.19 -29.18
C TRP E 59 25.27 22.00 -28.16
N ARG E 60 24.77 20.78 -28.04
CA ARG E 60 23.66 20.49 -27.14
C ARG E 60 24.05 20.74 -25.69
N VAL E 61 25.31 20.44 -25.35
CA VAL E 61 25.82 20.70 -24.02
C VAL E 61 25.86 22.20 -23.73
N ILE E 62 26.54 22.94 -24.58
CA ILE E 62 26.67 24.39 -24.43
C ILE E 62 25.31 25.07 -24.51
N SER E 63 24.44 24.55 -25.37
CA SER E 63 23.11 25.12 -25.53
C SER E 63 22.26 24.88 -24.29
N SER E 64 22.62 23.86 -23.52
CA SER E 64 21.93 23.56 -22.27
C SER E 64 22.51 24.39 -21.14
N ILE E 65 23.83 24.55 -21.15
CA ILE E 65 24.51 25.43 -20.20
C ILE E 65 24.04 26.86 -20.41
N GLU E 66 23.81 27.20 -21.67
CA GLU E 66 23.33 28.54 -22.02
C GLU E 66 21.97 28.80 -21.39
N GLN E 67 21.09 27.82 -21.44
CA GLN E 67 19.75 27.96 -20.87
C GLN E 67 19.82 28.17 -19.36
N LYS E 68 20.81 27.55 -18.72
CA LYS E 68 20.98 27.65 -17.28
C LYS E 68 21.45 29.04 -16.88
N THR E 69 22.54 29.49 -17.47
CA THR E 69 23.07 30.82 -17.17
C THR E 69 22.10 31.91 -17.61
N SER E 70 21.32 31.61 -18.63
CA SER E 70 20.30 32.54 -19.11
C SER E 70 19.20 32.72 -18.08
N ALA E 71 18.81 31.61 -17.46
CA ALA E 71 17.79 31.64 -16.42
C ALA E 71 18.36 32.17 -15.11
N ASP E 72 19.67 32.42 -15.12
CA ASP E 72 20.34 32.97 -13.94
C ASP E 72 20.28 34.50 -13.97
N GLY E 73 20.53 35.08 -15.14
CA GLY E 73 20.40 36.51 -15.31
C GLY E 73 21.56 37.21 -16.00
N ASN E 74 22.71 37.25 -15.32
CA ASN E 74 23.87 38.05 -15.72
C ASN E 74 24.05 38.22 -17.23
N GLU E 75 23.92 39.45 -17.70
CA GLU E 75 23.92 39.74 -19.12
C GLU E 75 25.32 39.63 -19.75
N LYS E 76 26.32 39.38 -18.92
CA LYS E 76 27.69 39.26 -19.42
C LYS E 76 28.08 37.79 -19.58
N LYS E 77 27.60 36.95 -18.65
CA LYS E 77 27.82 35.52 -18.75
C LYS E 77 27.18 34.99 -20.03
N ILE E 78 25.91 35.33 -20.23
CA ILE E 78 25.17 34.94 -21.43
C ILE E 78 25.89 35.41 -22.69
N GLU E 79 26.56 36.56 -22.60
CA GLU E 79 27.22 37.17 -23.73
C GLU E 79 28.32 36.30 -24.34
N MET E 80 29.11 35.66 -23.49
CA MET E 80 30.23 34.85 -23.96
C MET E 80 29.87 33.37 -24.06
N VAL E 81 28.84 32.95 -23.35
CA VAL E 81 28.35 31.58 -23.46
C VAL E 81 27.66 31.40 -24.81
N ARG E 82 26.97 32.44 -25.25
CA ARG E 82 26.26 32.40 -26.52
C ARG E 82 27.20 32.61 -27.69
N ALA E 83 28.24 33.42 -27.47
CA ALA E 83 29.27 33.62 -28.48
C ALA E 83 29.99 32.30 -28.75
N TYR E 84 30.16 31.51 -27.70
CA TYR E 84 30.81 30.21 -27.82
C TYR E 84 29.88 29.20 -28.48
N ARG E 85 28.60 29.29 -28.14
CA ARG E 85 27.59 28.42 -28.74
C ARG E 85 27.49 28.68 -30.24
N GLU E 86 27.40 29.95 -30.61
CA GLU E 86 27.29 30.31 -32.01
C GLU E 86 28.57 29.96 -32.77
N LYS E 87 29.68 29.89 -32.04
CA LYS E 87 30.94 29.42 -32.63
C LYS E 87 30.79 27.97 -33.07
N ILE E 88 30.36 27.13 -32.14
CA ILE E 88 30.06 25.73 -32.43
C ILE E 88 28.96 25.62 -33.47
N GLU E 89 28.01 26.55 -33.41
CA GLU E 89 26.88 26.54 -34.34
C GLU E 89 27.35 26.83 -35.77
N LYS E 90 28.46 27.53 -35.91
CA LYS E 90 29.01 27.84 -37.22
C LYS E 90 29.90 26.70 -37.72
N GLU E 91 30.56 26.01 -36.78
CA GLU E 91 31.36 24.84 -37.12
C GLU E 91 30.46 23.71 -37.61
N LEU E 92 29.31 23.58 -36.96
CA LEU E 92 28.35 22.54 -37.29
C LEU E 92 27.65 22.83 -38.62
N GLU E 93 27.26 24.08 -38.82
CA GLU E 93 26.61 24.48 -40.06
C GLU E 93 27.55 24.35 -41.24
N ALA E 94 28.85 24.47 -40.97
CA ALA E 94 29.85 24.36 -42.01
C ALA E 94 29.88 22.95 -42.60
N VAL E 95 29.93 21.96 -41.72
CA VAL E 95 29.94 20.56 -42.12
C VAL E 95 28.72 20.20 -42.95
N CYS E 96 27.55 20.59 -42.47
CA CYS E 96 26.29 20.30 -43.15
C CYS E 96 26.25 20.87 -44.56
N GLN E 97 26.59 22.15 -44.70
CA GLN E 97 26.65 22.80 -46.00
C GLN E 97 27.79 22.22 -46.83
N ASP E 98 28.75 21.60 -46.16
CA ASP E 98 29.88 20.99 -46.83
C ASP E 98 29.51 19.62 -47.40
N VAL E 99 28.82 18.82 -46.60
CA VAL E 99 28.34 17.51 -47.05
C VAL E 99 27.26 17.70 -48.11
N LEU E 100 26.31 18.60 -47.84
CA LEU E 100 25.23 18.87 -48.78
C LEU E 100 25.76 19.38 -50.11
N SER E 101 27.02 19.80 -50.11
CA SER E 101 27.70 20.20 -51.34
C SER E 101 28.16 18.96 -52.10
N LEU E 102 28.86 18.07 -51.41
CA LEU E 102 29.38 16.86 -52.02
C LEU E 102 28.27 15.94 -52.52
N LEU E 103 27.05 16.18 -52.03
CA LEU E 103 25.89 15.38 -52.44
C LEU E 103 25.29 15.88 -53.74
N ASP E 104 25.20 17.20 -53.89
CA ASP E 104 24.60 17.81 -55.07
C ASP E 104 25.61 18.01 -56.20
N ASN E 105 26.90 17.94 -55.87
CA ASN E 105 27.95 18.19 -56.84
C ASN E 105 28.59 16.92 -57.41
N TYR E 106 28.33 15.79 -56.76
CA TYR E 106 28.95 14.53 -57.18
C TYR E 106 28.03 13.32 -57.03
N LEU E 107 27.51 13.12 -55.82
CA LEU E 107 26.87 11.87 -55.44
C LEU E 107 25.50 11.64 -56.07
N ILE E 108 24.54 12.51 -55.75
CA ILE E 108 23.17 12.36 -56.24
C ILE E 108 23.13 12.56 -57.76
N LYS E 109 24.08 13.34 -58.27
CA LYS E 109 24.15 13.63 -59.70
C LYS E 109 24.50 12.37 -60.50
N ASN E 110 25.50 11.63 -60.02
CA ASN E 110 26.01 10.47 -60.75
C ASN E 110 25.15 9.22 -60.61
N CYS E 111 24.23 9.22 -59.65
CA CYS E 111 23.37 8.06 -59.44
C CYS E 111 22.35 7.90 -60.56
N SER E 112 22.29 6.71 -61.14
CA SER E 112 21.35 6.42 -62.21
C SER E 112 19.99 6.01 -61.65
N GLU E 113 19.03 5.74 -62.54
CA GLU E 113 17.69 5.34 -62.11
C GLU E 113 17.64 3.85 -61.78
N THR E 114 18.77 3.18 -61.92
CA THR E 114 18.86 1.76 -61.59
C THR E 114 19.70 1.53 -60.33
N GLN E 115 20.18 2.61 -59.74
CA GLN E 115 20.95 2.54 -58.50
C GLN E 115 20.14 3.05 -57.32
N TYR E 116 19.07 2.33 -56.98
CA TYR E 116 18.15 2.77 -55.94
C TYR E 116 18.81 2.89 -54.57
N GLU E 117 19.65 1.90 -54.25
CA GLU E 117 20.32 1.87 -52.96
C GLU E 117 21.12 3.14 -52.68
N SER E 118 22.11 3.42 -53.54
CA SER E 118 22.92 4.63 -53.39
C SER E 118 22.09 5.88 -53.56
N LYS E 119 21.12 5.82 -54.46
CA LYS E 119 20.23 6.95 -54.73
C LYS E 119 19.48 7.36 -53.46
N VAL E 120 18.99 6.36 -52.73
CA VAL E 120 18.28 6.61 -51.48
C VAL E 120 19.25 6.95 -50.35
N PHE E 121 20.37 6.23 -50.30
CA PHE E 121 21.37 6.42 -49.26
C PHE E 121 21.88 7.86 -49.23
N TYR E 122 22.02 8.45 -50.40
CA TYR E 122 22.44 9.84 -50.51
C TYR E 122 21.30 10.79 -50.19
N LEU E 123 20.13 10.51 -50.76
CA LEU E 123 18.95 11.32 -50.51
C LEU E 123 18.60 11.34 -49.03
N LYS E 124 19.00 10.30 -48.31
CA LYS E 124 18.74 10.21 -46.88
C LYS E 124 19.69 11.11 -46.10
N MET E 125 20.97 11.11 -46.49
CA MET E 125 21.94 12.00 -45.88
C MET E 125 21.55 13.45 -46.13
N LYS E 126 20.93 13.70 -47.27
CA LYS E 126 20.42 15.03 -47.60
C LYS E 126 19.37 15.46 -46.60
N GLY E 127 18.43 14.57 -46.30
CA GLY E 127 17.39 14.84 -45.32
C GLY E 127 17.95 14.86 -43.92
N ASP E 128 19.03 14.12 -43.69
CA ASP E 128 19.67 14.07 -42.38
C ASP E 128 20.34 15.40 -42.03
N TYR E 129 21.24 15.84 -42.91
CA TYR E 129 22.03 17.04 -42.63
C TYR E 129 21.20 18.31 -42.80
N TYR E 130 20.11 18.24 -43.53
CA TYR E 130 19.16 19.35 -43.58
C TYR E 130 18.32 19.34 -42.31
N ARG E 131 18.34 18.22 -41.61
CA ARG E 131 17.65 18.07 -40.34
C ARG E 131 18.54 18.55 -39.21
N TYR E 132 19.85 18.39 -39.39
CA TYR E 132 20.83 18.86 -38.42
C TYR E 132 20.88 20.39 -38.43
N LEU E 133 20.60 20.98 -39.58
CA LEU E 133 20.56 22.44 -39.70
C LEU E 133 19.30 22.99 -39.06
N ALA E 134 18.20 22.25 -39.18
CA ALA E 134 16.93 22.66 -38.59
C ALA E 134 16.99 22.64 -37.07
N GLU E 135 17.90 21.84 -36.54
CA GLU E 135 18.06 21.71 -35.09
C GLU E 135 18.61 22.99 -34.45
N VAL E 136 19.22 23.83 -35.28
CA VAL E 136 19.89 25.03 -34.78
C VAL E 136 19.34 26.31 -35.42
N ALA E 137 18.46 26.15 -36.40
CA ALA E 137 17.90 27.29 -37.12
C ALA E 137 16.63 27.81 -36.43
N THR E 138 16.27 29.05 -36.74
CA THR E 138 15.08 29.68 -36.18
C THR E 138 14.40 30.60 -37.18
N GLY E 139 13.08 30.74 -37.05
CA GLY E 139 12.32 31.64 -37.90
C GLY E 139 12.34 31.26 -39.36
N GLU E 140 12.61 32.24 -40.22
CA GLU E 140 12.60 32.05 -41.66
C GLU E 140 13.70 31.08 -42.12
N LYS E 141 14.88 31.22 -41.52
CA LYS E 141 16.01 30.36 -41.86
C LYS E 141 15.71 28.89 -41.59
N ARG E 142 14.99 28.64 -40.51
CA ARG E 142 14.65 27.28 -40.12
C ARG E 142 13.53 26.70 -40.99
N ALA E 143 12.54 27.54 -41.30
CA ALA E 143 11.43 27.11 -42.12
C ALA E 143 11.88 26.68 -43.51
N THR E 144 13.08 27.13 -43.90
CA THR E 144 13.67 26.76 -45.18
C THR E 144 14.26 25.35 -45.15
N VAL E 145 15.25 25.15 -44.28
CA VAL E 145 15.98 23.89 -44.21
C VAL E 145 15.07 22.70 -43.92
N VAL E 146 13.99 22.94 -43.17
CA VAL E 146 13.01 21.90 -42.90
C VAL E 146 12.34 21.46 -44.19
N GLU E 147 12.07 22.42 -45.08
CA GLU E 147 11.48 22.10 -46.37
C GLU E 147 12.43 21.29 -47.24
N SER E 148 13.70 21.73 -47.27
CA SER E 148 14.72 21.04 -48.05
C SER E 148 14.92 19.62 -47.53
N SER E 149 14.63 19.42 -46.25
CA SER E 149 14.75 18.12 -45.62
C SER E 149 13.55 17.23 -46.00
N GLU E 150 12.36 17.78 -45.84
CA GLU E 150 11.11 17.09 -46.18
C GLU E 150 11.12 16.60 -47.62
N LYS E 151 11.67 17.41 -48.52
CA LYS E 151 11.73 17.07 -49.93
C LYS E 151 12.75 15.96 -50.17
N ALA E 152 13.84 15.99 -49.41
CA ALA E 152 14.88 14.97 -49.54
C ALA E 152 14.40 13.62 -49.02
N TYR E 153 13.79 13.65 -47.84
CA TYR E 153 13.27 12.43 -47.20
C TYR E 153 12.14 11.81 -48.01
N SER E 154 11.24 12.65 -48.51
CA SER E 154 10.07 12.20 -49.25
C SER E 154 10.47 11.45 -50.53
N GLU E 155 11.47 11.97 -51.23
CA GLU E 155 11.94 11.34 -52.47
C GLU E 155 12.55 9.99 -52.16
N ALA E 156 13.49 9.96 -51.23
CA ALA E 156 14.17 8.71 -50.85
C ALA E 156 13.16 7.66 -50.40
N HIS E 157 12.00 8.11 -49.95
CA HIS E 157 10.95 7.20 -49.50
C HIS E 157 10.21 6.61 -50.70
N GLU E 158 9.86 7.44 -51.67
CA GLU E 158 9.17 6.99 -52.88
C GLU E 158 10.00 5.95 -53.63
N ILE E 159 11.32 6.11 -53.57
CA ILE E 159 12.23 5.18 -54.22
C ILE E 159 12.33 3.87 -53.44
N SER E 160 12.42 3.96 -52.12
CA SER E 160 12.53 2.78 -51.27
C SER E 160 11.29 1.90 -51.38
N LYS E 161 10.12 2.52 -51.25
CA LYS E 161 8.86 1.80 -51.26
C LYS E 161 8.63 1.08 -52.59
N GLU E 162 9.02 1.71 -53.69
CA GLU E 162 8.75 1.18 -55.02
C GLU E 162 9.70 0.03 -55.39
N HIS E 163 10.99 0.21 -55.14
CA HIS E 163 11.99 -0.73 -55.60
C HIS E 163 12.55 -1.64 -54.51
N MET E 164 12.79 -1.08 -53.34
CA MET E 164 13.53 -1.79 -52.29
C MET E 164 12.64 -2.68 -51.41
N GLN E 165 13.26 -3.68 -50.81
CA GLN E 165 12.57 -4.58 -49.87
C GLN E 165 12.40 -3.91 -48.52
N PRO E 166 11.29 -4.22 -47.83
CA PRO E 166 10.98 -3.68 -46.50
C PRO E 166 12.02 -4.04 -45.45
N THR E 167 12.89 -5.00 -45.77
CA THR E 167 13.89 -5.46 -44.82
C THR E 167 15.27 -4.89 -45.13
N HIS E 168 15.38 -4.17 -46.24
CA HIS E 168 16.64 -3.55 -46.63
C HIS E 168 17.04 -2.49 -45.62
N PRO E 169 18.25 -2.63 -45.04
CA PRO E 169 18.76 -1.73 -44.00
C PRO E 169 18.70 -0.26 -44.40
N ILE E 170 18.84 0.04 -45.69
CA ILE E 170 18.77 1.41 -46.18
C ILE E 170 17.34 1.94 -46.05
N ARG E 171 16.38 1.13 -46.46
CA ARG E 171 14.97 1.51 -46.41
C ARG E 171 14.47 1.64 -44.98
N LEU E 172 14.84 0.68 -44.13
CA LEU E 172 14.45 0.73 -42.73
C LEU E 172 15.12 1.90 -42.03
N GLY E 173 16.38 2.14 -42.36
CA GLY E 173 17.12 3.26 -41.80
C GLY E 173 16.50 4.57 -42.21
N LEU E 174 16.08 4.66 -43.47
CA LEU E 174 15.36 5.83 -43.96
C LEU E 174 14.08 6.02 -43.16
N ALA E 175 13.35 4.93 -42.94
CA ALA E 175 12.12 4.97 -42.18
C ALA E 175 12.37 5.45 -40.75
N LEU E 176 13.52 5.09 -40.21
CA LEU E 176 13.91 5.50 -38.87
C LEU E 176 14.19 7.00 -38.82
N ASN E 177 15.19 7.44 -39.56
CA ASN E 177 15.58 8.85 -39.57
C ASN E 177 14.48 9.77 -40.09
N TYR E 178 13.58 9.23 -40.89
CA TYR E 178 12.47 10.01 -41.42
C TYR E 178 11.42 10.25 -40.35
N SER E 179 11.13 9.20 -39.59
CA SER E 179 10.15 9.28 -38.52
C SER E 179 10.65 10.22 -37.41
N VAL E 180 11.93 10.09 -37.07
CA VAL E 180 12.56 10.97 -36.09
C VAL E 180 12.42 12.42 -36.51
N PHE E 181 12.43 12.65 -37.82
CA PHE E 181 12.28 13.98 -38.39
C PHE E 181 10.91 14.56 -38.09
N TYR E 182 9.89 13.72 -38.18
CA TYR E 182 8.52 14.14 -37.92
C TYR E 182 8.30 14.49 -36.45
N TYR E 183 8.88 13.70 -35.57
CA TYR E 183 8.62 13.82 -34.13
C TYR E 183 9.39 14.97 -33.50
N GLU E 184 10.64 15.14 -33.91
CA GLU E 184 11.51 16.14 -33.29
C GLU E 184 11.47 17.50 -33.99
N ILE E 185 11.37 17.48 -35.32
CA ILE E 185 11.42 18.70 -36.11
C ILE E 185 10.03 19.20 -36.48
N GLN E 186 9.22 18.32 -37.07
CA GLN E 186 7.88 18.69 -37.49
C GLN E 186 6.89 18.71 -36.33
N ASN E 187 7.22 17.95 -35.29
CA ASN E 187 6.38 17.88 -34.09
C ASN E 187 4.97 17.35 -34.40
N ALA E 188 4.90 16.39 -35.32
CA ALA E 188 3.63 15.74 -35.66
C ALA E 188 3.68 14.27 -35.31
N PRO E 189 3.69 13.94 -34.01
CA PRO E 189 3.89 12.60 -33.47
C PRO E 189 2.90 11.56 -34.01
N GLU E 190 1.65 11.97 -34.19
CA GLU E 190 0.63 11.09 -34.76
C GLU E 190 1.04 10.61 -36.15
N GLN E 191 1.77 11.48 -36.86
CA GLN E 191 2.26 11.20 -38.21
C GLN E 191 3.58 10.43 -38.16
N ALA E 192 4.42 10.78 -37.18
CA ALA E 192 5.71 10.13 -37.03
C ALA E 192 5.56 8.68 -36.58
N CYS E 193 4.58 8.44 -35.71
CA CYS E 193 4.34 7.09 -35.19
C CYS E 193 3.82 6.16 -36.28
N HIS E 194 3.05 6.71 -37.22
CA HIS E 194 2.48 5.90 -38.28
C HIS E 194 3.54 5.36 -39.23
N LEU E 195 4.56 6.17 -39.51
CA LEU E 195 5.65 5.75 -40.40
C LEU E 195 6.56 4.73 -39.72
N ALA E 196 6.82 4.93 -38.43
CA ALA E 196 7.68 4.03 -37.68
C ALA E 196 7.02 2.67 -37.50
N LYS E 197 5.70 2.67 -37.39
CA LYS E 197 4.94 1.43 -37.22
C LYS E 197 4.87 0.65 -38.53
N THR E 198 4.52 1.34 -39.61
CA THR E 198 4.41 0.72 -40.92
C THR E 198 5.75 0.13 -41.37
N ALA E 199 6.81 0.92 -41.26
CA ALA E 199 8.14 0.46 -41.63
C ALA E 199 8.52 -0.78 -40.82
N PHE E 200 7.96 -0.89 -39.62
CA PHE E 200 8.21 -2.04 -38.75
C PHE E 200 7.33 -3.21 -39.16
N ASP E 201 6.03 -2.96 -39.29
CA ASP E 201 5.06 -4.01 -39.62
C ASP E 201 5.38 -4.69 -40.95
N ASP E 202 5.74 -3.89 -41.95
CA ASP E 202 6.05 -4.41 -43.28
C ASP E 202 7.28 -5.31 -43.25
N ALA E 203 8.28 -4.91 -42.48
CA ALA E 203 9.51 -5.69 -42.36
C ALA E 203 9.24 -7.03 -41.67
N ILE E 204 8.43 -6.98 -40.61
CA ILE E 204 8.04 -8.17 -39.87
C ILE E 204 7.34 -9.17 -40.77
N ALA E 205 6.46 -8.66 -41.62
CA ALA E 205 5.69 -9.49 -42.53
C ALA E 205 6.60 -10.26 -43.49
N GLU E 206 7.53 -9.56 -44.12
CA GLU E 206 8.46 -10.20 -45.03
C GLU E 206 9.79 -10.50 -44.35
N LEU E 207 9.71 -10.89 -43.08
CA LEU E 207 10.90 -11.14 -42.28
C LEU E 207 11.62 -12.42 -42.71
N ASP E 208 10.99 -13.20 -43.58
CA ASP E 208 11.57 -14.44 -44.08
C ASP E 208 12.61 -14.19 -45.16
N THR E 209 12.67 -12.96 -45.66
CA THR E 209 13.67 -12.58 -46.66
C THR E 209 14.76 -11.71 -46.05
N LEU E 210 15.67 -12.33 -45.31
CA LEU E 210 16.77 -11.61 -44.70
C LEU E 210 18.12 -12.14 -45.16
N ASN E 211 18.94 -11.25 -45.72
CA ASN E 211 20.27 -11.62 -46.18
C ASN E 211 21.16 -11.97 -45.00
N GLU E 212 21.82 -13.13 -45.09
CA GLU E 212 22.67 -13.62 -44.01
C GLU E 212 23.76 -12.60 -43.68
N ASP E 213 24.28 -11.94 -44.70
CA ASP E 213 25.34 -10.95 -44.50
C ASP E 213 24.77 -9.59 -44.12
N SER E 214 23.44 -9.51 -44.05
CA SER E 214 22.77 -8.24 -43.83
C SER E 214 21.64 -8.32 -42.79
N TYR E 215 21.28 -9.54 -42.39
CA TYR E 215 20.19 -9.71 -41.43
C TYR E 215 20.55 -9.04 -40.11
N LYS E 216 21.83 -9.04 -39.78
CA LYS E 216 22.32 -8.47 -38.53
C LYS E 216 22.00 -6.98 -38.43
N ASP E 217 22.30 -6.25 -39.49
CA ASP E 217 22.08 -4.81 -39.52
C ASP E 217 20.60 -4.46 -39.66
N SER E 218 19.83 -5.33 -40.30
CA SER E 218 18.41 -5.09 -40.50
C SER E 218 17.64 -5.12 -39.18
N THR E 219 18.01 -6.04 -38.29
CA THR E 219 17.36 -6.18 -37.00
C THR E 219 17.67 -5.00 -36.07
N LEU E 220 18.92 -4.54 -36.12
CA LEU E 220 19.37 -3.41 -35.31
C LEU E 220 18.49 -2.18 -35.52
N ILE E 221 18.19 -1.88 -36.78
CA ILE E 221 17.37 -0.73 -37.13
C ILE E 221 15.92 -0.96 -36.70
N MET E 222 15.48 -2.22 -36.76
CA MET E 222 14.13 -2.58 -36.34
C MET E 222 13.94 -2.42 -34.84
N GLN E 223 14.99 -2.73 -34.08
CA GLN E 223 15.01 -2.48 -32.65
C GLN E 223 14.82 -0.99 -32.37
N LEU E 224 15.64 -0.17 -33.04
CA LEU E 224 15.61 1.27 -32.85
C LEU E 224 14.24 1.85 -33.19
N LEU E 225 13.58 1.26 -34.17
CA LEU E 225 12.23 1.67 -34.54
C LEU E 225 11.26 1.45 -33.38
N ARG E 226 11.30 0.25 -32.80
CA ARG E 226 10.47 -0.06 -31.65
C ARG E 226 10.85 0.80 -30.44
N ASP E 227 12.13 0.88 -30.14
CA ASP E 227 12.63 1.66 -29.00
C ASP E 227 12.18 3.11 -29.09
N ASN E 228 12.13 3.63 -30.32
CA ASN E 228 11.64 4.98 -30.56
C ASN E 228 10.12 5.04 -30.43
N LEU E 229 9.46 3.98 -30.86
CA LEU E 229 8.00 3.88 -30.74
C LEU E 229 7.59 3.76 -29.27
N THR E 230 8.35 2.96 -28.52
CA THR E 230 8.11 2.82 -27.08
C THR E 230 8.30 4.16 -26.38
N LEU E 231 9.35 4.88 -26.78
CA LEU E 231 9.71 6.16 -26.17
C LEU E 231 8.82 7.29 -26.63
N TRP E 232 7.97 7.02 -27.62
CA TRP E 232 7.04 8.03 -28.14
C TRP E 232 5.64 7.84 -27.57
N THR E 233 5.15 6.60 -27.60
CA THR E 233 3.80 6.31 -27.13
C THR E 233 3.62 6.62 -25.65
N SER E 234 4.70 6.49 -24.88
CA SER E 234 4.67 6.77 -23.46
C SER E 234 4.51 8.26 -23.18
N ASP E 235 5.14 9.07 -24.02
CA ASP E 235 5.08 10.53 -23.87
C ASP E 235 3.68 11.08 -24.09
N GLN E 236 2.85 10.31 -24.79
CA GLN E 236 1.49 10.75 -25.10
C GLN E 236 0.50 10.32 -24.04
N GLN E 237 1.02 9.88 -22.90
CA GLN E 237 0.18 9.46 -21.78
C GLN E 237 0.27 10.43 -20.62
N ASP F 2 38.77 39.33 -20.92
CA ASP F 2 39.88 39.59 -20.02
C ASP F 2 40.30 38.33 -19.27
N ARG F 3 40.79 38.51 -18.05
CA ARG F 3 41.27 37.39 -17.25
C ARG F 3 40.14 36.41 -16.95
N GLU F 4 39.12 36.88 -16.24
CA GLU F 4 38.01 36.03 -15.84
C GLU F 4 37.16 35.57 -17.02
N GLN F 5 37.40 36.16 -18.18
CA GLN F 5 36.67 35.80 -19.39
C GLN F 5 37.22 34.53 -20.03
N LEU F 6 38.55 34.43 -20.06
CA LEU F 6 39.21 33.26 -20.64
C LEU F 6 39.03 32.03 -19.74
N VAL F 7 39.13 32.24 -18.44
CA VAL F 7 38.98 31.17 -17.47
C VAL F 7 37.59 30.55 -17.56
N GLN F 8 36.65 31.31 -18.10
CA GLN F 8 35.28 30.83 -18.27
C GLN F 8 35.12 30.01 -19.54
N LYS F 9 35.81 30.41 -20.61
CA LYS F 9 35.80 29.64 -21.86
C LYS F 9 36.38 28.26 -21.63
N ALA F 10 37.31 28.16 -20.69
CA ALA F 10 37.98 26.89 -20.39
C ALA F 10 37.02 25.89 -19.78
N ARG F 11 36.23 26.34 -18.82
CA ARG F 11 35.24 25.49 -18.17
C ARG F 11 34.15 25.06 -19.14
N LEU F 12 33.81 25.95 -20.07
CA LEU F 12 32.82 25.63 -21.09
C LEU F 12 33.34 24.57 -22.05
N ALA F 13 34.53 24.79 -22.59
CA ALA F 13 35.13 23.88 -23.56
C ALA F 13 35.38 22.50 -22.96
N GLU F 14 35.46 22.43 -21.64
CA GLU F 14 35.68 21.16 -20.95
C GLU F 14 34.42 20.29 -20.99
N GLN F 15 33.29 20.88 -20.61
CA GLN F 15 32.01 20.18 -20.58
C GLN F 15 31.56 19.80 -22.00
N ALA F 16 31.87 20.67 -22.95
CA ALA F 16 31.58 20.42 -24.36
C ALA F 16 32.61 19.44 -24.93
N GLU F 17 33.69 19.25 -24.18
CA GLU F 17 34.74 18.30 -24.56
C GLU F 17 35.48 18.75 -25.81
N ARG F 18 35.82 20.03 -25.86
CA ARG F 18 36.64 20.59 -26.93
C ARG F 18 37.98 21.03 -26.34
N TYR F 19 38.86 20.07 -26.08
CA TYR F 19 40.10 20.33 -25.34
C TYR F 19 41.09 21.21 -26.11
N ASP F 20 41.05 21.18 -27.44
CA ASP F 20 41.89 22.05 -28.25
C ASP F 20 41.61 23.51 -27.91
N ASP F 21 40.32 23.82 -27.72
CA ASP F 21 39.90 25.15 -27.31
C ASP F 21 40.18 25.37 -25.83
N MET F 22 39.93 24.35 -25.01
CA MET F 22 40.10 24.44 -23.57
C MET F 22 41.54 24.82 -23.19
N ALA F 23 42.51 24.24 -23.90
CA ALA F 23 43.91 24.52 -23.66
C ALA F 23 44.29 25.89 -24.22
N ALA F 24 43.75 26.21 -25.40
CA ALA F 24 44.04 27.46 -26.07
C ALA F 24 43.71 28.66 -25.19
N ALA F 25 42.59 28.58 -24.49
CA ALA F 25 42.15 29.66 -23.62
C ALA F 25 43.08 29.77 -22.41
N MET F 26 43.36 28.64 -21.78
CA MET F 26 44.22 28.61 -20.60
C MET F 26 45.66 29.03 -20.92
N LYS F 27 46.01 28.99 -22.20
CA LYS F 27 47.34 29.41 -22.63
C LYS F 27 47.52 30.92 -22.41
N ASN F 28 46.54 31.70 -22.87
CA ASN F 28 46.59 33.15 -22.75
C ASN F 28 46.50 33.61 -21.31
N VAL F 29 45.90 32.78 -20.47
CA VAL F 29 45.77 33.07 -19.05
C VAL F 29 47.14 33.14 -18.38
N THR F 30 48.01 32.19 -18.74
CA THR F 30 49.34 32.09 -18.14
C THR F 30 50.25 33.21 -18.61
N GLU F 31 50.06 33.64 -19.85
CA GLU F 31 50.90 34.67 -20.45
C GLU F 31 50.70 36.04 -19.79
N LEU F 32 49.70 36.12 -18.93
CA LEU F 32 49.47 37.34 -18.15
C LEU F 32 50.49 37.41 -17.02
N ASN F 33 51.25 36.34 -16.87
CA ASN F 33 52.37 36.26 -15.94
C ASN F 33 51.96 36.47 -14.48
N GLU F 34 51.05 35.64 -14.01
CA GLU F 34 50.64 35.65 -12.61
C GLU F 34 50.26 34.25 -12.15
N PRO F 35 50.54 33.94 -10.87
CA PRO F 35 50.27 32.63 -10.27
C PRO F 35 48.83 32.16 -10.49
N LEU F 36 48.64 30.85 -10.59
CA LEU F 36 47.31 30.27 -10.80
C LEU F 36 46.72 29.75 -9.49
N SER F 37 45.41 29.87 -9.34
CA SER F 37 44.74 29.42 -8.14
C SER F 37 44.73 27.89 -8.05
N ASN F 38 44.18 27.37 -6.96
CA ASN F 38 44.16 25.92 -6.72
C ASN F 38 43.36 25.18 -7.79
N GLU F 39 42.38 25.86 -8.38
CA GLU F 39 41.56 25.25 -9.43
C GLU F 39 42.16 25.50 -10.81
N GLU F 40 42.60 26.72 -11.04
CA GLU F 40 43.14 27.13 -12.34
C GLU F 40 44.32 26.27 -12.77
N ARG F 41 44.97 25.61 -11.81
CA ARG F 41 46.05 24.69 -12.13
C ARG F 41 45.51 23.49 -12.90
N ASN F 42 44.55 22.79 -12.30
CA ASN F 42 43.97 21.60 -12.91
C ASN F 42 43.33 21.89 -14.26
N LEU F 43 42.75 23.08 -14.39
CA LEU F 43 42.16 23.51 -15.66
C LEU F 43 43.22 23.53 -16.75
N LEU F 44 44.43 23.93 -16.40
CA LEU F 44 45.53 23.96 -17.36
C LEU F 44 46.13 22.57 -17.52
N SER F 45 46.09 21.79 -16.45
CA SER F 45 46.63 20.43 -16.47
C SER F 45 45.72 19.50 -17.25
N VAL F 46 44.48 19.37 -16.81
CA VAL F 46 43.50 18.51 -17.46
C VAL F 46 43.33 18.88 -18.93
N ALA F 47 43.40 20.17 -19.22
CA ALA F 47 43.33 20.64 -20.60
C ALA F 47 44.46 20.04 -21.44
N TYR F 48 45.69 20.39 -21.09
CA TYR F 48 46.85 19.92 -21.84
C TYR F 48 47.13 18.43 -21.63
N LYS F 49 46.51 17.85 -20.61
CA LYS F 49 46.62 16.41 -20.38
C LYS F 49 45.80 15.65 -21.42
N ASN F 50 44.79 16.31 -21.98
CA ASN F 50 43.91 15.69 -22.96
C ASN F 50 44.37 15.91 -24.40
N VAL F 51 44.87 17.09 -24.70
CA VAL F 51 45.37 17.40 -26.04
C VAL F 51 46.51 16.46 -26.39
N VAL F 52 47.38 16.19 -25.42
CA VAL F 52 48.51 15.31 -25.66
C VAL F 52 48.11 13.86 -25.39
N GLY F 53 47.03 13.69 -24.63
CA GLY F 53 46.50 12.36 -24.38
C GLY F 53 45.75 11.85 -25.58
N ALA F 54 45.20 12.77 -26.36
CA ALA F 54 44.50 12.42 -27.59
C ALA F 54 45.48 12.03 -28.69
N ARG F 55 46.70 12.56 -28.60
CA ARG F 55 47.75 12.24 -29.56
C ARG F 55 48.53 11.00 -29.12
N ARG F 56 48.71 10.84 -27.81
CA ARG F 56 49.37 9.68 -27.27
C ARG F 56 48.61 8.40 -27.61
N SER F 57 47.28 8.47 -27.52
CA SER F 57 46.44 7.34 -27.85
C SER F 57 46.43 7.13 -29.36
N SER F 58 46.36 8.22 -30.11
CA SER F 58 46.35 8.14 -31.57
C SER F 58 47.69 7.63 -32.08
N TRP F 59 48.75 7.90 -31.34
CA TRP F 59 50.09 7.51 -31.76
C TRP F 59 50.33 6.02 -31.53
N ARG F 60 49.83 5.51 -30.41
CA ARG F 60 50.03 4.11 -30.06
C ARG F 60 49.15 3.19 -30.92
N VAL F 61 48.14 3.77 -31.56
CA VAL F 61 47.28 3.00 -32.46
C VAL F 61 47.94 2.87 -33.83
N ILE F 62 48.42 3.99 -34.36
CA ILE F 62 49.11 3.99 -35.64
C ILE F 62 50.44 3.25 -35.56
N SER F 63 51.02 3.22 -34.37
CA SER F 63 52.31 2.56 -34.17
C SER F 63 52.17 1.04 -34.16
N SER F 64 50.99 0.56 -33.77
CA SER F 64 50.70 -0.86 -33.80
C SER F 64 50.45 -1.31 -35.24
N ILE F 65 50.11 -0.35 -36.09
CA ILE F 65 49.87 -0.61 -37.50
C ILE F 65 51.21 -0.57 -38.25
N GLU F 66 52.13 0.23 -37.74
CA GLU F 66 53.42 0.42 -38.38
C GLU F 66 54.32 -0.80 -38.19
N GLN F 67 53.92 -1.70 -37.31
CA GLN F 67 54.68 -2.92 -37.06
C GLN F 67 54.12 -4.10 -37.85
N LYS F 68 52.90 -3.95 -38.36
CA LYS F 68 52.24 -5.03 -39.08
C LYS F 68 52.44 -4.88 -40.59
N THR F 69 52.71 -3.66 -41.04
CA THR F 69 52.98 -3.41 -42.45
C THR F 69 54.41 -3.81 -42.80
N SER F 70 55.26 -3.92 -41.78
CA SER F 70 56.62 -4.39 -41.97
C SER F 70 56.63 -5.91 -42.11
N ALA F 71 55.68 -6.55 -41.44
CA ALA F 71 55.49 -7.99 -41.57
C ALA F 71 54.49 -8.28 -42.67
N ASP F 72 53.86 -7.22 -43.18
CA ASP F 72 52.90 -7.32 -44.25
C ASP F 72 53.55 -7.82 -45.54
N GLY F 73 54.70 -7.24 -45.87
CA GLY F 73 55.42 -7.62 -47.08
C GLY F 73 55.15 -6.64 -48.22
N ASN F 74 54.13 -5.81 -48.03
CA ASN F 74 53.77 -4.81 -49.03
C ASN F 74 54.18 -3.42 -48.56
N GLU F 75 55.08 -2.79 -49.30
CA GLU F 75 55.69 -1.52 -48.87
C GLU F 75 54.87 -0.30 -49.27
N LYS F 76 53.87 -0.50 -50.13
CA LYS F 76 52.98 0.60 -50.53
C LYS F 76 52.18 1.11 -49.33
N LYS F 77 52.13 0.31 -48.27
CA LYS F 77 51.42 0.68 -47.07
C LYS F 77 52.39 0.94 -45.91
N ILE F 78 53.62 1.31 -46.25
CA ILE F 78 54.63 1.63 -45.25
C ILE F 78 54.99 3.11 -45.29
N GLU F 79 55.27 3.61 -46.50
CA GLU F 79 55.72 4.98 -46.67
C GLU F 79 54.62 5.99 -46.31
N MET F 80 53.38 5.53 -46.29
CA MET F 80 52.24 6.39 -45.97
C MET F 80 51.89 6.36 -44.49
N VAL F 81 52.11 5.21 -43.86
CA VAL F 81 51.84 5.05 -42.43
C VAL F 81 52.93 5.75 -41.63
N ARG F 82 54.14 5.81 -42.18
CA ARG F 82 55.24 6.53 -41.57
C ARG F 82 54.97 8.04 -41.62
N ALA F 83 54.46 8.50 -42.75
CA ALA F 83 54.09 9.89 -42.92
C ALA F 83 52.93 10.24 -42.02
N TYR F 84 52.19 9.21 -41.59
CA TYR F 84 51.06 9.42 -40.70
C TYR F 84 51.51 9.39 -39.25
N ARG F 85 52.33 8.40 -38.91
CA ARG F 85 52.89 8.28 -37.56
C ARG F 85 53.69 9.53 -37.19
N GLU F 86 54.51 9.99 -38.13
CA GLU F 86 55.30 11.19 -37.90
C GLU F 86 54.41 12.42 -37.83
N LYS F 87 53.28 12.37 -38.54
CA LYS F 87 52.34 13.48 -38.56
C LYS F 87 51.74 13.73 -37.19
N ILE F 88 51.65 12.67 -36.38
CA ILE F 88 51.10 12.78 -35.02
C ILE F 88 52.21 13.17 -34.05
N GLU F 89 53.44 12.79 -34.38
CA GLU F 89 54.61 13.15 -33.58
C GLU F 89 54.90 14.63 -33.70
N LYS F 90 54.80 15.16 -34.91
CA LYS F 90 55.03 16.59 -35.14
C LYS F 90 53.92 17.43 -34.49
N GLU F 91 52.84 16.76 -34.08
CA GLU F 91 51.73 17.43 -33.40
C GLU F 91 51.87 17.27 -31.89
N LEU F 92 52.13 16.05 -31.44
CA LEU F 92 52.30 15.75 -30.03
C LEU F 92 53.41 16.62 -29.43
N GLU F 93 54.57 16.62 -30.07
CA GLU F 93 55.71 17.40 -29.59
C GLU F 93 55.47 18.90 -29.70
N ALA F 94 54.75 19.28 -30.76
CA ALA F 94 54.43 20.69 -30.99
C ALA F 94 53.61 21.26 -29.83
N VAL F 95 52.88 20.38 -29.15
CA VAL F 95 52.10 20.78 -27.98
C VAL F 95 52.98 20.76 -26.73
N CYS F 96 53.68 19.65 -26.51
CA CYS F 96 54.57 19.49 -25.37
C CYS F 96 55.59 20.62 -25.28
N GLN F 97 56.19 20.96 -26.43
CA GLN F 97 57.14 22.06 -26.50
C GLN F 97 56.44 23.38 -26.17
N ASP F 98 55.11 23.36 -26.28
CA ASP F 98 54.30 24.53 -25.96
C ASP F 98 53.91 24.55 -24.49
N VAL F 99 53.76 23.35 -23.91
CA VAL F 99 53.49 23.24 -22.48
C VAL F 99 54.73 23.58 -21.68
N LEU F 100 55.84 22.91 -22.01
CA LEU F 100 57.10 23.14 -21.32
C LEU F 100 57.56 24.58 -21.48
N SER F 101 57.18 25.18 -22.61
CA SER F 101 57.50 26.57 -22.89
C SER F 101 56.83 27.51 -21.89
N LEU F 102 55.61 27.15 -21.48
CA LEU F 102 54.86 27.98 -20.54
C LEU F 102 55.29 27.76 -19.10
N LEU F 103 55.80 26.57 -18.80
CA LEU F 103 56.23 26.23 -17.46
C LEU F 103 57.48 27.01 -17.04
N ASP F 104 58.51 26.96 -17.88
CA ASP F 104 59.77 27.61 -17.56
C ASP F 104 59.70 29.13 -17.67
N ASN F 105 58.88 29.61 -18.60
CA ASN F 105 58.90 31.02 -18.95
C ASN F 105 57.84 31.87 -18.25
N TYR F 106 56.86 31.22 -17.61
CA TYR F 106 55.75 31.98 -17.02
C TYR F 106 55.37 31.49 -15.62
N LEU F 107 55.16 30.19 -15.48
CA LEU F 107 54.61 29.64 -14.24
C LEU F 107 55.65 29.48 -13.13
N ILE F 108 56.61 28.59 -13.33
CA ILE F 108 57.61 28.27 -12.31
C ILE F 108 58.48 29.48 -11.99
N LYS F 109 58.54 30.43 -12.91
CA LYS F 109 59.36 31.63 -12.74
C LYS F 109 58.92 32.45 -11.53
N ASN F 110 57.72 32.17 -11.03
CA ASN F 110 57.18 32.89 -9.89
C ASN F 110 57.28 32.10 -8.59
N CYS F 111 57.27 30.78 -8.70
CA CYS F 111 57.30 29.90 -7.54
C CYS F 111 58.52 30.14 -6.66
N SER F 112 58.31 30.79 -5.52
CA SER F 112 59.38 31.07 -4.58
C SER F 112 59.65 29.86 -3.69
N GLU F 113 60.39 30.09 -2.60
CA GLU F 113 60.75 29.01 -1.68
C GLU F 113 59.54 28.56 -0.86
N THR F 114 58.83 29.54 -0.31
CA THR F 114 57.70 29.29 0.57
C THR F 114 56.63 28.39 -0.05
N GLN F 115 56.44 28.51 -1.36
CA GLN F 115 55.43 27.72 -2.06
C GLN F 115 55.99 26.35 -2.43
N TYR F 116 56.01 25.44 -1.46
CA TYR F 116 56.57 24.11 -1.66
C TYR F 116 55.62 23.22 -2.46
N GLU F 117 54.37 23.12 -2.01
CA GLU F 117 53.38 22.29 -2.69
C GLU F 117 53.07 22.83 -4.09
N SER F 118 53.48 24.08 -4.35
CA SER F 118 53.29 24.69 -5.65
C SER F 118 54.28 24.12 -6.67
N LYS F 119 55.54 24.03 -6.28
CA LYS F 119 56.60 23.54 -7.17
C LYS F 119 56.43 22.06 -7.50
N VAL F 120 56.00 21.28 -6.51
CA VAL F 120 55.83 19.84 -6.68
C VAL F 120 54.87 19.51 -7.84
N PHE F 121 53.93 20.42 -8.09
CA PHE F 121 52.99 20.23 -9.19
C PHE F 121 53.58 20.70 -10.52
N TYR F 122 54.08 21.93 -10.53
CA TYR F 122 54.65 22.49 -11.76
C TYR F 122 55.89 21.73 -12.20
N LEU F 123 56.58 21.11 -11.25
CA LEU F 123 57.77 20.33 -11.56
C LEU F 123 57.38 18.95 -12.09
N LYS F 124 56.27 18.42 -11.58
CA LYS F 124 55.81 17.10 -12.02
C LYS F 124 55.38 17.13 -13.48
N MET F 125 54.81 18.26 -13.89
CA MET F 125 54.38 18.42 -15.28
C MET F 125 55.60 18.54 -16.20
N LYS F 126 56.61 19.27 -15.75
CA LYS F 126 57.83 19.45 -16.52
C LYS F 126 58.43 18.11 -16.91
N GLY F 127 58.46 17.18 -15.95
CA GLY F 127 58.99 15.85 -16.21
C GLY F 127 57.98 14.98 -16.95
N ASP F 128 56.70 15.25 -16.72
CA ASP F 128 55.63 14.47 -17.35
C ASP F 128 55.54 14.74 -18.85
N TYR F 129 55.82 15.98 -19.26
CA TYR F 129 55.74 16.34 -20.67
C TYR F 129 57.06 16.09 -21.39
N TYR F 130 58.16 16.11 -20.64
CA TYR F 130 59.44 15.67 -21.17
C TYR F 130 59.45 14.15 -21.28
N ARG F 131 58.54 13.52 -20.52
CA ARG F 131 58.39 12.07 -20.55
C ARG F 131 57.53 11.65 -21.74
N TYR F 132 56.55 12.48 -22.09
CA TYR F 132 55.71 12.21 -23.25
C TYR F 132 56.52 12.37 -24.52
N LEU F 133 57.46 13.30 -24.50
CA LEU F 133 58.38 13.48 -25.63
C LEU F 133 59.26 12.25 -25.78
N ALA F 134 59.55 11.60 -24.66
CA ALA F 134 60.45 10.46 -24.63
C ALA F 134 59.83 9.21 -25.25
N GLU F 135 58.51 9.25 -25.49
CA GLU F 135 57.80 8.12 -26.05
C GLU F 135 57.96 8.01 -27.56
N VAL F 136 58.16 9.15 -28.21
CA VAL F 136 58.14 9.22 -29.68
C VAL F 136 59.51 9.50 -30.28
N ALA F 137 60.49 9.82 -29.44
CA ALA F 137 61.82 10.20 -29.92
C ALA F 137 62.85 9.08 -29.74
N THR F 138 63.90 9.14 -30.54
CA THR F 138 65.00 8.17 -30.46
C THR F 138 66.34 8.86 -30.69
N GLY F 139 67.41 8.07 -30.69
CA GLY F 139 68.74 8.59 -30.97
C GLY F 139 69.27 9.52 -29.90
N GLU F 140 69.96 10.57 -30.33
CA GLU F 140 70.57 11.53 -29.41
C GLU F 140 69.53 12.44 -28.76
N LYS F 141 68.37 12.57 -29.40
CA LYS F 141 67.34 13.48 -28.92
C LYS F 141 66.59 12.91 -27.73
N ARG F 142 66.59 11.59 -27.60
CA ARG F 142 65.91 10.94 -26.49
C ARG F 142 66.70 11.10 -25.19
N ALA F 143 68.00 10.79 -25.26
CA ALA F 143 68.87 10.93 -24.10
C ALA F 143 68.85 12.36 -23.57
N THR F 144 68.49 13.30 -24.44
CA THR F 144 68.37 14.70 -24.07
C THR F 144 67.14 14.93 -23.18
N VAL F 145 66.00 14.38 -23.60
CA VAL F 145 64.73 14.62 -22.92
C VAL F 145 64.51 13.71 -21.71
N VAL F 146 64.96 12.46 -21.80
CA VAL F 146 64.90 11.55 -20.66
C VAL F 146 65.74 12.16 -19.54
N GLU F 147 66.73 12.94 -19.92
CA GLU F 147 67.56 13.68 -18.98
C GLU F 147 66.75 14.78 -18.30
N SER F 148 66.05 15.57 -19.12
CA SER F 148 65.24 16.68 -18.64
C SER F 148 64.13 16.19 -17.71
N SER F 149 63.63 14.99 -17.98
CA SER F 149 62.58 14.41 -17.15
C SER F 149 63.12 14.01 -15.79
N GLU F 150 64.20 13.23 -15.79
CA GLU F 150 64.85 12.79 -14.56
C GLU F 150 65.32 13.96 -13.70
N LYS F 151 65.77 15.02 -14.35
CA LYS F 151 66.31 16.18 -13.63
C LYS F 151 65.20 17.03 -13.03
N ALA F 152 63.96 16.77 -13.44
CA ALA F 152 62.82 17.53 -12.93
C ALA F 152 62.06 16.74 -11.86
N TYR F 153 61.97 15.42 -12.05
CA TYR F 153 61.28 14.54 -11.11
C TYR F 153 61.97 14.53 -9.74
N SER F 154 63.26 14.27 -9.73
CA SER F 154 64.03 14.19 -8.49
C SER F 154 63.99 15.50 -7.73
N GLU F 155 63.98 16.61 -8.45
CA GLU F 155 63.93 17.94 -7.85
C GLU F 155 62.60 18.17 -7.14
N ALA F 156 61.60 17.36 -7.48
CA ALA F 156 60.28 17.49 -6.88
C ALA F 156 60.07 16.46 -5.77
N HIS F 157 60.88 15.40 -5.80
CA HIS F 157 60.77 14.35 -4.79
C HIS F 157 61.54 14.71 -3.53
N GLU F 158 62.64 15.43 -3.70
CA GLU F 158 63.46 15.87 -2.58
C GLU F 158 62.73 16.92 -1.75
N ILE F 159 61.91 17.72 -2.44
CA ILE F 159 61.13 18.77 -1.78
C ILE F 159 59.83 18.20 -1.23
N SER F 160 59.36 17.11 -1.84
CA SER F 160 58.11 16.48 -1.43
C SER F 160 58.30 15.57 -0.21
N LYS F 161 59.56 15.32 0.14
CA LYS F 161 59.87 14.47 1.29
C LYS F 161 60.13 15.29 2.54
N GLU F 162 60.11 16.62 2.41
CA GLU F 162 60.45 17.50 3.51
C GLU F 162 59.24 18.27 4.05
N HIS F 163 58.28 18.56 3.18
CA HIS F 163 57.16 19.41 3.55
C HIS F 163 55.80 18.72 3.44
N MET F 164 55.69 17.77 2.52
CA MET F 164 54.42 17.10 2.27
C MET F 164 54.24 15.84 3.10
N GLN F 165 52.99 15.48 3.33
CA GLN F 165 52.65 14.23 4.01
C GLN F 165 52.82 13.07 3.03
N PRO F 166 53.16 11.87 3.55
CA PRO F 166 53.28 10.68 2.71
C PRO F 166 51.96 10.25 2.11
N THR F 167 50.88 10.92 2.49
CA THR F 167 49.54 10.54 2.03
C THR F 167 48.97 11.59 1.08
N HIS F 168 49.72 12.66 0.85
CA HIS F 168 49.29 13.74 -0.03
C HIS F 168 49.12 13.23 -1.46
N PRO F 169 48.01 13.61 -2.10
CA PRO F 169 47.69 13.15 -3.47
C PRO F 169 48.63 13.70 -4.52
N ILE F 170 49.12 14.93 -4.33
CA ILE F 170 50.06 15.52 -5.26
C ILE F 170 51.39 14.79 -5.20
N ARG F 171 51.79 14.38 -4.00
CA ARG F 171 53.03 13.65 -3.81
C ARG F 171 52.93 12.24 -4.39
N LEU F 172 51.83 11.55 -4.10
CA LEU F 172 51.60 10.21 -4.62
C LEU F 172 51.47 10.23 -6.14
N GLY F 173 50.82 11.27 -6.66
CA GLY F 173 50.71 11.44 -8.10
C GLY F 173 52.09 11.54 -8.72
N LEU F 174 53.00 12.20 -8.00
CA LEU F 174 54.38 12.29 -8.43
C LEU F 174 55.07 10.93 -8.34
N ALA F 175 54.78 10.21 -7.26
CA ALA F 175 55.37 8.91 -7.02
C ALA F 175 55.03 7.93 -8.13
N LEU F 176 53.81 8.02 -8.63
CA LEU F 176 53.39 7.16 -9.73
C LEU F 176 54.09 7.56 -11.03
N ASN F 177 54.00 8.83 -11.37
CA ASN F 177 54.62 9.34 -12.59
C ASN F 177 56.14 9.18 -12.56
N TYR F 178 56.69 8.98 -11.37
CA TYR F 178 58.13 8.82 -11.20
C TYR F 178 58.53 7.36 -11.36
N SER F 179 57.75 6.46 -10.77
CA SER F 179 58.03 5.04 -10.86
C SER F 179 57.71 4.49 -12.24
N VAL F 180 56.77 5.13 -12.92
CA VAL F 180 56.42 4.77 -14.29
C VAL F 180 57.57 5.14 -15.22
N PHE F 181 58.22 6.26 -14.93
CA PHE F 181 59.36 6.74 -15.70
C PHE F 181 60.55 5.78 -15.59
N TYR F 182 60.62 5.06 -14.48
CA TYR F 182 61.72 4.14 -14.24
C TYR F 182 61.54 2.81 -14.95
N TYR F 183 60.31 2.30 -14.97
CA TYR F 183 60.03 1.00 -15.56
C TYR F 183 59.73 1.10 -17.06
N GLU F 184 59.04 2.15 -17.46
CA GLU F 184 58.66 2.32 -18.85
C GLU F 184 59.79 2.93 -19.68
N ILE F 185 60.18 4.15 -19.35
CA ILE F 185 61.17 4.88 -20.12
C ILE F 185 62.56 4.25 -20.00
N GLN F 186 63.18 4.41 -18.82
CA GLN F 186 64.58 4.03 -18.64
C GLN F 186 64.76 2.54 -18.35
N ASN F 187 63.66 1.80 -18.35
CA ASN F 187 63.71 0.35 -18.23
C ASN F 187 64.40 -0.15 -16.96
N ALA F 188 64.26 0.63 -15.89
CA ALA F 188 64.87 0.27 -14.61
C ALA F 188 63.80 -0.24 -13.63
N PRO F 189 63.63 -1.57 -13.57
CA PRO F 189 62.59 -2.21 -12.76
C PRO F 189 62.82 -2.09 -11.25
N GLU F 190 64.08 -2.21 -10.82
CA GLU F 190 64.42 -2.15 -9.40
C GLU F 190 63.99 -0.83 -8.76
N GLN F 191 64.52 0.28 -9.29
CA GLN F 191 64.22 1.60 -8.76
C GLN F 191 62.76 1.98 -8.98
N ALA F 192 62.09 1.27 -9.87
CA ALA F 192 60.68 1.51 -10.15
C ALA F 192 59.80 0.96 -9.05
N CYS F 193 59.96 -0.34 -8.75
CA CYS F 193 59.16 -1.01 -7.74
C CYS F 193 59.39 -0.42 -6.36
N HIS F 194 60.64 -0.08 -6.07
CA HIS F 194 61.00 0.44 -4.75
C HIS F 194 60.40 1.81 -4.51
N LEU F 195 60.63 2.74 -5.44
CA LEU F 195 60.12 4.10 -5.33
C LEU F 195 58.60 4.12 -5.22
N ALA F 196 57.95 3.15 -5.88
CA ALA F 196 56.51 3.05 -5.83
C ALA F 196 56.06 2.35 -4.54
N LYS F 197 56.88 1.42 -4.07
CA LYS F 197 56.57 0.67 -2.86
C LYS F 197 56.94 1.47 -1.62
N THR F 198 57.83 2.45 -1.80
CA THR F 198 58.19 3.36 -0.72
C THR F 198 57.01 4.27 -0.39
N ALA F 199 56.58 5.06 -1.37
CA ALA F 199 55.48 6.00 -1.19
C ALA F 199 54.22 5.26 -0.77
N PHE F 200 54.10 4.01 -1.19
CA PHE F 200 52.96 3.18 -0.82
C PHE F 200 52.95 2.92 0.68
N ASP F 201 54.04 2.33 1.17
CA ASP F 201 54.14 1.96 2.58
C ASP F 201 54.35 3.17 3.48
N ASP F 202 55.00 4.20 2.95
CA ASP F 202 55.23 5.43 3.70
C ASP F 202 53.90 6.07 4.11
N ALA F 203 52.85 5.72 3.39
CA ALA F 203 51.54 6.33 3.61
C ALA F 203 50.74 5.58 4.66
N ILE F 204 50.79 4.25 4.63
CA ILE F 204 49.99 3.44 5.53
C ILE F 204 50.43 3.62 6.99
N ALA F 205 51.70 3.98 7.18
CA ALA F 205 52.22 4.25 8.52
C ALA F 205 51.43 5.36 9.19
N GLU F 206 51.46 6.54 8.59
CA GLU F 206 50.66 7.66 9.07
C GLU F 206 49.54 7.95 8.08
N LEU F 207 48.66 6.97 7.89
CA LEU F 207 47.52 7.12 6.99
C LEU F 207 46.37 7.80 7.74
N ASP F 208 46.72 8.50 8.82
CA ASP F 208 45.77 9.23 9.64
C ASP F 208 45.57 10.65 9.12
N THR F 209 46.56 11.15 8.39
CA THR F 209 46.56 12.53 7.93
C THR F 209 45.62 12.77 6.76
N LEU F 210 44.80 11.76 6.44
CA LEU F 210 43.84 11.88 5.36
C LEU F 210 42.71 12.83 5.73
N ASN F 211 42.78 14.05 5.22
CA ASN F 211 41.74 15.04 5.45
C ASN F 211 40.49 14.76 4.63
N GLU F 212 39.39 15.41 4.96
CA GLU F 212 38.10 15.14 4.30
C GLU F 212 38.04 15.68 2.88
N ASP F 213 39.07 16.41 2.47
CA ASP F 213 39.10 17.02 1.14
C ASP F 213 39.74 16.10 0.10
N SER F 214 40.85 15.46 0.49
CA SER F 214 41.60 14.63 -0.45
C SER F 214 41.90 13.24 0.12
N TYR F 215 41.00 12.71 0.94
CA TYR F 215 41.16 11.37 1.49
C TYR F 215 40.85 10.34 0.42
N LYS F 216 39.92 10.67 -0.47
CA LYS F 216 39.55 9.80 -1.58
C LYS F 216 40.61 9.86 -2.68
N ASP F 217 41.10 11.07 -2.95
CA ASP F 217 42.11 11.27 -3.97
C ASP F 217 43.43 10.61 -3.61
N SER F 218 43.67 10.46 -2.31
CA SER F 218 44.89 9.84 -1.82
C SER F 218 44.92 8.35 -2.11
N THR F 219 43.89 7.64 -1.65
CA THR F 219 43.82 6.19 -1.79
C THR F 219 43.36 5.79 -3.19
N LEU F 220 43.31 6.75 -4.09
CA LEU F 220 42.92 6.49 -5.47
C LEU F 220 44.16 6.40 -6.35
N ILE F 221 45.21 7.10 -5.94
CA ILE F 221 46.48 7.06 -6.65
C ILE F 221 47.36 5.93 -6.08
N MET F 222 47.11 5.59 -4.82
CA MET F 222 47.85 4.51 -4.17
C MET F 222 47.52 3.17 -4.82
N GLN F 223 46.35 3.10 -5.45
CA GLN F 223 45.94 1.92 -6.20
C GLN F 223 46.80 1.78 -7.44
N LEU F 224 47.01 2.89 -8.12
CA LEU F 224 47.79 2.92 -9.35
C LEU F 224 49.21 2.42 -9.12
N LEU F 225 49.68 2.52 -7.89
CA LEU F 225 51.02 2.05 -7.53
C LEU F 225 51.04 0.52 -7.42
N ARG F 226 50.07 -0.03 -6.70
CA ARG F 226 49.97 -1.46 -6.49
C ARG F 226 49.72 -2.22 -7.78
N ASP F 227 49.01 -1.59 -8.71
CA ASP F 227 48.69 -2.21 -9.99
C ASP F 227 49.95 -2.46 -10.82
N ASN F 228 51.06 -1.88 -10.39
CA ASN F 228 52.34 -2.04 -11.09
C ASN F 228 53.21 -3.10 -10.44
N LEU F 229 53.18 -3.15 -9.11
CA LEU F 229 53.94 -4.16 -8.37
C LEU F 229 53.45 -5.57 -8.71
N THR F 230 52.15 -5.69 -8.94
CA THR F 230 51.56 -6.98 -9.26
C THR F 230 51.74 -7.32 -10.74
N LEU F 231 51.78 -6.28 -11.57
CA LEU F 231 51.86 -6.45 -13.02
C LEU F 231 53.29 -6.72 -13.49
N TRP F 232 54.28 -6.20 -12.76
CA TRP F 232 55.67 -6.32 -13.16
C TRP F 232 56.36 -7.54 -12.56
N THR F 233 55.56 -8.51 -12.11
CA THR F 233 56.10 -9.73 -11.54
C THR F 233 55.46 -10.97 -12.18
N THR G 5 -20.97 0.09 -13.35
CA THR G 5 -22.05 0.71 -12.59
C THR G 5 -22.17 2.19 -12.91
N THR G 6 -23.39 2.61 -13.21
CA THR G 6 -23.66 3.99 -13.53
C THR G 6 -24.85 4.44 -12.76
N VAL G 7 -24.68 5.53 -12.06
CA VAL G 7 -25.67 6.00 -11.12
C VAL G 7 -26.25 7.38 -11.47
N PRO G 8 -27.50 7.67 -11.02
CA PRO G 8 -28.10 9.00 -11.13
C PRO G 8 -28.02 9.79 -9.81
N VAL G 9 -28.50 11.03 -9.83
CA VAL G 9 -28.44 11.89 -8.65
C VAL G 9 -29.62 11.63 -7.71
N THR G 10 -29.40 11.79 -6.41
CA THR G 10 -30.45 11.56 -5.41
C THR G 10 -30.39 12.57 -4.26
N THR G 11 -31.36 12.51 -3.36
CA THR G 11 -31.42 13.44 -2.24
C THR G 11 -31.98 12.81 -0.96
N ALA G 12 -31.50 13.25 0.21
CA ALA G 12 -31.95 12.70 1.50
C ALA G 12 -31.93 13.74 2.64
N THR G 13 -32.72 14.78 2.46
CA THR G 13 -32.79 15.87 3.40
C THR G 13 -34.16 16.49 3.40
N THR G 14 -34.56 16.98 4.56
CA THR G 14 -35.80 17.69 4.72
C THR G 14 -35.51 19.08 5.16
N THR G 15 -36.43 19.98 4.83
CA THR G 15 -36.25 21.37 5.14
C THR G 15 -36.06 21.62 6.63
N THR G 16 -34.85 22.01 7.00
CA THR G 16 -34.61 22.36 8.38
C THR G 16 -35.29 23.69 8.66
N THR G 17 -34.64 24.78 8.27
CA THR G 17 -35.22 26.11 8.36
C THR G 17 -34.27 27.14 7.75
N VAL H 7 -3.18 23.53 9.91
CA VAL H 7 -2.31 22.37 9.74
C VAL H 7 -1.42 22.48 8.50
N PRO H 8 -0.10 22.46 8.72
CA PRO H 8 0.89 22.43 7.64
C PRO H 8 0.84 21.12 6.87
N VAL H 9 1.17 21.17 5.58
CA VAL H 9 1.11 20.00 4.71
C VAL H 9 2.14 18.95 5.13
N THR H 10 1.91 17.70 4.72
CA THR H 10 2.75 16.59 5.17
C THR H 10 2.77 15.44 4.16
N THR H 11 3.49 14.37 4.52
CA THR H 11 3.72 13.29 3.57
C THR H 11 3.92 11.92 4.22
N ALA H 12 3.44 10.89 3.54
CA ALA H 12 3.68 9.51 3.96
C ALA H 12 3.39 8.55 2.82
N THR H 13 4.42 8.24 2.03
CA THR H 13 4.26 7.33 0.90
C THR H 13 5.62 6.88 0.35
N VAL I 7 -35.22 -16.95 36.22
CA VAL I 7 -35.86 -17.34 34.99
C VAL I 7 -36.72 -18.62 35.13
N PRO I 8 -37.75 -18.78 34.25
CA PRO I 8 -38.52 -20.02 34.14
C PRO I 8 -38.09 -20.87 32.95
N VAL I 9 -38.70 -22.05 32.80
CA VAL I 9 -38.34 -22.97 31.73
C VAL I 9 -39.07 -22.62 30.42
N THR I 10 -38.41 -22.88 29.29
CA THR I 10 -39.00 -22.58 27.99
C THR I 10 -38.66 -23.65 26.94
N THR I 11 -39.23 -23.52 25.74
CA THR I 11 -39.00 -24.50 24.68
C THR I 11 -38.98 -23.88 23.28
#